data_9IZX
#
_entry.id   9IZX
#
_entity_poly.entity_id   1
_entity_poly.type   'polypeptide(L)'
_entity_poly.pdbx_seq_one_letter_code
;MSSSVPTVKLFIGGKFVESKSDKWIDIHNPATNEVIGRVPQATKAEMDAAIASCKRAFPAWADTSVLSRQQVLLRYQQLI
KENLKEIAKLITLEQGKTLADAEGDVFRGLQVVEHACSVTSLMMGETMPSITKDMDLYSYRLPLGVCAGIAPFNFPAMIP
LWMFPMAMVCGNTFLMKPSERVPGATMLLAKLLQDSGAPDGTLNIIHGQHEAVNFICDHPDIKAISFVGSNKAGEYIFER
GSRHGKRVQANMGAKNHGVVMPDANKENTLNQLVGAAFGAAGQRCMALSTAVLVGEAKKWLPELVEHAKNLRVNAGDQPG
ADLGPLITPQAKERVCNLIDSGTKEGASILLDGRKIKVKGYENGNFVGPTIISNVKPNMTCYKEEIFGPVLVVLETETLD
EAIQIVNNNPYGNRTAIFTTNGATARKYAHLVDVGQVGVNVPIPVPLPMFSFTGSRSSFRGDTNFYGKQGIQFYTQLKTI
TSQWKEEDATLSSPAVVMPTMGRENLYFQ
;
_entity_poly.pdbx_strand_id   A,B,C,D
#
# COMPACT_ATOMS: atom_id res chain seq x y z
N SER A 3 53.36 24.36 -8.12
CA SER A 3 53.04 23.30 -9.12
C SER A 3 51.90 22.42 -8.63
N SER A 4 52.06 21.89 -7.41
CA SER A 4 51.06 21.00 -6.81
C SER A 4 50.06 21.84 -6.03
N VAL A 5 49.05 22.32 -6.75
CA VAL A 5 47.97 23.07 -6.10
C VAL A 5 47.28 22.17 -5.09
N PRO A 6 46.80 22.67 -3.96
CA PRO A 6 46.13 21.80 -2.99
C PRO A 6 45.10 20.90 -3.65
N THR A 7 45.31 19.58 -3.54
CA THR A 7 44.46 18.62 -4.21
C THR A 7 43.16 18.40 -3.45
N VAL A 8 42.26 17.62 -4.07
CA VAL A 8 40.97 17.27 -3.48
C VAL A 8 41.02 15.80 -3.09
N LYS A 9 40.32 15.47 -2.02
CA LYS A 9 40.35 14.11 -1.50
C LYS A 9 39.42 13.19 -2.29
N LEU A 10 39.76 11.91 -2.29
CA LEU A 10 38.90 10.86 -2.82
C LEU A 10 38.19 10.15 -1.67
N PHE A 11 37.35 9.19 -2.01
CA PHE A 11 36.61 8.39 -1.02
C PHE A 11 36.63 6.93 -1.48
N ILE A 12 37.62 6.20 -1.01
CA ILE A 12 37.80 4.78 -1.34
C ILE A 12 37.72 3.97 -0.07
N GLY A 13 36.99 2.85 -0.13
CA GLY A 13 36.84 2.00 1.04
C GLY A 13 36.20 2.66 2.22
N GLY A 14 35.35 3.66 2.00
CA GLY A 14 34.71 4.36 3.10
C GLY A 14 35.66 5.19 3.93
N LYS A 15 36.74 5.69 3.33
CA LYS A 15 37.72 6.50 4.03
C LYS A 15 38.44 7.39 3.02
N PHE A 16 38.70 8.64 3.41
CA PHE A 16 39.31 9.59 2.50
C PHE A 16 40.78 9.26 2.31
N VAL A 17 41.18 9.05 1.06
CA VAL A 17 42.55 8.69 0.72
C VAL A 17 42.91 9.37 -0.60
N GLU A 18 44.20 9.47 -0.87
CA GLU A 18 44.69 10.10 -2.08
C GLU A 18 44.89 9.07 -3.19
N SER A 19 44.88 9.56 -4.42
CA SER A 19 45.09 8.71 -5.58
C SER A 19 46.54 8.75 -6.03
N LYS A 20 47.05 7.61 -6.49
CA LYS A 20 48.43 7.50 -6.95
C LYS A 20 48.58 7.90 -8.42
N SER A 21 47.54 8.44 -9.04
CA SER A 21 47.62 8.82 -10.44
C SER A 21 48.61 9.96 -10.64
N ASP A 22 49.20 10.02 -11.83
CA ASP A 22 50.10 11.09 -12.22
C ASP A 22 49.42 12.12 -13.13
N LYS A 23 48.17 11.88 -13.52
CA LYS A 23 47.41 12.80 -14.35
C LYS A 23 46.47 13.59 -13.45
N TRP A 24 46.50 14.92 -13.59
CA TRP A 24 45.73 15.81 -12.74
C TRP A 24 44.96 16.81 -13.60
N ILE A 25 43.80 17.22 -13.11
CA ILE A 25 42.96 18.21 -13.78
C ILE A 25 42.84 19.42 -12.85
N ASP A 26 43.09 20.60 -13.40
CA ASP A 26 43.07 21.81 -12.60
C ASP A 26 41.63 22.23 -12.28
N ILE A 27 41.44 22.75 -11.08
CA ILE A 27 40.15 23.27 -10.64
C ILE A 27 40.23 24.79 -10.63
N HIS A 28 39.53 25.42 -11.56
CA HIS A 28 39.61 26.86 -11.75
C HIS A 28 38.40 27.55 -11.13
N ASN A 29 38.66 28.66 -10.45
CA ASN A 29 37.57 29.49 -9.95
C ASN A 29 37.02 30.34 -11.09
N PRO A 30 35.75 30.17 -11.47
CA PRO A 30 35.26 30.88 -12.66
C PRO A 30 35.20 32.39 -12.51
N ALA A 31 35.20 32.91 -11.28
CA ALA A 31 35.17 34.35 -11.09
C ALA A 31 36.52 35.00 -11.36
N THR A 32 37.61 34.24 -11.22
CA THR A 32 38.95 34.75 -11.49
C THR A 32 39.83 33.80 -12.29
N ASN A 33 39.33 32.62 -12.67
CA ASN A 33 40.13 31.64 -13.41
C ASN A 33 41.36 31.22 -12.61
N GLU A 34 41.32 31.40 -11.30
CA GLU A 34 42.43 31.01 -10.44
C GLU A 34 42.34 29.52 -10.13
N VAL A 35 43.48 28.83 -10.21
CA VAL A 35 43.52 27.40 -9.94
C VAL A 35 43.43 27.19 -8.43
N ILE A 36 42.23 26.87 -7.94
CA ILE A 36 42.02 26.67 -6.51
C ILE A 36 42.30 25.24 -6.06
N GLY A 37 42.47 24.31 -6.99
CA GLY A 37 42.73 22.93 -6.62
C GLY A 37 43.01 22.08 -7.84
N ARG A 38 43.30 20.81 -7.58
CA ARG A 38 43.58 19.85 -8.63
C ARG A 38 42.98 18.50 -8.23
N VAL A 39 42.44 17.81 -9.22
CA VAL A 39 41.77 16.52 -9.00
C VAL A 39 42.42 15.45 -9.87
N PRO A 40 42.93 14.36 -9.30
CA PRO A 40 43.54 13.32 -10.12
C PRO A 40 42.52 12.28 -10.57
N GLN A 41 42.67 11.83 -11.81
CA GLN A 41 41.81 10.77 -12.32
C GLN A 41 42.18 9.45 -11.66
N ALA A 42 41.17 8.77 -11.09
CA ALA A 42 41.42 7.54 -10.36
C ALA A 42 42.01 6.48 -11.28
N THR A 43 43.05 5.81 -10.80
CA THR A 43 43.70 4.75 -11.56
C THR A 43 42.89 3.46 -11.47
N LYS A 44 43.32 2.47 -12.24
CA LYS A 44 42.66 1.16 -12.20
C LYS A 44 42.65 0.60 -10.78
N ALA A 45 43.73 0.85 -10.02
CA ALA A 45 43.82 0.31 -8.67
C ALA A 45 42.76 0.92 -7.75
N GLU A 46 42.63 2.25 -7.78
CA GLU A 46 41.64 2.90 -6.93
C GLU A 46 40.22 2.48 -7.29
N MET A 47 39.93 2.36 -8.59
CA MET A 47 38.59 1.94 -9.00
C MET A 47 38.32 0.49 -8.58
N ASP A 48 39.31 -0.39 -8.74
CA ASP A 48 39.13 -1.77 -8.29
C ASP A 48 38.90 -1.83 -6.80
N ALA A 49 39.64 -1.04 -6.03
CA ALA A 49 39.46 -1.03 -4.58
C ALA A 49 38.08 -0.52 -4.20
N ALA A 50 37.61 0.53 -4.90
CA ALA A 50 36.27 1.05 -4.63
C ALA A 50 35.20 0.01 -4.94
N ILE A 51 35.35 -0.69 -6.07
CA ILE A 51 34.39 -1.73 -6.43
C ILE A 51 34.39 -2.85 -5.40
N ALA A 52 35.59 -3.24 -4.94
CA ALA A 52 35.68 -4.30 -3.95
C ALA A 52 35.02 -3.88 -2.64
N SER A 53 35.25 -2.63 -2.21
CA SER A 53 34.62 -2.15 -0.99
C SER A 53 33.11 -2.09 -1.13
N CYS A 54 32.60 -1.63 -2.28
CA CYS A 54 31.17 -1.61 -2.50
C CYS A 54 30.57 -3.01 -2.46
N LYS A 55 31.26 -3.97 -3.07
CA LYS A 55 30.78 -5.36 -3.04
C LYS A 55 30.78 -5.90 -1.62
N ARG A 56 31.82 -5.61 -0.85
CA ARG A 56 31.90 -6.08 0.54
C ARG A 56 30.80 -5.45 1.38
N ALA A 57 30.47 -4.20 1.12
CA ALA A 57 29.45 -3.52 1.91
C ALA A 57 28.03 -3.90 1.47
N PHE A 58 27.86 -4.34 0.23
CA PHE A 58 26.53 -4.69 -0.26
C PHE A 58 25.79 -5.69 0.62
N PRO A 59 26.37 -6.83 0.99
CA PRO A 59 25.61 -7.78 1.82
C PRO A 59 25.20 -7.20 3.17
N ALA A 60 26.12 -6.54 3.87
CA ALA A 60 25.78 -5.96 5.17
C ALA A 60 24.77 -4.84 5.01
N TRP A 61 24.95 -3.98 4.01
CA TRP A 61 24.02 -2.87 3.81
C TRP A 61 22.64 -3.36 3.40
N ALA A 62 22.56 -4.53 2.75
CA ALA A 62 21.26 -5.10 2.41
C ALA A 62 20.61 -5.75 3.63
N ASP A 63 21.38 -6.50 4.41
CA ASP A 63 20.86 -7.05 5.66
C ASP A 63 20.45 -5.94 6.62
N THR A 64 21.05 -4.76 6.48
CA THR A 64 20.68 -3.61 7.30
C THR A 64 19.22 -3.24 7.07
N SER A 65 18.42 -3.28 8.14
CA SER A 65 16.99 -3.01 8.01
C SER A 65 16.77 -1.64 7.38
N VAL A 66 15.67 -1.53 6.63
CA VAL A 66 15.34 -0.26 5.96
C VAL A 66 15.18 0.85 6.99
N LEU A 67 14.71 0.51 8.19
CA LEU A 67 14.53 1.53 9.22
C LEU A 67 15.85 2.16 9.61
N SER A 68 16.90 1.35 9.78
CA SER A 68 18.20 1.90 10.13
C SER A 68 18.77 2.73 8.99
N ARG A 69 18.57 2.30 7.75
CA ARG A 69 19.03 3.10 6.62
C ARG A 69 18.33 4.46 6.58
N GLN A 70 17.03 4.47 6.87
CA GLN A 70 16.30 5.74 6.88
C GLN A 70 16.71 6.60 8.06
N GLN A 71 17.08 5.98 9.18
CA GLN A 71 17.62 6.76 10.30
C GLN A 71 18.95 7.41 9.91
N VAL A 72 19.79 6.67 9.19
CA VAL A 72 21.05 7.24 8.70
C VAL A 72 20.77 8.40 7.75
N LEU A 73 19.78 8.22 6.87
CA LEU A 73 19.41 9.29 5.94
C LEU A 73 18.89 10.51 6.69
N LEU A 74 18.17 10.29 7.79
CA LEU A 74 17.67 11.40 8.60
C LEU A 74 18.82 12.15 9.28
N ARG A 75 19.79 11.40 9.81
CA ARG A 75 20.97 12.05 10.39
C ARG A 75 21.72 12.84 9.32
N TYR A 76 21.79 12.31 8.10
CA TYR A 76 22.44 13.02 7.00
C TYR A 76 21.67 14.30 6.67
N GLN A 77 20.35 14.23 6.62
CA GLN A 77 19.53 15.43 6.42
C GLN A 77 19.81 16.46 7.49
N GLN A 78 19.89 16.03 8.76
CA GLN A 78 20.16 16.95 9.85
C GLN A 78 21.53 17.61 9.68
N LEU A 79 22.55 16.81 9.39
CA LEU A 79 23.90 17.37 9.21
C LEU A 79 23.93 18.36 8.05
N ILE A 80 23.19 18.07 6.98
CA ILE A 80 23.08 19.03 5.88
C ILE A 80 22.46 20.32 6.37
N LYS A 81 21.34 20.22 7.12
CA LYS A 81 20.69 21.41 7.64
C LYS A 81 21.62 22.22 8.51
N GLU A 82 22.52 21.57 9.24
CA GLU A 82 23.47 22.29 10.10
C GLU A 82 24.59 22.91 9.28
N ASN A 83 25.19 22.12 8.39
CA ASN A 83 26.31 22.57 7.57
C ASN A 83 25.87 23.17 6.23
N LEU A 84 24.65 23.70 6.16
CA LEU A 84 24.15 24.29 4.93
C LEU A 84 25.08 25.39 4.43
N LYS A 85 25.55 26.24 5.34
CA LYS A 85 26.36 27.39 4.92
C LYS A 85 27.69 26.93 4.34
N GLU A 86 28.30 25.89 4.91
CA GLU A 86 29.56 25.39 4.37
C GLU A 86 29.38 24.86 2.96
N ILE A 87 28.31 24.10 2.74
CA ILE A 87 28.04 23.56 1.41
C ILE A 87 27.79 24.70 0.42
N ALA A 88 27.05 25.72 0.85
CA ALA A 88 26.77 26.85 -0.02
C ALA A 88 28.05 27.58 -0.39
N LYS A 89 28.93 27.78 0.58
CA LYS A 89 30.22 28.43 0.30
C LYS A 89 31.03 27.60 -0.68
N LEU A 90 31.12 26.29 -0.45
CA LEU A 90 31.88 25.43 -1.34
C LEU A 90 31.33 25.50 -2.76
N ILE A 91 30.00 25.45 -2.90
CA ILE A 91 29.39 25.51 -4.23
C ILE A 91 29.70 26.85 -4.90
N THR A 92 29.49 27.95 -4.17
CA THR A 92 29.75 29.26 -4.75
C THR A 92 31.21 29.41 -5.17
N LEU A 93 32.13 28.79 -4.42
CA LEU A 93 33.54 28.91 -4.73
C LEU A 93 33.91 28.06 -5.95
N GLU A 94 33.40 26.83 -6.02
CA GLU A 94 33.82 25.90 -7.06
C GLU A 94 33.03 26.12 -8.35
N GLN A 95 31.71 25.98 -8.30
CA GLN A 95 30.88 26.06 -9.49
C GLN A 95 30.72 27.50 -10.00
N GLY A 96 30.76 28.49 -9.11
CA GLY A 96 30.65 29.88 -9.51
C GLY A 96 29.26 30.48 -9.37
N LYS A 97 28.22 29.67 -9.22
CA LYS A 97 26.88 30.20 -9.08
C LYS A 97 26.77 31.05 -7.82
N THR A 98 25.79 31.94 -7.80
CA THR A 98 25.59 32.83 -6.68
C THR A 98 25.26 32.02 -5.41
N LEU A 99 25.42 32.68 -4.27
CA LEU A 99 25.15 32.01 -2.99
C LEU A 99 23.68 31.58 -2.90
N ALA A 100 22.77 32.37 -3.48
CA ALA A 100 21.36 32.01 -3.46
C ALA A 100 21.11 30.74 -4.26
N ASP A 101 21.79 30.61 -5.41
CA ASP A 101 21.63 29.41 -6.22
C ASP A 101 22.16 28.17 -5.48
N ALA A 102 23.28 28.32 -4.78
CA ALA A 102 23.81 27.21 -3.99
C ALA A 102 22.85 26.84 -2.87
N GLU A 103 22.27 27.85 -2.21
CA GLU A 103 21.28 27.58 -1.17
C GLU A 103 20.09 26.81 -1.74
N GLY A 104 19.60 27.23 -2.92
CA GLY A 104 18.48 26.53 -3.53
C GLY A 104 18.84 25.11 -3.91
N ASP A 105 20.06 24.90 -4.40
CA ASP A 105 20.52 23.55 -4.72
C ASP A 105 20.52 22.67 -3.48
N VAL A 106 21.08 23.19 -2.39
CA VAL A 106 21.13 22.42 -1.15
C VAL A 106 19.72 22.14 -0.64
N PHE A 107 18.81 23.10 -0.81
CA PHE A 107 17.43 22.90 -0.36
C PHE A 107 16.73 21.82 -1.18
N ARG A 108 16.94 21.82 -2.50
CA ARG A 108 16.36 20.78 -3.33
C ARG A 108 16.93 19.42 -2.98
N GLY A 109 18.24 19.35 -2.73
CA GLY A 109 18.84 18.10 -2.30
C GLY A 109 18.28 17.62 -0.97
N LEU A 110 18.04 18.55 -0.04
CA LEU A 110 17.45 18.18 1.24
C LEU A 110 16.04 17.66 1.07
N GLN A 111 15.25 18.30 0.19
CA GLN A 111 13.91 17.80 -0.10
C GLN A 111 13.96 16.41 -0.70
N VAL A 112 14.91 16.16 -1.59
CA VAL A 112 15.04 14.83 -2.20
C VAL A 112 15.41 13.80 -1.14
N VAL A 113 16.29 14.16 -0.22
CA VAL A 113 16.64 13.26 0.88
C VAL A 113 15.39 12.97 1.72
N GLU A 114 14.63 14.00 2.05
CA GLU A 114 13.40 13.80 2.81
C GLU A 114 12.45 12.85 2.10
N HIS A 115 12.30 13.02 0.78
CA HIS A 115 11.47 12.09 0.01
C HIS A 115 12.01 10.67 0.12
N ALA A 116 13.32 10.50 -0.05
CA ALA A 116 13.92 9.18 0.06
C ALA A 116 13.67 8.56 1.43
N CYS A 117 13.54 9.39 2.46
CA CYS A 117 13.27 8.86 3.81
C CYS A 117 11.89 8.24 3.91
N SER A 118 10.99 8.52 2.97
CA SER A 118 9.62 8.03 3.04
C SER A 118 9.37 6.84 2.10
N VAL A 119 10.40 6.06 1.78
CA VAL A 119 10.26 4.93 0.87
C VAL A 119 9.84 3.68 1.63
N THR A 120 9.46 3.84 2.90
CA THR A 120 9.10 2.70 3.73
C THR A 120 8.11 1.78 3.01
N SER A 121 6.94 2.33 2.64
CA SER A 121 5.92 1.51 2.01
C SER A 121 6.32 1.02 0.63
N LEU A 122 7.35 1.62 0.02
CA LEU A 122 7.77 1.24 -1.32
C LEU A 122 8.65 0.00 -1.34
N MET A 123 9.52 -0.18 -0.33
CA MET A 123 10.36 -1.36 -0.28
C MET A 123 9.55 -2.61 0.05
N MET A 124 8.49 -2.47 0.86
CA MET A 124 7.67 -3.61 1.21
C MET A 124 6.91 -4.12 -0.01
N GLY A 125 6.71 -5.43 -0.06
CA GLY A 125 6.05 -6.07 -1.18
C GLY A 125 4.59 -6.39 -0.89
N GLU A 126 3.89 -6.80 -1.95
CA GLU A 126 2.48 -7.17 -1.85
C GLU A 126 2.33 -8.68 -1.79
N THR A 127 1.20 -9.12 -1.24
CA THR A 127 0.88 -10.54 -1.14
C THR A 127 -0.63 -10.72 -1.27
N MET A 128 -1.02 -11.87 -1.80
CA MET A 128 -2.42 -12.22 -1.95
C MET A 128 -2.60 -13.70 -1.66
N PRO A 129 -3.01 -14.07 -0.46
CA PRO A 129 -3.10 -15.49 -0.12
C PRO A 129 -4.33 -16.15 -0.72
N SER A 130 -4.12 -17.37 -1.21
CA SER A 130 -5.19 -18.23 -1.71
C SER A 130 -5.98 -17.53 -2.81
N ILE A 131 -5.26 -17.14 -3.87
CA ILE A 131 -5.95 -16.70 -5.08
C ILE A 131 -6.80 -17.83 -5.64
N THR A 132 -6.35 -19.07 -5.46
CA THR A 132 -7.15 -20.25 -5.74
C THR A 132 -6.97 -21.21 -4.57
N LYS A 133 -7.50 -22.43 -4.72
CA LYS A 133 -7.34 -23.43 -3.67
C LYS A 133 -5.86 -23.72 -3.44
N ASP A 134 -5.36 -23.31 -2.28
CA ASP A 134 -3.96 -23.52 -1.89
C ASP A 134 -3.02 -22.92 -2.93
N MET A 135 -3.10 -21.59 -3.07
CA MET A 135 -2.27 -20.84 -4.02
C MET A 135 -1.98 -19.47 -3.41
N ASP A 136 -0.79 -19.32 -2.83
CA ASP A 136 -0.35 -18.07 -2.23
C ASP A 136 0.67 -17.40 -3.13
N LEU A 137 0.49 -16.10 -3.36
CA LEU A 137 1.37 -15.31 -4.22
C LEU A 137 2.13 -14.32 -3.35
N TYR A 138 3.43 -14.18 -3.60
CA TYR A 138 4.29 -13.28 -2.87
C TYR A 138 5.02 -12.36 -3.83
N SER A 139 5.40 -11.18 -3.34
CA SER A 139 6.15 -10.19 -4.11
C SER A 139 7.29 -9.67 -3.27
N TYR A 140 8.50 -9.73 -3.80
CA TYR A 140 9.70 -9.28 -3.11
C TYR A 140 10.47 -8.30 -3.98
N ARG A 141 11.02 -7.26 -3.35
CA ARG A 141 11.88 -6.30 -4.02
C ARG A 141 13.27 -6.39 -3.40
N LEU A 142 14.24 -6.87 -4.18
CA LEU A 142 15.58 -7.12 -3.68
C LEU A 142 16.59 -6.12 -4.25
N PRO A 143 17.59 -5.72 -3.48
CA PRO A 143 18.62 -4.82 -4.02
C PRO A 143 19.33 -5.46 -5.21
N LEU A 144 19.89 -4.61 -6.08
CA LEU A 144 20.60 -5.09 -7.25
C LEU A 144 22.06 -5.39 -6.93
N GLY A 145 22.78 -4.41 -6.42
CA GLY A 145 24.19 -4.56 -6.12
C GLY A 145 24.88 -3.20 -6.11
N VAL A 146 26.07 -3.16 -6.67
CA VAL A 146 26.85 -1.92 -6.72
C VAL A 146 26.32 -1.06 -7.86
N CYS A 147 26.07 0.22 -7.56
CA CYS A 147 25.56 1.18 -8.53
C CYS A 147 26.58 2.30 -8.73
N ALA A 148 26.55 2.91 -9.91
CA ALA A 148 27.46 3.98 -10.26
C ALA A 148 26.67 5.21 -10.68
N GLY A 149 27.25 6.38 -10.44
CA GLY A 149 26.62 7.63 -10.79
C GLY A 149 27.59 8.66 -11.34
N ILE A 150 27.19 9.33 -12.42
CA ILE A 150 28.02 10.36 -13.06
C ILE A 150 27.23 11.66 -13.04
N ALA A 151 27.76 12.66 -12.30
CA ALA A 151 27.08 13.95 -12.20
C ALA A 151 27.68 14.97 -13.16
N PRO A 152 26.89 15.93 -13.60
CA PRO A 152 27.39 16.97 -14.51
C PRO A 152 28.13 18.07 -13.75
N PHE A 153 28.63 19.03 -14.52
CA PHE A 153 29.36 20.16 -13.94
C PHE A 153 28.42 21.22 -13.36
N ASN A 154 27.10 21.07 -13.52
CA ASN A 154 26.19 22.10 -13.06
C ASN A 154 25.84 21.94 -11.59
N PHE A 155 25.59 20.71 -11.14
CA PHE A 155 25.08 20.45 -9.79
C PHE A 155 26.04 19.53 -9.05
N PRO A 156 27.04 20.09 -8.36
CA PRO A 156 27.89 19.26 -7.48
C PRO A 156 27.19 18.80 -6.21
N ALA A 157 25.95 19.24 -5.97
CA ALA A 157 25.22 18.88 -4.77
C ALA A 157 23.88 18.22 -5.09
N MET A 158 23.13 18.77 -6.06
CA MET A 158 21.78 18.28 -6.32
C MET A 158 21.80 16.86 -6.88
N ILE A 159 22.66 16.60 -7.85
CA ILE A 159 22.69 15.29 -8.52
C ILE A 159 23.29 14.25 -7.59
N PRO A 160 24.37 14.55 -6.87
CA PRO A 160 24.83 13.60 -5.84
C PRO A 160 23.77 13.30 -4.80
N LEU A 161 22.99 14.31 -4.40
CA LEU A 161 21.92 14.11 -3.44
C LEU A 161 20.67 13.47 -4.04
N TRP A 162 20.60 13.37 -5.38
CA TRP A 162 19.60 12.52 -6.01
C TRP A 162 20.08 11.07 -6.03
N MET A 163 21.37 10.87 -6.26
CA MET A 163 21.90 9.52 -6.45
C MET A 163 22.11 8.79 -5.12
N PHE A 164 22.53 9.50 -4.07
CA PHE A 164 22.86 8.81 -2.81
C PHE A 164 21.62 8.30 -2.10
N PRO A 165 20.59 9.12 -1.84
CA PRO A 165 19.51 8.65 -0.96
C PRO A 165 18.79 7.42 -1.49
N MET A 166 18.34 7.45 -2.74
CA MET A 166 17.59 6.32 -3.29
C MET A 166 18.44 5.06 -3.33
N ALA A 167 19.65 5.16 -3.91
CA ALA A 167 20.50 3.98 -4.03
C ALA A 167 20.84 3.40 -2.67
N MET A 168 21.02 4.25 -1.67
CA MET A 168 21.41 3.76 -0.34
C MET A 168 20.22 3.16 0.39
N VAL A 169 19.05 3.80 0.32
CA VAL A 169 17.89 3.29 1.05
C VAL A 169 17.35 2.03 0.39
N CYS A 170 17.58 1.86 -0.92
CA CYS A 170 17.17 0.64 -1.61
C CYS A 170 18.08 -0.54 -1.32
N GLY A 171 19.06 -0.38 -0.42
CA GLY A 171 19.96 -1.46 -0.08
C GLY A 171 21.19 -1.57 -0.95
N ASN A 172 21.36 -0.69 -1.94
CA ASN A 172 22.49 -0.76 -2.84
C ASN A 172 23.64 0.09 -2.33
N THR A 173 24.86 -0.32 -2.68
CA THR A 173 26.06 0.45 -2.43
C THR A 173 26.43 1.22 -3.69
N PHE A 174 26.84 2.47 -3.53
CA PHE A 174 27.03 3.38 -4.65
C PHE A 174 28.50 3.72 -4.83
N LEU A 175 28.92 3.84 -6.09
CA LEU A 175 30.25 4.30 -6.47
C LEU A 175 30.06 5.56 -7.29
N MET A 176 30.20 6.71 -6.64
CA MET A 176 29.86 7.98 -7.25
C MET A 176 31.04 8.55 -8.04
N LYS A 177 30.73 9.26 -9.12
CA LYS A 177 31.70 10.02 -9.88
C LYS A 177 31.28 11.48 -9.92
N PRO A 178 31.88 12.36 -9.10
CA PRO A 178 31.52 13.78 -9.17
C PRO A 178 32.13 14.46 -10.39
N SER A 179 31.82 15.73 -10.58
CA SER A 179 32.41 16.52 -11.66
C SER A 179 33.79 16.99 -11.25
N GLU A 180 34.78 16.77 -12.13
CA GLU A 180 36.15 17.13 -11.81
C GLU A 180 36.29 18.62 -11.57
N ARG A 181 35.39 19.44 -12.11
CA ARG A 181 35.48 20.88 -11.95
C ARG A 181 34.86 21.36 -10.65
N VAL A 182 34.08 20.53 -9.97
CA VAL A 182 33.43 20.91 -8.73
C VAL A 182 33.32 19.70 -7.79
N PRO A 183 34.44 19.08 -7.39
CA PRO A 183 34.34 17.88 -6.55
C PRO A 183 34.26 18.17 -5.06
N GLY A 184 34.81 19.29 -4.59
CA GLY A 184 34.92 19.51 -3.15
C GLY A 184 33.60 19.43 -2.43
N ALA A 185 32.55 20.03 -3.02
CA ALA A 185 31.24 19.98 -2.39
C ALA A 185 30.78 18.55 -2.17
N THR A 186 31.00 17.68 -3.17
CA THR A 186 30.61 16.29 -3.02
C THR A 186 31.42 15.60 -1.93
N MET A 187 32.71 15.95 -1.80
CA MET A 187 33.51 15.37 -0.73
C MET A 187 33.01 15.79 0.64
N LEU A 188 32.62 17.06 0.79
CA LEU A 188 32.07 17.51 2.06
C LEU A 188 30.73 16.83 2.35
N LEU A 189 29.90 16.65 1.32
CA LEU A 189 28.64 15.95 1.49
C LEU A 189 28.87 14.52 1.94
N ALA A 190 29.88 13.85 1.35
CA ALA A 190 30.19 12.49 1.75
C ALA A 190 30.74 12.42 3.15
N LYS A 191 31.53 13.42 3.56
CA LYS A 191 32.00 13.47 4.94
C LYS A 191 30.83 13.60 5.91
N LEU A 192 29.88 14.48 5.60
CA LEU A 192 28.70 14.61 6.43
C LEU A 192 27.91 13.30 6.48
N LEU A 193 27.77 12.64 5.33
CA LEU A 193 27.06 11.35 5.30
C LEU A 193 27.75 10.32 6.18
N GLN A 194 29.08 10.24 6.10
CA GLN A 194 29.81 9.28 6.95
C GLN A 194 29.64 9.63 8.42
N ASP A 195 29.64 10.92 8.75
CA ASP A 195 29.40 11.33 10.14
C ASP A 195 27.99 10.98 10.57
N SER A 196 27.05 10.92 9.64
CA SER A 196 25.67 10.56 9.95
C SER A 196 25.51 9.09 10.34
N GLY A 197 26.57 8.29 10.23
CA GLY A 197 26.50 6.87 10.56
C GLY A 197 26.52 5.94 9.38
N ALA A 198 26.81 6.44 8.18
CA ALA A 198 26.86 5.59 7.00
C ALA A 198 28.01 4.59 7.13
N PRO A 199 27.75 3.29 7.10
CA PRO A 199 28.85 2.31 7.21
C PRO A 199 29.87 2.50 6.10
N ASP A 200 31.12 2.22 6.43
CA ASP A 200 32.20 2.35 5.45
C ASP A 200 32.00 1.34 4.32
N GLY A 201 32.23 1.79 3.09
CA GLY A 201 32.06 0.95 1.92
C GLY A 201 30.74 1.13 1.20
N THR A 202 29.73 1.70 1.86
CA THR A 202 28.45 1.92 1.21
C THR A 202 28.53 2.98 0.12
N LEU A 203 29.42 3.96 0.27
CA LEU A 203 29.61 5.02 -0.70
C LEU A 203 31.09 5.15 -1.04
N ASN A 204 31.39 5.30 -2.32
CA ASN A 204 32.76 5.47 -2.79
C ASN A 204 32.77 6.52 -3.89
N ILE A 205 33.85 7.30 -3.91
CA ILE A 205 33.99 8.42 -4.83
C ILE A 205 35.28 8.25 -5.62
N ILE A 206 35.18 8.38 -6.94
CA ILE A 206 36.33 8.33 -7.84
C ILE A 206 36.22 9.48 -8.82
N HIS A 207 37.33 9.74 -9.52
CA HIS A 207 37.41 10.83 -10.48
C HIS A 207 37.97 10.32 -11.81
N GLY A 208 37.66 11.05 -12.87
CA GLY A 208 38.11 10.71 -14.21
C GLY A 208 37.21 11.30 -15.28
N GLN A 209 37.81 11.83 -16.34
CA GLN A 209 37.02 12.54 -17.34
C GLN A 209 36.28 11.57 -18.27
N HIS A 210 37.02 10.74 -19.00
CA HIS A 210 36.40 9.82 -19.95
C HIS A 210 36.79 8.38 -19.65
N GLU A 211 38.04 8.16 -19.22
CA GLU A 211 38.48 6.80 -18.94
C GLU A 211 37.72 6.18 -17.79
N ALA A 212 37.43 6.95 -16.73
CA ALA A 212 36.66 6.41 -15.61
C ALA A 212 35.25 6.05 -16.05
N VAL A 213 34.64 6.87 -16.91
CA VAL A 213 33.31 6.56 -17.43
C VAL A 213 33.35 5.27 -18.23
N ASN A 214 34.38 5.12 -19.07
CA ASN A 214 34.51 3.90 -19.86
C ASN A 214 34.66 2.69 -18.97
N PHE A 215 35.49 2.78 -17.92
CA PHE A 215 35.63 1.66 -16.99
C PHE A 215 34.31 1.34 -16.32
N ILE A 216 33.61 2.35 -15.80
CA ILE A 216 32.35 2.13 -15.12
C ILE A 216 31.35 1.44 -16.05
N CYS A 217 31.29 1.88 -17.31
CA CYS A 217 30.35 1.28 -18.25
C CYS A 217 30.80 -0.10 -18.70
N ASP A 218 32.09 -0.42 -18.59
CA ASP A 218 32.59 -1.72 -19.05
C ASP A 218 32.71 -2.73 -17.90
N HIS A 219 32.94 -2.25 -16.68
CA HIS A 219 33.11 -3.16 -15.55
C HIS A 219 31.82 -3.93 -15.31
N PRO A 220 31.88 -5.24 -15.07
CA PRO A 220 30.63 -6.01 -14.91
C PRO A 220 30.00 -5.87 -13.54
N ASP A 221 30.78 -5.59 -12.49
CA ASP A 221 30.24 -5.51 -11.15
C ASP A 221 29.21 -4.40 -10.98
N ILE A 222 29.24 -3.38 -11.85
CA ILE A 222 28.28 -2.28 -11.78
C ILE A 222 26.94 -2.80 -12.30
N LYS A 223 25.93 -2.81 -11.43
CA LYS A 223 24.62 -3.31 -11.83
C LYS A 223 23.82 -2.25 -12.59
N ALA A 224 23.93 -0.99 -12.19
CA ALA A 224 23.19 0.09 -12.82
C ALA A 224 24.04 1.34 -12.84
N ILE A 225 23.72 2.24 -13.76
CA ILE A 225 24.46 3.49 -13.95
C ILE A 225 23.45 4.62 -14.12
N SER A 226 23.72 5.75 -13.47
CA SER A 226 22.90 6.96 -13.58
C SER A 226 23.77 8.10 -14.08
N PHE A 227 23.29 8.80 -15.11
CA PHE A 227 24.06 9.87 -15.75
C PHE A 227 23.14 11.04 -16.05
N VAL A 228 23.70 12.24 -16.07
CA VAL A 228 23.01 13.47 -16.45
C VAL A 228 24.00 14.36 -17.17
N GLY A 229 23.60 14.86 -18.33
CA GLY A 229 24.49 15.70 -19.12
C GLY A 229 23.91 15.96 -20.50
N SER A 230 24.81 16.01 -21.48
CA SER A 230 24.43 16.35 -22.85
C SER A 230 23.77 15.15 -23.54
N ASN A 231 23.32 15.39 -24.78
CA ASN A 231 22.64 14.34 -25.53
C ASN A 231 23.61 13.30 -26.04
N LYS A 232 24.68 13.74 -26.72
CA LYS A 232 25.63 12.79 -27.30
C LYS A 232 26.32 11.97 -26.21
N ALA A 233 26.73 12.62 -25.12
CA ALA A 233 27.39 11.89 -24.05
C ALA A 233 26.43 10.91 -23.37
N GLY A 234 25.19 11.34 -23.15
CA GLY A 234 24.21 10.45 -22.56
C GLY A 234 23.94 9.23 -23.43
N GLU A 235 23.81 9.44 -24.74
CA GLU A 235 23.59 8.31 -25.64
C GLU A 235 24.79 7.38 -25.67
N TYR A 236 26.00 7.95 -25.71
CA TYR A 236 27.19 7.11 -25.69
C TYR A 236 27.26 6.27 -24.43
N ILE A 237 26.96 6.88 -23.28
CA ILE A 237 27.01 6.14 -22.02
C ILE A 237 25.94 5.07 -21.99
N PHE A 238 24.73 5.39 -22.43
CA PHE A 238 23.65 4.40 -22.48
C PHE A 238 24.06 3.22 -23.33
N GLU A 239 24.64 3.48 -24.51
CA GLU A 239 25.04 2.39 -25.39
C GLU A 239 26.14 1.55 -24.75
N ARG A 240 27.19 2.20 -24.26
CA ARG A 240 28.29 1.47 -23.65
C ARG A 240 27.83 0.62 -22.47
N GLY A 241 26.80 1.09 -21.76
CA GLY A 241 26.29 0.32 -20.63
C GLY A 241 25.41 -0.83 -21.06
N SER A 242 24.50 -0.57 -22.01
CA SER A 242 23.57 -1.61 -22.45
C SER A 242 24.26 -2.73 -23.21
N ARG A 243 25.33 -2.42 -23.95
CA ARG A 243 26.05 -3.47 -24.66
C ARG A 243 26.71 -4.44 -23.69
N HIS A 244 26.86 -4.05 -22.43
CA HIS A 244 27.39 -4.94 -21.40
C HIS A 244 26.29 -5.58 -20.55
N GLY A 245 25.02 -5.32 -20.86
CA GLY A 245 23.92 -5.91 -20.14
C GLY A 245 23.46 -5.15 -18.92
N LYS A 246 23.99 -3.96 -18.67
CA LYS A 246 23.63 -3.20 -17.49
C LYS A 246 22.53 -2.18 -17.80
N ARG A 247 21.61 -2.01 -16.86
CA ARG A 247 20.57 -1.00 -17.01
C ARG A 247 21.14 0.38 -16.78
N VAL A 248 20.72 1.34 -17.61
CA VAL A 248 21.24 2.69 -17.58
C VAL A 248 20.09 3.67 -17.76
N GLN A 249 20.14 4.78 -17.02
CA GLN A 249 19.18 5.87 -17.14
C GLN A 249 19.97 7.17 -17.28
N ALA A 250 19.56 8.00 -18.25
CA ALA A 250 20.31 9.21 -18.58
C ALA A 250 19.33 10.35 -18.84
N ASN A 251 19.35 11.36 -17.98
CA ASN A 251 18.61 12.60 -18.22
C ASN A 251 19.50 13.54 -19.02
N MET A 252 19.27 13.60 -20.33
CA MET A 252 20.12 14.36 -21.23
C MET A 252 19.61 15.79 -21.35
N GLY A 253 20.15 16.55 -22.30
CA GLY A 253 19.77 17.94 -22.43
C GLY A 253 18.28 18.09 -22.65
N ALA A 254 17.71 19.14 -22.04
CA ALA A 254 16.27 19.41 -22.11
C ALA A 254 16.09 20.90 -22.33
N LYS A 255 15.87 21.28 -23.59
CA LYS A 255 15.66 22.69 -23.95
C LYS A 255 14.19 23.05 -23.72
N ASN A 256 13.86 23.25 -22.44
CA ASN A 256 12.49 23.57 -22.06
C ASN A 256 12.05 24.87 -22.70
N HIS A 257 10.76 24.95 -23.02
CA HIS A 257 10.17 26.11 -23.66
C HIS A 257 9.14 26.75 -22.72
N GLY A 258 9.09 28.08 -22.75
CA GLY A 258 8.12 28.83 -21.97
C GLY A 258 7.27 29.72 -22.85
N VAL A 259 5.98 29.42 -22.95
CA VAL A 259 5.07 30.18 -23.80
C VAL A 259 4.61 31.42 -23.04
N VAL A 260 4.73 32.58 -23.68
CA VAL A 260 4.34 33.86 -23.09
C VAL A 260 3.03 34.27 -23.74
N MET A 261 1.93 34.17 -22.98
CA MET A 261 0.61 34.54 -23.50
C MET A 261 0.30 35.99 -23.15
N PRO A 262 -0.38 36.73 -24.03
CA PRO A 262 -0.69 38.13 -23.71
C PRO A 262 -1.46 38.31 -22.41
N ASP A 263 -2.28 37.36 -22.01
CA ASP A 263 -3.08 37.48 -20.80
C ASP A 263 -2.35 36.85 -19.61
N ALA A 264 -1.22 37.45 -19.25
CA ALA A 264 -0.41 37.00 -18.13
C ALA A 264 0.19 38.21 -17.44
N ASN A 265 0.78 37.95 -16.27
CA ASN A 265 1.45 39.00 -15.51
C ASN A 265 2.69 39.43 -16.27
N LYS A 266 2.64 40.62 -16.86
CA LYS A 266 3.71 41.07 -17.74
C LYS A 266 5.04 41.16 -17.00
N GLU A 267 5.12 42.05 -16.01
CA GLU A 267 6.39 42.28 -15.31
C GLU A 267 6.88 41.01 -14.63
N ASN A 268 5.98 40.29 -13.96
CA ASN A 268 6.40 39.07 -13.27
C ASN A 268 6.88 38.01 -14.27
N THR A 269 6.16 37.86 -15.39
CA THR A 269 6.59 36.89 -16.40
C THR A 269 7.96 37.24 -16.95
N LEU A 270 8.20 38.53 -17.23
CA LEU A 270 9.51 38.94 -17.75
C LEU A 270 10.61 38.70 -16.72
N ASN A 271 10.34 39.02 -15.45
CA ASN A 271 11.35 38.78 -14.42
C ASN A 271 11.66 37.30 -14.30
N GLN A 272 10.63 36.44 -14.33
CA GLN A 272 10.85 35.01 -14.23
C GLN A 272 11.65 34.49 -15.42
N LEU A 273 11.32 34.95 -16.63
CA LEU A 273 12.07 34.53 -17.81
C LEU A 273 13.53 34.95 -17.69
N VAL A 274 13.77 36.20 -17.29
CA VAL A 274 15.14 36.69 -17.17
C VAL A 274 15.90 35.89 -16.12
N GLY A 275 15.24 35.54 -15.01
CA GLY A 275 15.91 34.79 -13.98
C GLY A 275 16.22 33.36 -14.39
N ALA A 276 15.30 32.74 -15.12
CA ALA A 276 15.48 31.34 -15.52
C ALA A 276 16.50 31.19 -16.65
N ALA A 277 16.47 32.11 -17.62
CA ALA A 277 17.39 32.00 -18.76
C ALA A 277 18.80 32.43 -18.40
N PHE A 278 18.96 33.27 -17.37
CA PHE A 278 20.27 33.77 -16.98
C PHE A 278 20.69 33.35 -15.58
N GLY A 279 19.78 32.81 -14.77
CA GLY A 279 20.16 32.36 -13.45
C GLY A 279 21.26 31.32 -13.52
N ALA A 280 22.21 31.43 -12.61
CA ALA A 280 23.37 30.52 -12.56
C ALA A 280 24.09 30.51 -13.90
N ALA A 281 24.17 31.68 -14.54
CA ALA A 281 24.83 31.83 -15.83
C ALA A 281 24.18 30.96 -16.90
N GLY A 282 22.93 30.58 -16.69
CA GLY A 282 22.21 29.76 -17.66
C GLY A 282 22.89 28.43 -17.92
N GLN A 283 23.79 28.01 -17.02
CA GLN A 283 24.50 26.76 -17.19
C GLN A 283 23.64 25.54 -16.87
N ARG A 284 22.51 25.74 -16.17
CA ARG A 284 21.63 24.63 -15.84
C ARG A 284 21.17 23.91 -17.10
N CYS A 285 21.27 22.58 -17.09
CA CYS A 285 20.82 21.80 -18.23
C CYS A 285 19.31 21.93 -18.42
N MET A 286 18.58 22.16 -17.34
CA MET A 286 17.14 22.35 -17.40
C MET A 286 16.74 23.81 -17.53
N ALA A 287 17.68 24.68 -17.87
CA ALA A 287 17.39 26.11 -17.95
C ALA A 287 16.34 26.39 -19.02
N LEU A 288 15.55 27.45 -18.77
CA LEU A 288 14.54 27.88 -19.72
C LEU A 288 15.17 28.81 -20.76
N SER A 289 16.15 28.29 -21.51
CA SER A 289 16.90 29.11 -22.45
C SER A 289 16.07 29.61 -23.61
N THR A 290 14.87 29.06 -23.83
CA THR A 290 14.03 29.44 -24.95
C THR A 290 12.61 29.70 -24.47
N ALA A 291 11.96 30.69 -25.08
CA ALA A 291 10.59 31.05 -24.77
C ALA A 291 9.86 31.40 -26.05
N VAL A 292 8.53 31.41 -26.00
CA VAL A 292 7.69 31.71 -27.15
C VAL A 292 6.84 32.93 -26.81
N LEU A 293 6.88 33.93 -27.69
CA LEU A 293 6.10 35.16 -27.53
C LEU A 293 4.90 35.09 -28.47
N VAL A 294 3.70 35.07 -27.90
CA VAL A 294 2.46 34.96 -28.66
C VAL A 294 1.81 36.33 -28.73
N GLY A 295 1.68 36.86 -29.94
CA GLY A 295 0.97 38.11 -30.15
C GLY A 295 1.63 39.26 -29.41
N GLU A 296 0.87 39.86 -28.47
CA GLU A 296 1.35 41.05 -27.78
C GLU A 296 2.65 40.81 -27.03
N ALA A 297 2.95 39.55 -26.69
CA ALA A 297 4.17 39.25 -25.97
C ALA A 297 5.40 39.78 -26.71
N LYS A 298 5.33 39.88 -28.04
CA LYS A 298 6.47 40.36 -28.82
C LYS A 298 6.72 41.84 -28.63
N LYS A 299 5.70 42.62 -28.24
CA LYS A 299 5.90 44.04 -28.02
C LYS A 299 6.74 44.31 -26.79
N TRP A 300 6.92 43.32 -25.92
CA TRP A 300 7.59 43.50 -24.64
C TRP A 300 9.11 43.32 -24.73
N LEU A 301 9.66 43.10 -25.93
CA LEU A 301 11.10 42.89 -26.06
C LEU A 301 11.93 44.00 -25.44
N PRO A 302 11.59 45.28 -25.61
CA PRO A 302 12.33 46.33 -24.88
C PRO A 302 12.31 46.11 -23.38
N GLU A 303 11.19 45.63 -22.83
CA GLU A 303 11.14 45.34 -21.40
C GLU A 303 12.02 44.14 -21.06
N LEU A 304 12.12 43.15 -21.95
CA LEU A 304 13.08 42.07 -21.74
C LEU A 304 14.49 42.63 -21.66
N VAL A 305 14.85 43.54 -22.57
CA VAL A 305 16.18 44.13 -22.54
C VAL A 305 16.40 44.88 -21.23
N GLU A 306 15.41 45.67 -20.82
CA GLU A 306 15.53 46.42 -19.58
C GLU A 306 15.76 45.50 -18.39
N HIS A 307 14.93 44.45 -18.28
CA HIS A 307 15.06 43.52 -17.16
C HIS A 307 16.41 42.80 -17.20
N ALA A 308 16.92 42.51 -18.41
CA ALA A 308 18.24 41.89 -18.52
C ALA A 308 19.32 42.83 -18.02
N LYS A 309 19.26 44.10 -18.42
CA LYS A 309 20.24 45.07 -17.95
C LYS A 309 20.17 45.26 -16.44
N ASN A 310 19.00 45.01 -15.84
CA ASN A 310 18.85 45.18 -14.40
C ASN A 310 19.62 44.15 -13.60
N LEU A 311 19.99 43.02 -14.22
CA LEU A 311 20.73 41.99 -13.51
C LEU A 311 22.12 42.49 -13.16
N ARG A 312 22.51 42.30 -11.90
CA ARG A 312 23.85 42.68 -11.43
C ARG A 312 24.85 41.62 -11.87
N VAL A 313 25.52 41.88 -13.00
CA VAL A 313 26.53 40.95 -13.50
C VAL A 313 27.76 41.08 -12.60
N ASN A 314 27.96 40.11 -11.71
CA ASN A 314 29.06 40.16 -10.76
C ASN A 314 29.35 38.75 -10.27
N ALA A 315 30.50 38.59 -9.63
CA ALA A 315 30.89 37.28 -9.10
C ALA A 315 29.84 36.78 -8.11
N GLY A 316 29.72 35.46 -8.01
CA GLY A 316 28.73 34.85 -7.14
C GLY A 316 28.93 35.13 -5.66
N ASP A 317 30.12 35.58 -5.27
CA ASP A 317 30.39 35.83 -3.86
C ASP A 317 30.06 37.26 -3.44
N GLN A 318 29.89 38.18 -4.39
CA GLN A 318 29.59 39.55 -4.04
C GLN A 318 28.11 39.71 -3.70
N PRO A 319 27.77 40.64 -2.80
CA PRO A 319 26.36 40.84 -2.48
C PRO A 319 25.56 41.32 -3.69
N GLY A 320 24.31 40.88 -3.77
CA GLY A 320 23.43 41.29 -4.85
C GLY A 320 23.76 40.73 -6.21
N ALA A 321 24.69 39.77 -6.29
CA ALA A 321 25.05 39.20 -7.57
C ALA A 321 23.88 38.40 -8.14
N ASP A 322 23.60 38.61 -9.43
CA ASP A 322 22.51 37.94 -10.12
C ASP A 322 22.99 36.94 -11.16
N LEU A 323 23.94 37.32 -11.99
CA LEU A 323 24.48 36.46 -13.04
C LEU A 323 25.92 36.12 -12.70
N GLY A 324 26.24 34.83 -12.66
CA GLY A 324 27.57 34.37 -12.35
C GLY A 324 28.38 34.14 -13.61
N PRO A 325 29.66 33.84 -13.44
CA PRO A 325 30.53 33.57 -14.59
C PRO A 325 30.39 32.15 -15.10
N LEU A 326 30.96 31.92 -16.27
CA LEU A 326 31.00 30.57 -16.84
C LEU A 326 32.02 29.72 -16.11
N ILE A 327 31.74 28.41 -16.05
CA ILE A 327 32.56 27.51 -15.22
C ILE A 327 34.00 27.48 -15.71
N THR A 328 34.22 27.48 -17.02
CA THR A 328 35.56 27.39 -17.58
C THR A 328 35.63 28.27 -18.81
N PRO A 329 36.84 28.67 -19.23
CA PRO A 329 36.94 29.48 -20.46
C PRO A 329 36.37 28.78 -21.68
N GLN A 330 36.38 27.44 -21.71
CA GLN A 330 35.81 26.73 -22.85
C GLN A 330 34.31 26.95 -22.93
N ALA A 331 33.63 27.03 -21.78
CA ALA A 331 32.20 27.32 -21.79
C ALA A 331 31.91 28.69 -22.36
N LYS A 332 32.70 29.70 -21.95
CA LYS A 332 32.53 31.04 -22.49
C LYS A 332 32.81 31.06 -23.99
N GLU A 333 33.83 30.32 -24.43
CA GLU A 333 34.12 30.25 -25.86
C GLU A 333 32.96 29.63 -26.63
N ARG A 334 32.40 28.54 -26.11
CA ARG A 334 31.25 27.91 -26.76
C ARG A 334 30.07 28.87 -26.83
N VAL A 335 29.83 29.60 -25.74
CA VAL A 335 28.72 30.55 -25.71
C VAL A 335 28.92 31.64 -26.74
N CYS A 336 30.14 32.19 -26.82
CA CYS A 336 30.39 33.25 -27.79
C CYS A 336 30.30 32.73 -29.22
N ASN A 337 30.77 31.51 -29.47
CA ASN A 337 30.64 30.93 -30.80
C ASN A 337 29.17 30.72 -31.17
N LEU A 338 28.35 30.28 -30.22
CA LEU A 338 26.93 30.12 -30.49
C LEU A 338 26.26 31.47 -30.73
N ILE A 339 26.69 32.51 -30.02
CA ILE A 339 26.14 33.85 -30.26
C ILE A 339 26.51 34.32 -31.66
N ASP A 340 27.76 34.10 -32.07
CA ASP A 340 28.18 34.48 -33.42
C ASP A 340 27.41 33.70 -34.47
N SER A 341 27.15 32.41 -34.20
CA SER A 341 26.35 31.61 -35.13
C SER A 341 24.94 32.16 -35.24
N GLY A 342 24.32 32.49 -34.11
CA GLY A 342 22.99 33.10 -34.16
C GLY A 342 22.99 34.40 -34.93
N THR A 343 24.03 35.21 -34.76
CA THR A 343 24.16 36.44 -35.54
C THR A 343 24.21 36.14 -37.03
N LYS A 344 25.05 35.17 -37.42
CA LYS A 344 25.19 34.82 -38.83
C LYS A 344 23.90 34.26 -39.40
N GLU A 345 23.10 33.58 -38.58
CA GLU A 345 21.86 32.98 -39.06
C GLU A 345 20.79 34.02 -39.38
N GLY A 346 21.01 35.27 -39.00
CA GLY A 346 20.05 36.32 -39.23
C GLY A 346 19.11 36.59 -38.06
N ALA A 347 19.37 36.00 -36.90
CA ALA A 347 18.53 36.25 -35.74
C ALA A 347 18.86 37.60 -35.14
N SER A 348 17.83 38.28 -34.63
CA SER A 348 17.98 39.61 -34.05
C SER A 348 18.47 39.48 -32.62
N ILE A 349 19.75 39.80 -32.40
CA ILE A 349 20.32 39.81 -31.05
C ILE A 349 20.05 41.18 -30.44
N LEU A 350 18.91 41.31 -29.76
CA LEU A 350 18.51 42.61 -29.23
C LEU A 350 19.47 43.10 -28.16
N LEU A 351 20.00 42.20 -27.34
CA LEU A 351 20.96 42.55 -26.31
C LEU A 351 22.10 41.55 -26.33
N ASP A 352 23.33 42.05 -26.33
CA ASP A 352 24.53 41.23 -26.39
C ASP A 352 25.41 41.51 -25.18
N GLY A 353 25.56 40.52 -24.31
CA GLY A 353 26.43 40.65 -23.15
C GLY A 353 27.82 40.09 -23.40
N ARG A 354 28.07 39.66 -24.64
CA ARG A 354 29.36 39.09 -24.98
C ARG A 354 30.52 40.03 -24.64
N LYS A 355 30.29 41.34 -24.70
CA LYS A 355 31.35 42.32 -24.50
C LYS A 355 31.42 42.85 -23.07
N ILE A 356 30.48 42.49 -22.21
CA ILE A 356 30.43 43.02 -20.86
C ILE A 356 31.51 42.37 -20.01
N LYS A 357 32.10 43.16 -19.11
CA LYS A 357 33.08 42.68 -18.15
C LYS A 357 32.67 43.08 -16.75
N VAL A 358 33.25 42.42 -15.75
CA VAL A 358 32.94 42.66 -14.35
C VAL A 358 34.13 43.38 -13.71
N LYS A 359 33.85 44.50 -13.05
CA LYS A 359 34.89 45.23 -12.34
C LYS A 359 35.45 44.38 -11.22
N GLY A 360 36.79 44.35 -11.12
CA GLY A 360 37.46 43.53 -10.14
C GLY A 360 37.49 42.05 -10.44
N TYR A 361 36.81 41.60 -11.50
CA TYR A 361 36.81 40.19 -11.87
C TYR A 361 36.95 39.99 -13.38
N GLU A 362 37.68 40.88 -14.06
CA GLU A 362 37.82 40.76 -15.52
C GLU A 362 38.48 39.44 -15.91
N ASN A 363 39.28 38.84 -15.03
CA ASN A 363 39.92 37.59 -15.36
C ASN A 363 38.94 36.42 -15.40
N GLY A 364 37.73 36.61 -14.90
CA GLY A 364 36.75 35.55 -14.91
C GLY A 364 36.05 35.41 -16.26
N ASN A 365 35.44 34.25 -16.47
CA ASN A 365 34.76 33.97 -17.72
C ASN A 365 33.32 34.48 -17.67
N PHE A 366 33.17 35.79 -17.47
CA PHE A 366 31.83 36.38 -17.35
C PHE A 366 31.25 36.67 -18.73
N VAL A 367 29.94 36.44 -18.86
CA VAL A 367 29.20 36.75 -20.07
C VAL A 367 27.86 37.35 -19.65
N GLY A 368 27.61 38.59 -20.07
CA GLY A 368 26.40 39.29 -19.68
C GLY A 368 25.16 38.66 -20.28
N PRO A 369 23.99 39.12 -19.83
CA PRO A 369 22.73 38.56 -20.35
C PRO A 369 22.54 38.92 -21.81
N THR A 370 22.45 37.88 -22.65
CA THR A 370 22.26 38.03 -24.08
C THR A 370 20.83 37.68 -24.44
N ILE A 371 20.25 38.43 -25.38
CA ILE A 371 18.87 38.23 -25.83
C ILE A 371 18.89 38.08 -27.34
N ILE A 372 18.21 37.04 -27.83
CA ILE A 372 18.06 36.78 -29.27
C ILE A 372 16.58 36.61 -29.54
N SER A 373 16.02 37.51 -30.33
CA SER A 373 14.59 37.53 -30.62
C SER A 373 14.37 37.30 -32.12
N ASN A 374 13.09 37.15 -32.48
CA ASN A 374 12.68 36.87 -33.85
C ASN A 374 13.21 35.53 -34.34
N VAL A 375 13.43 34.59 -33.43
CA VAL A 375 13.99 33.30 -33.80
C VAL A 375 12.88 32.36 -34.26
N LYS A 376 13.21 31.47 -35.19
CA LYS A 376 12.30 30.45 -35.68
C LYS A 376 13.01 29.11 -35.69
N PRO A 377 12.30 27.99 -35.87
CA PRO A 377 12.98 26.69 -35.89
C PRO A 377 14.08 26.57 -36.93
N ASN A 378 14.16 27.48 -37.90
CA ASN A 378 15.19 27.39 -38.91
C ASN A 378 16.56 27.77 -38.36
N MET A 379 16.60 28.62 -37.33
CA MET A 379 17.86 29.07 -36.77
C MET A 379 18.58 27.91 -36.09
N THR A 380 19.90 27.87 -36.24
CA THR A 380 20.68 26.78 -35.65
C THR A 380 20.75 26.91 -34.13
N CYS A 381 20.78 28.13 -33.60
CA CYS A 381 20.82 28.31 -32.16
C CYS A 381 19.60 27.70 -31.47
N TYR A 382 18.49 27.53 -32.20
CA TYR A 382 17.34 26.83 -31.65
C TYR A 382 17.59 25.32 -31.61
N LYS A 383 18.28 24.78 -32.60
CA LYS A 383 18.62 23.37 -32.60
C LYS A 383 19.54 23.04 -31.44
N GLU A 384 20.61 23.80 -31.27
CA GLU A 384 21.57 23.54 -30.22
C GLU A 384 21.13 24.22 -28.92
N GLU A 385 21.65 23.71 -27.80
CA GLU A 385 21.42 24.29 -26.48
C GLU A 385 22.64 25.11 -26.09
N ILE A 386 22.39 26.26 -25.45
CA ILE A 386 23.46 27.20 -25.17
C ILE A 386 24.21 26.83 -23.91
N PHE A 387 23.49 26.38 -22.88
CA PHE A 387 24.10 26.12 -21.58
C PHE A 387 24.80 27.37 -21.05
N GLY A 388 24.21 28.53 -21.34
CA GLY A 388 24.80 29.80 -20.95
C GLY A 388 23.75 30.88 -20.78
N PRO A 389 24.21 32.10 -20.46
CA PRO A 389 23.28 33.22 -20.21
C PRO A 389 22.76 33.83 -21.51
N VAL A 390 21.92 33.10 -22.22
CA VAL A 390 21.32 33.54 -23.47
C VAL A 390 19.83 33.23 -23.43
N LEU A 391 19.01 34.26 -23.62
CA LEU A 391 17.56 34.14 -23.62
C LEU A 391 17.07 34.22 -25.06
N VAL A 392 16.44 33.14 -25.54
CA VAL A 392 15.94 33.05 -26.91
C VAL A 392 14.42 33.18 -26.87
N VAL A 393 13.88 34.05 -27.70
CA VAL A 393 12.44 34.24 -27.84
C VAL A 393 12.09 34.15 -29.31
N LEU A 394 10.99 33.46 -29.62
CA LEU A 394 10.60 33.15 -30.98
C LEU A 394 9.37 33.95 -31.40
N GLU A 395 9.28 34.25 -32.69
CA GLU A 395 8.12 34.93 -33.25
C GLU A 395 6.98 33.95 -33.44
N THR A 396 5.81 34.28 -32.90
CA THR A 396 4.62 33.46 -33.04
C THR A 396 3.39 34.34 -33.06
N GLU A 397 2.32 33.84 -33.68
CA GLU A 397 1.07 34.58 -33.83
C GLU A 397 -0.09 33.97 -33.07
N THR A 398 -0.13 32.64 -32.93
CA THR A 398 -1.24 31.96 -32.28
C THR A 398 -0.69 30.90 -31.34
N LEU A 399 -1.58 30.41 -30.46
CA LEU A 399 -1.17 29.39 -29.51
C LEU A 399 -0.85 28.08 -30.21
N ASP A 400 -1.58 27.75 -31.28
CA ASP A 400 -1.33 26.51 -32.00
C ASP A 400 0.07 26.50 -32.61
N GLU A 401 0.50 27.65 -33.16
CA GLU A 401 1.83 27.73 -33.73
C GLU A 401 2.89 27.51 -32.66
N ALA A 402 2.71 28.11 -31.49
CA ALA A 402 3.65 27.92 -30.40
C ALA A 402 3.69 26.46 -29.97
N ILE A 403 2.52 25.82 -29.89
CA ILE A 403 2.47 24.41 -29.51
C ILE A 403 3.22 23.55 -30.52
N GLN A 404 3.01 23.83 -31.81
CA GLN A 404 3.70 23.06 -32.85
C GLN A 404 5.21 23.28 -32.79
N ILE A 405 5.63 24.52 -32.55
CA ILE A 405 7.06 24.81 -32.44
C ILE A 405 7.67 24.05 -31.27
N VAL A 406 6.98 24.05 -30.13
CA VAL A 406 7.47 23.33 -28.97
C VAL A 406 7.54 21.84 -29.26
N ASN A 407 6.53 21.30 -29.94
CA ASN A 407 6.54 19.88 -30.28
C ASN A 407 7.67 19.55 -31.25
N ASN A 408 8.06 20.49 -32.10
CA ASN A 408 9.16 20.26 -33.02
C ASN A 408 10.48 20.03 -32.30
N ASN A 409 10.61 20.50 -31.07
CA ASN A 409 11.84 20.30 -30.29
C ASN A 409 11.97 18.82 -29.94
N PRO A 410 12.96 18.10 -30.50
CA PRO A 410 13.05 16.66 -30.19
C PRO A 410 13.42 16.38 -28.75
N TYR A 411 14.13 17.27 -28.08
CA TYR A 411 14.65 17.04 -26.74
C TYR A 411 14.09 18.10 -25.79
N GLY A 412 13.19 17.68 -24.91
CA GLY A 412 12.65 18.56 -23.88
C GLY A 412 11.83 17.80 -22.86
N ASN A 413 12.12 18.02 -21.58
CA ASN A 413 11.46 17.27 -20.51
C ASN A 413 10.38 18.06 -19.79
N ARG A 414 10.49 19.40 -19.79
CA ARG A 414 9.54 20.24 -19.07
C ARG A 414 9.18 21.44 -19.94
N THR A 415 7.95 21.92 -19.75
CA THR A 415 7.47 23.09 -20.48
C THR A 415 6.51 23.85 -19.58
N ALA A 416 6.40 25.15 -19.84
CA ALA A 416 5.55 26.03 -19.05
C ALA A 416 4.86 27.03 -19.96
N ILE A 417 3.80 27.63 -19.44
CA ILE A 417 3.03 28.65 -20.15
C ILE A 417 2.60 29.71 -19.15
N PHE A 418 2.74 30.98 -19.53
CA PHE A 418 2.35 32.10 -18.69
C PHE A 418 1.01 32.62 -19.21
N THR A 419 -0.05 32.38 -18.42
CA THR A 419 -1.38 32.80 -18.83
C THR A 419 -2.32 32.66 -17.64
N THR A 420 -3.24 33.61 -17.49
CA THR A 420 -4.24 33.55 -16.43
C THR A 420 -5.53 32.86 -16.86
N ASN A 421 -5.67 32.52 -18.14
CA ASN A 421 -6.87 31.86 -18.65
C ASN A 421 -6.71 30.35 -18.48
N GLY A 422 -7.70 29.74 -17.83
CA GLY A 422 -7.64 28.30 -17.62
C GLY A 422 -7.81 27.51 -18.91
N ALA A 423 -8.72 27.96 -19.78
CA ALA A 423 -8.93 27.26 -21.04
C ALA A 423 -7.67 27.31 -21.90
N THR A 424 -6.93 28.41 -21.84
CA THR A 424 -5.68 28.51 -22.61
C THR A 424 -4.69 27.45 -22.16
N ALA A 425 -4.48 27.32 -20.84
CA ALA A 425 -3.56 26.33 -20.34
C ALA A 425 -4.05 24.92 -20.65
N ARG A 426 -5.37 24.70 -20.57
CA ARG A 426 -5.92 23.40 -20.91
C ARG A 426 -5.61 23.03 -22.35
N LYS A 427 -5.87 23.95 -23.28
CA LYS A 427 -5.60 23.70 -24.69
C LYS A 427 -4.11 23.47 -24.91
N TYR A 428 -3.27 24.25 -24.24
CA TYR A 428 -1.83 24.09 -24.38
C TYR A 428 -1.39 22.69 -23.95
N ALA A 429 -1.84 22.26 -22.76
CA ALA A 429 -1.45 20.96 -22.26
C ALA A 429 -2.02 19.83 -23.11
N HIS A 430 -3.21 20.04 -23.70
CA HIS A 430 -3.85 18.98 -24.46
C HIS A 430 -3.07 18.66 -25.73
N LEU A 431 -2.53 19.69 -26.39
CA LEU A 431 -1.87 19.52 -27.68
C LEU A 431 -0.35 19.49 -27.60
N VAL A 432 0.24 19.96 -26.50
CA VAL A 432 1.69 19.96 -26.37
C VAL A 432 2.14 18.55 -25.96
N ASP A 433 3.24 18.11 -26.56
CA ASP A 433 3.78 16.78 -26.28
C ASP A 433 4.64 16.75 -25.02
N VAL A 434 4.11 17.22 -23.90
CA VAL A 434 4.83 17.22 -22.63
C VAL A 434 3.81 17.08 -21.51
N GLY A 435 4.06 16.16 -20.59
CA GLY A 435 3.17 15.94 -19.47
C GLY A 435 3.48 16.84 -18.28
N GLN A 436 4.73 17.28 -18.17
CA GLN A 436 5.16 18.16 -17.08
C GLN A 436 4.91 19.60 -17.52
N VAL A 437 3.68 20.06 -17.30
CA VAL A 437 3.24 21.39 -17.69
C VAL A 437 3.12 22.26 -16.44
N GLY A 438 3.62 23.48 -16.53
CA GLY A 438 3.55 24.44 -15.44
C GLY A 438 2.86 25.72 -15.90
N VAL A 439 2.08 26.31 -15.01
CA VAL A 439 1.33 27.54 -15.30
C VAL A 439 1.92 28.66 -14.47
N ASN A 440 2.37 29.72 -15.13
CA ASN A 440 2.95 30.90 -14.50
C ASN A 440 4.24 30.58 -13.74
N VAL A 441 4.87 29.45 -14.01
CA VAL A 441 6.12 29.05 -13.38
C VAL A 441 7.15 28.87 -14.49
N PRO A 442 8.34 29.47 -14.39
CA PRO A 442 9.31 29.33 -15.49
C PRO A 442 9.74 27.89 -15.71
N ILE A 443 10.20 27.23 -14.65
CA ILE A 443 10.66 25.85 -14.71
C ILE A 443 9.94 25.07 -13.61
N PRO A 444 9.16 24.03 -13.94
CA PRO A 444 8.52 23.24 -12.89
C PRO A 444 9.55 22.70 -11.90
N VAL A 445 9.40 23.09 -10.64
CA VAL A 445 10.33 22.69 -9.59
C VAL A 445 10.19 21.19 -9.39
N PRO A 446 11.28 20.45 -9.16
CA PRO A 446 11.16 19.01 -8.95
C PRO A 446 10.26 18.70 -7.76
N LEU A 447 9.51 17.60 -7.88
CA LEU A 447 8.61 17.14 -6.83
C LEU A 447 8.84 15.64 -6.67
N PRO A 448 9.87 15.25 -5.92
CA PRO A 448 10.33 13.85 -5.95
C PRO A 448 9.29 12.82 -5.52
N MET A 449 8.16 13.23 -4.92
CA MET A 449 7.19 12.24 -4.48
C MET A 449 6.64 11.41 -5.64
N PHE A 450 6.81 11.87 -6.88
CA PHE A 450 6.52 11.06 -8.05
C PHE A 450 7.70 11.14 -9.01
N SER A 451 7.73 10.19 -9.94
CA SER A 451 8.90 10.04 -10.81
C SER A 451 8.97 11.16 -11.84
N PHE A 452 10.19 11.59 -12.15
CA PHE A 452 10.44 12.57 -13.20
C PHE A 452 10.35 11.85 -14.53
N THR A 453 9.13 11.76 -15.05
CA THR A 453 8.90 11.00 -16.28
C THR A 453 9.51 11.72 -17.48
N GLY A 454 10.09 10.93 -18.38
CA GLY A 454 10.66 11.45 -19.60
C GLY A 454 11.04 10.35 -20.56
N SER A 455 10.60 10.46 -21.81
CA SER A 455 10.92 9.44 -22.82
C SER A 455 11.30 10.04 -24.16
N ARG A 456 11.41 11.36 -24.29
CA ARG A 456 11.78 11.98 -25.55
C ARG A 456 13.28 11.82 -25.81
N SER A 457 13.75 12.45 -26.88
CA SER A 457 15.18 12.45 -27.19
C SER A 457 16.01 13.07 -26.07
N SER A 458 15.39 13.77 -25.13
CA SER A 458 16.09 14.36 -23.99
C SER A 458 16.33 13.35 -22.88
N PHE A 459 15.94 12.10 -23.06
CA PHE A 459 16.08 11.10 -22.02
C PHE A 459 16.26 9.73 -22.66
N ARG A 460 17.08 8.90 -22.04
CA ARG A 460 17.30 7.53 -22.48
C ARG A 460 17.04 6.58 -21.32
N GLY A 461 16.58 5.39 -21.64
CA GLY A 461 16.24 4.41 -20.63
C GLY A 461 14.74 4.37 -20.36
N ASP A 462 14.25 3.17 -20.04
CA ASP A 462 12.83 2.96 -19.79
C ASP A 462 12.42 3.31 -18.38
N THR A 463 13.36 3.65 -17.50
CA THR A 463 13.06 3.99 -16.11
C THR A 463 13.65 5.35 -15.80
N ASN A 464 13.13 5.97 -14.73
CA ASN A 464 13.55 7.30 -14.31
C ASN A 464 14.33 7.23 -13.01
N PHE A 465 14.74 8.40 -12.52
CA PHE A 465 15.68 8.46 -11.40
C PHE A 465 14.99 8.14 -10.07
N TYR A 466 13.95 8.89 -9.71
CA TYR A 466 13.34 8.78 -8.40
C TYR A 466 11.84 8.49 -8.58
N GLY A 467 11.11 8.46 -7.46
CA GLY A 467 9.73 8.08 -7.49
C GLY A 467 9.57 6.58 -7.52
N LYS A 468 8.37 6.12 -7.89
CA LYS A 468 8.15 4.69 -8.06
C LYS A 468 9.15 4.10 -9.04
N GLN A 469 9.42 4.81 -10.13
CA GLN A 469 10.39 4.35 -11.10
C GLN A 469 11.79 4.28 -10.50
N GLY A 470 12.10 5.16 -9.55
CA GLY A 470 13.39 5.07 -8.87
C GLY A 470 13.55 3.76 -8.13
N ILE A 471 12.53 3.38 -7.34
CA ILE A 471 12.57 2.10 -6.64
C ILE A 471 12.66 0.96 -7.65
N GLN A 472 11.85 1.03 -8.71
CA GLN A 472 11.88 -0.02 -9.73
C GLN A 472 13.28 -0.16 -10.34
N PHE A 473 13.99 0.96 -10.46
CA PHE A 473 15.31 0.94 -11.08
C PHE A 473 16.35 0.39 -10.11
N TYR A 474 16.32 0.82 -8.85
CA TYR A 474 17.30 0.39 -7.87
C TYR A 474 16.96 -0.93 -7.20
N THR A 475 15.83 -1.54 -7.52
CA THR A 475 15.43 -2.81 -6.95
C THR A 475 15.02 -3.77 -8.06
N GLN A 476 14.88 -5.04 -7.69
CA GLN A 476 14.48 -6.10 -8.60
C GLN A 476 13.21 -6.75 -8.07
N LEU A 477 12.16 -6.77 -8.89
CA LEU A 477 10.88 -7.32 -8.47
C LEU A 477 10.87 -8.84 -8.70
N LYS A 478 10.58 -9.59 -7.64
CA LYS A 478 10.46 -11.04 -7.70
C LYS A 478 9.10 -11.45 -7.18
N THR A 479 8.33 -12.15 -8.00
CA THR A 479 7.01 -12.66 -7.63
C THR A 479 7.09 -14.17 -7.47
N ILE A 480 6.58 -14.67 -6.36
CA ILE A 480 6.62 -16.09 -6.02
C ILE A 480 5.19 -16.59 -5.85
N THR A 481 4.83 -17.62 -6.61
CA THR A 481 3.54 -18.30 -6.48
C THR A 481 3.76 -19.67 -5.88
N SER A 482 3.16 -19.92 -4.72
CA SER A 482 3.39 -21.13 -3.96
C SER A 482 2.10 -21.90 -3.79
N GLN A 483 2.14 -23.20 -4.08
CA GLN A 483 1.02 -24.12 -3.88
C GLN A 483 1.50 -25.26 -2.98
N TRP A 484 1.43 -25.06 -1.67
CA TRP A 484 1.86 -26.06 -0.70
C TRP A 484 0.67 -26.93 -0.33
N LYS A 485 0.60 -28.12 -0.91
CA LYS A 485 -0.48 -29.06 -0.63
C LYS A 485 0.05 -30.48 -0.74
N GLU A 486 -0.33 -31.31 0.23
CA GLU A 486 0.10 -32.70 0.24
C GLU A 486 -1.09 -33.60 0.57
N GLU A 487 -2.26 -33.27 0.03
CA GLU A 487 -3.47 -34.05 0.26
C GLU A 487 -3.77 -34.17 1.75
N SER B 3 -18.91 -24.34 -51.32
CA SER B 3 -17.85 -24.55 -52.36
C SER B 3 -16.67 -23.61 -52.10
N SER B 4 -16.86 -22.33 -52.40
CA SER B 4 -15.81 -21.34 -52.20
C SER B 4 -15.47 -21.22 -50.71
N VAL B 5 -14.20 -21.45 -50.38
CA VAL B 5 -13.74 -21.38 -48.99
C VAL B 5 -14.12 -20.01 -48.42
N PRO B 6 -14.52 -19.93 -47.15
CA PRO B 6 -14.94 -18.62 -46.61
C PRO B 6 -13.77 -17.65 -46.51
N THR B 7 -14.08 -16.37 -46.66
CA THR B 7 -13.10 -15.30 -46.60
C THR B 7 -13.34 -14.44 -45.37
N VAL B 8 -12.32 -14.29 -44.53
CA VAL B 8 -12.43 -13.48 -43.34
C VAL B 8 -12.31 -12.00 -43.72
N LYS B 9 -13.25 -11.18 -43.26
CA LYS B 9 -13.27 -9.78 -43.61
C LYS B 9 -12.57 -8.94 -42.53
N LEU B 10 -12.07 -7.78 -42.95
CA LEU B 10 -11.48 -6.84 -42.02
C LEU B 10 -12.58 -6.15 -41.21
N PHE B 11 -12.16 -5.33 -40.25
CA PHE B 11 -13.07 -4.58 -39.39
C PHE B 11 -12.63 -3.11 -39.40
N ILE B 12 -13.37 -2.27 -40.12
CA ILE B 12 -13.07 -0.85 -40.23
C ILE B 12 -14.37 -0.08 -40.14
N GLY B 13 -14.33 1.05 -39.42
CA GLY B 13 -15.50 1.89 -39.29
C GLY B 13 -16.70 1.20 -38.68
N GLY B 14 -16.47 0.19 -37.84
CA GLY B 14 -17.57 -0.51 -37.20
C GLY B 14 -18.34 -1.43 -38.11
N LYS B 15 -17.77 -1.84 -39.23
CA LYS B 15 -18.42 -2.75 -40.16
C LYS B 15 -17.40 -3.68 -40.78
N PHE B 16 -17.81 -4.92 -41.03
CA PHE B 16 -16.92 -5.89 -41.66
C PHE B 16 -16.88 -5.65 -43.16
N VAL B 17 -15.67 -5.47 -43.69
CA VAL B 17 -15.46 -5.17 -45.11
C VAL B 17 -14.42 -6.13 -45.65
N GLU B 18 -14.62 -6.58 -46.89
CA GLU B 18 -13.69 -7.51 -47.53
C GLU B 18 -12.52 -6.74 -48.13
N SER B 19 -11.34 -7.36 -48.07
CA SER B 19 -10.14 -6.73 -48.59
C SER B 19 -10.13 -6.76 -50.11
N LYS B 20 -9.51 -5.74 -50.70
CA LYS B 20 -9.35 -5.66 -52.15
C LYS B 20 -8.07 -6.34 -52.63
N SER B 21 -7.16 -6.69 -51.73
CA SER B 21 -5.90 -7.29 -52.13
C SER B 21 -6.12 -8.66 -52.77
N ASP B 22 -5.18 -9.04 -53.63
CA ASP B 22 -5.23 -10.37 -54.26
C ASP B 22 -4.39 -11.39 -53.49
N LYS B 23 -3.63 -10.96 -52.48
CA LYS B 23 -2.79 -11.86 -51.69
C LYS B 23 -3.64 -12.61 -50.67
N TRP B 24 -4.58 -13.40 -51.18
CA TRP B 24 -5.48 -14.19 -50.34
C TRP B 24 -4.76 -15.46 -49.90
N ILE B 25 -4.12 -15.38 -48.72
CA ILE B 25 -3.45 -16.56 -48.18
C ILE B 25 -4.50 -17.57 -47.72
N ASP B 26 -4.20 -18.85 -47.92
CA ASP B 26 -5.10 -19.93 -47.55
C ASP B 26 -4.68 -20.49 -46.19
N ILE B 27 -5.66 -20.69 -45.32
CA ILE B 27 -5.44 -21.20 -43.97
C ILE B 27 -5.98 -22.62 -43.91
N HIS B 28 -5.15 -23.55 -43.44
CA HIS B 28 -5.52 -24.95 -43.35
C HIS B 28 -5.86 -25.33 -41.91
N ASN B 29 -6.72 -26.32 -41.77
CA ASN B 29 -7.01 -26.87 -40.45
C ASN B 29 -5.86 -27.78 -40.03
N PRO B 30 -5.34 -27.63 -38.80
CA PRO B 30 -4.16 -28.42 -38.41
C PRO B 30 -4.45 -29.91 -38.24
N ALA B 31 -5.69 -30.30 -38.00
CA ALA B 31 -6.02 -31.71 -37.82
C ALA B 31 -6.16 -32.45 -39.14
N THR B 32 -6.44 -31.73 -40.24
CA THR B 32 -6.59 -32.36 -41.55
C THR B 32 -5.83 -31.64 -42.65
N ASN B 33 -5.23 -30.49 -42.39
CA ASN B 33 -4.50 -29.75 -43.41
C ASN B 33 -5.39 -29.41 -44.60
N GLU B 34 -6.67 -29.17 -44.31
CA GLU B 34 -7.65 -28.80 -45.33
C GLU B 34 -7.98 -27.31 -45.19
N VAL B 35 -8.05 -26.63 -46.33
CA VAL B 35 -8.31 -25.19 -46.35
C VAL B 35 -9.69 -24.91 -45.79
N ILE B 36 -9.75 -24.27 -44.62
CA ILE B 36 -11.02 -23.88 -44.02
C ILE B 36 -11.37 -22.42 -44.29
N GLY B 37 -10.44 -21.65 -44.85
CA GLY B 37 -10.69 -20.25 -45.13
C GLY B 37 -9.43 -19.60 -45.66
N ARG B 38 -9.58 -18.33 -46.02
CA ARG B 38 -8.47 -17.54 -46.54
C ARG B 38 -8.44 -16.19 -45.85
N VAL B 39 -7.23 -15.63 -45.72
CA VAL B 39 -7.04 -14.33 -45.07
C VAL B 39 -6.32 -13.42 -46.05
N PRO B 40 -6.81 -12.20 -46.29
CA PRO B 40 -6.13 -11.31 -47.23
C PRO B 40 -5.11 -10.40 -46.56
N GLN B 41 -4.07 -10.06 -47.31
CA GLN B 41 -3.08 -9.09 -46.86
C GLN B 41 -3.57 -7.69 -47.22
N ALA B 42 -3.99 -6.94 -46.20
CA ALA B 42 -4.58 -5.63 -46.43
C ALA B 42 -3.65 -4.76 -47.26
N THR B 43 -4.24 -3.96 -48.14
CA THR B 43 -3.46 -3.04 -48.96
C THR B 43 -3.13 -1.77 -48.18
N LYS B 44 -2.19 -1.00 -48.73
CA LYS B 44 -1.83 0.27 -48.11
C LYS B 44 -3.05 1.16 -47.91
N ALA B 45 -3.96 1.18 -48.89
CA ALA B 45 -5.12 2.05 -48.80
C ALA B 45 -6.05 1.60 -47.67
N GLU B 46 -6.26 0.29 -47.54
CA GLU B 46 -7.15 -0.21 -46.49
C GLU B 46 -6.58 0.08 -45.10
N MET B 47 -5.27 -0.13 -44.92
CA MET B 47 -4.66 0.16 -43.63
C MET B 47 -4.71 1.66 -43.33
N ASP B 48 -4.50 2.49 -44.35
CA ASP B 48 -4.60 3.94 -44.16
C ASP B 48 -6.02 4.33 -43.75
N ALA B 49 -7.03 3.72 -44.38
CA ALA B 49 -8.41 4.03 -44.01
C ALA B 49 -8.72 3.58 -42.59
N ALA B 50 -8.20 2.41 -42.20
CA ALA B 50 -8.40 1.94 -40.84
C ALA B 50 -7.76 2.88 -39.83
N ILE B 51 -6.54 3.34 -40.12
CA ILE B 51 -5.86 4.27 -39.22
C ILE B 51 -6.61 5.59 -39.15
N ALA B 52 -7.15 6.06 -40.28
CA ALA B 52 -7.91 7.30 -40.28
C ALA B 52 -9.18 7.15 -39.46
N SER B 53 -9.86 6.01 -39.57
CA SER B 53 -11.04 5.77 -38.75
C SER B 53 -10.69 5.75 -37.26
N CYS B 54 -9.59 5.07 -36.93
CA CYS B 54 -9.14 5.05 -35.54
C CYS B 54 -8.84 6.45 -35.03
N LYS B 55 -8.18 7.27 -35.85
CA LYS B 55 -7.90 8.65 -35.47
C LYS B 55 -9.19 9.42 -35.23
N ARG B 56 -10.12 9.35 -36.18
CA ARG B 56 -11.38 10.09 -36.05
C ARG B 56 -12.19 9.62 -34.85
N ALA B 57 -12.04 8.35 -34.46
CA ALA B 57 -12.80 7.83 -33.33
C ALA B 57 -12.12 8.11 -32.00
N PHE B 58 -10.80 8.31 -31.99
CA PHE B 58 -10.10 8.52 -30.72
C PHE B 58 -10.68 9.66 -29.90
N PRO B 59 -11.00 10.83 -30.46
CA PRO B 59 -11.52 11.92 -29.62
C PRO B 59 -12.76 11.54 -28.83
N ALA B 60 -13.78 10.99 -29.50
CA ALA B 60 -15.02 10.65 -28.81
C ALA B 60 -14.79 9.60 -27.74
N TRP B 61 -14.05 8.54 -28.07
CA TRP B 61 -13.82 7.46 -27.11
C TRP B 61 -13.00 7.97 -25.92
N ALA B 62 -12.09 8.91 -26.15
CA ALA B 62 -11.31 9.47 -25.05
C ALA B 62 -12.17 10.36 -24.16
N ASP B 63 -13.03 11.17 -24.76
CA ASP B 63 -13.94 12.00 -23.98
C ASP B 63 -14.95 11.18 -23.20
N THR B 64 -15.16 9.93 -23.59
CA THR B 64 -16.10 9.07 -22.86
C THR B 64 -15.62 8.85 -21.43
N SER B 65 -16.57 8.82 -20.51
CA SER B 65 -16.24 8.63 -19.09
C SER B 65 -15.71 7.24 -18.85
N VAL B 66 -14.89 7.11 -17.80
CA VAL B 66 -14.31 5.81 -17.46
C VAL B 66 -15.41 4.81 -17.12
N LEU B 67 -16.50 5.29 -16.49
CA LEU B 67 -17.57 4.39 -16.08
C LEU B 67 -18.28 3.80 -17.30
N SER B 68 -18.45 4.60 -18.36
CA SER B 68 -19.07 4.09 -19.57
C SER B 68 -18.23 3.00 -20.22
N ARG B 69 -16.91 3.21 -20.28
CA ARG B 69 -16.03 2.20 -20.84
C ARG B 69 -16.03 0.94 -19.97
N GLN B 70 -16.10 1.11 -18.65
CA GLN B 70 -16.16 -0.05 -17.77
C GLN B 70 -17.45 -0.83 -17.99
N GLN B 71 -18.57 -0.14 -18.17
CA GLN B 71 -19.83 -0.81 -18.45
C GLN B 71 -19.77 -1.53 -19.80
N VAL B 72 -19.13 -0.91 -20.79
CA VAL B 72 -18.96 -1.56 -22.09
C VAL B 72 -18.15 -2.85 -21.94
N LEU B 73 -17.05 -2.78 -21.17
CA LEU B 73 -16.24 -3.98 -20.96
C LEU B 73 -17.01 -5.05 -20.21
N LEU B 74 -17.87 -4.65 -19.26
CA LEU B 74 -18.68 -5.62 -18.53
C LEU B 74 -19.67 -6.30 -19.46
N ARG B 75 -20.34 -5.52 -20.31
CA ARG B 75 -21.26 -6.10 -21.29
C ARG B 75 -20.53 -7.03 -22.26
N TYR B 76 -19.30 -6.67 -22.63
CA TYR B 76 -18.51 -7.53 -23.51
C TYR B 76 -18.15 -8.83 -22.83
N GLN B 77 -17.74 -8.77 -21.55
CA GLN B 77 -17.48 -9.98 -20.79
C GLN B 77 -18.73 -10.85 -20.71
N GLN B 78 -19.88 -10.24 -20.48
CA GLN B 78 -21.14 -10.98 -20.45
C GLN B 78 -21.38 -11.68 -21.78
N LEU B 79 -21.24 -10.96 -22.88
CA LEU B 79 -21.45 -11.55 -24.20
C LEU B 79 -20.50 -12.72 -24.43
N ILE B 80 -19.24 -12.58 -24.01
CA ILE B 80 -18.30 -13.69 -24.16
C ILE B 80 -18.77 -14.89 -23.34
N LYS B 81 -19.16 -14.64 -22.09
CA LYS B 81 -19.67 -15.72 -21.25
C LYS B 81 -20.84 -16.44 -21.92
N GLU B 82 -21.71 -15.68 -22.59
CA GLU B 82 -22.85 -16.30 -23.26
C GLU B 82 -22.43 -17.10 -24.50
N ASN B 83 -21.34 -16.68 -25.15
CA ASN B 83 -20.85 -17.34 -26.35
C ASN B 83 -19.54 -18.10 -26.13
N LEU B 84 -19.24 -18.50 -24.89
CA LEU B 84 -17.99 -19.20 -24.63
C LEU B 84 -17.88 -20.48 -25.44
N LYS B 85 -18.98 -21.23 -25.57
CA LYS B 85 -18.94 -22.50 -26.27
C LYS B 85 -18.62 -22.30 -27.75
N GLU B 86 -19.25 -21.31 -28.38
CA GLU B 86 -19.01 -21.04 -29.79
C GLU B 86 -17.57 -20.61 -30.01
N ILE B 87 -17.05 -19.74 -29.15
CA ILE B 87 -15.66 -19.29 -29.28
C ILE B 87 -14.71 -20.45 -29.12
N ALA B 88 -14.99 -21.34 -28.16
CA ALA B 88 -14.13 -22.50 -27.94
C ALA B 88 -14.13 -23.42 -29.15
N LYS B 89 -15.32 -23.68 -29.70
CA LYS B 89 -15.41 -24.54 -30.88
C LYS B 89 -14.67 -23.91 -32.06
N LEU B 90 -14.80 -22.59 -32.24
CA LEU B 90 -14.10 -21.92 -33.33
C LEU B 90 -12.60 -22.00 -33.16
N ILE B 91 -12.11 -21.80 -31.93
CA ILE B 91 -10.68 -21.90 -31.67
C ILE B 91 -10.19 -23.32 -31.94
N THR B 92 -10.95 -24.33 -31.51
CA THR B 92 -10.54 -25.70 -31.75
C THR B 92 -10.50 -26.02 -33.25
N LEU B 93 -11.50 -25.57 -34.00
CA LEU B 93 -11.53 -25.83 -35.43
C LEU B 93 -10.41 -25.09 -36.15
N GLU B 94 -10.06 -23.90 -35.67
CA GLU B 94 -9.10 -23.06 -36.38
C GLU B 94 -7.66 -23.30 -35.90
N GLN B 95 -7.47 -23.53 -34.59
CA GLN B 95 -6.14 -23.73 -34.04
C GLN B 95 -5.81 -25.17 -33.73
N GLY B 96 -6.81 -26.05 -33.59
CA GLY B 96 -6.58 -27.46 -33.36
C GLY B 96 -6.51 -27.90 -31.93
N LYS B 97 -6.24 -27.00 -30.99
CA LYS B 97 -6.15 -27.38 -29.59
C LYS B 97 -7.49 -27.93 -29.10
N THR B 98 -7.43 -28.70 -28.02
CA THR B 98 -8.61 -29.35 -27.49
C THR B 98 -9.62 -28.31 -27.00
N LEU B 99 -10.88 -28.75 -26.88
CA LEU B 99 -11.93 -27.86 -26.41
C LEU B 99 -11.62 -27.32 -25.02
N ALA B 100 -11.05 -28.17 -24.15
CA ALA B 100 -10.70 -27.72 -22.81
C ALA B 100 -9.68 -26.59 -22.86
N ASP B 101 -8.70 -26.69 -23.76
CA ASP B 101 -7.69 -25.64 -23.88
C ASP B 101 -8.32 -24.34 -24.35
N ALA B 102 -9.26 -24.42 -25.30
CA ALA B 102 -9.93 -23.21 -25.78
C ALA B 102 -10.78 -22.59 -24.67
N GLU B 103 -11.47 -23.42 -23.88
CA GLU B 103 -12.23 -22.90 -22.76
C GLU B 103 -11.32 -22.22 -21.75
N GLY B 104 -10.13 -22.79 -21.51
CA GLY B 104 -9.17 -22.14 -20.64
C GLY B 104 -8.69 -20.83 -21.19
N ASP B 105 -8.47 -20.75 -22.50
CA ASP B 105 -8.10 -19.49 -23.12
C ASP B 105 -9.18 -18.44 -22.92
N VAL B 106 -10.44 -18.84 -23.12
CA VAL B 106 -11.55 -17.90 -22.92
C VAL B 106 -11.64 -17.48 -21.46
N PHE B 107 -11.33 -18.40 -20.54
CA PHE B 107 -11.36 -18.06 -19.13
C PHE B 107 -10.27 -17.06 -18.77
N ARG B 108 -9.06 -17.25 -19.30
CA ARG B 108 -8.01 -16.27 -19.11
C ARG B 108 -8.38 -14.93 -19.74
N GLY B 109 -9.09 -14.96 -20.87
CA GLY B 109 -9.58 -13.72 -21.46
C GLY B 109 -10.54 -12.98 -20.54
N LEU B 110 -11.49 -13.72 -19.98
CA LEU B 110 -12.40 -13.13 -18.99
C LEU B 110 -11.63 -12.57 -17.81
N GLN B 111 -10.61 -13.30 -17.35
CA GLN B 111 -9.82 -12.83 -16.21
C GLN B 111 -9.11 -11.51 -16.53
N VAL B 112 -8.50 -11.42 -17.71
CA VAL B 112 -7.79 -10.18 -18.05
C VAL B 112 -8.78 -9.05 -18.27
N VAL B 113 -9.97 -9.34 -18.79
CA VAL B 113 -10.99 -8.30 -18.91
C VAL B 113 -11.39 -7.78 -17.53
N GLU B 114 -11.64 -8.70 -16.58
CA GLU B 114 -11.96 -8.28 -15.23
C GLU B 114 -10.83 -7.46 -14.63
N HIS B 115 -9.59 -7.86 -14.87
CA HIS B 115 -8.45 -7.08 -14.39
C HIS B 115 -8.48 -5.67 -14.97
N ALA B 116 -8.77 -5.55 -16.27
CA ALA B 116 -8.87 -4.24 -16.89
C ALA B 116 -9.99 -3.42 -16.27
N CYS B 117 -11.04 -4.09 -15.79
CA CYS B 117 -12.16 -3.37 -15.19
C CYS B 117 -11.74 -2.60 -13.95
N SER B 118 -10.60 -2.94 -13.35
CA SER B 118 -10.11 -2.25 -12.16
C SER B 118 -9.39 -0.95 -12.50
N VAL B 119 -9.61 -0.40 -13.70
CA VAL B 119 -8.90 0.80 -14.11
C VAL B 119 -9.73 2.05 -13.81
N THR B 120 -10.67 1.93 -12.88
CA THR B 120 -11.69 2.97 -12.60
C THR B 120 -11.04 4.35 -12.73
N SER B 121 -9.92 4.62 -12.06
CA SER B 121 -9.22 5.89 -12.20
C SER B 121 -7.82 5.76 -11.63
N LEU B 122 -6.83 6.18 -12.41
CA LEU B 122 -5.43 6.18 -11.97
C LEU B 122 -4.65 7.41 -12.41
N MET B 123 -5.23 8.32 -13.18
CA MET B 123 -4.52 9.49 -13.66
C MET B 123 -4.57 10.61 -12.63
N LEU B 142 -3.33 10.24 -19.22
CA LEU B 142 -4.26 10.44 -20.32
C LEU B 142 -3.92 9.51 -21.48
N PRO B 143 -4.92 9.17 -22.29
CA PRO B 143 -4.67 8.23 -23.40
C PRO B 143 -3.68 8.79 -24.41
N LEU B 144 -2.88 7.91 -24.98
CA LEU B 144 -1.88 8.32 -25.96
C LEU B 144 -2.53 8.63 -27.30
N GLY B 145 -3.34 7.72 -27.81
CA GLY B 145 -3.94 7.87 -29.12
C GLY B 145 -4.13 6.55 -29.83
N VAL B 146 -3.59 6.44 -31.04
CA VAL B 146 -3.70 5.22 -31.85
C VAL B 146 -2.70 4.20 -31.33
N CYS B 147 -3.20 3.03 -30.95
CA CYS B 147 -2.37 1.94 -30.48
C CYS B 147 -2.48 0.76 -31.44
N ALA B 148 -1.40 -0.02 -31.51
CA ALA B 148 -1.31 -1.15 -32.42
C ALA B 148 -0.98 -2.42 -31.65
N GLY B 149 -1.43 -3.55 -32.19
CA GLY B 149 -1.16 -4.84 -31.59
C GLY B 149 -0.76 -5.90 -32.60
N ILE B 150 0.37 -6.56 -32.36
CA ILE B 150 0.86 -7.62 -33.24
C ILE B 150 0.88 -8.91 -32.43
N ALA B 151 0.17 -9.92 -32.92
CA ALA B 151 0.00 -11.17 -32.21
C ALA B 151 0.45 -12.34 -33.07
N PRO B 152 1.25 -13.26 -32.55
CA PRO B 152 1.58 -14.48 -33.31
C PRO B 152 0.50 -15.54 -33.14
N PHE B 153 0.76 -16.70 -33.75
CA PHE B 153 -0.18 -17.82 -33.74
C PHE B 153 -0.19 -18.57 -32.41
N ASN B 154 0.42 -18.07 -31.34
CA ASN B 154 0.46 -18.83 -30.09
C ASN B 154 -0.89 -18.81 -29.38
N PHE B 155 -1.55 -17.65 -29.32
CA PHE B 155 -2.83 -17.51 -28.62
C PHE B 155 -3.72 -16.56 -29.40
N PRO B 156 -4.69 -17.09 -30.16
CA PRO B 156 -5.58 -16.20 -30.92
C PRO B 156 -6.54 -15.41 -30.07
N ALA B 157 -7.03 -15.99 -28.96
CA ALA B 157 -8.05 -15.33 -28.15
C ALA B 157 -7.46 -14.51 -27.02
N MET B 158 -6.45 -15.06 -26.33
CA MET B 158 -5.90 -14.38 -25.15
C MET B 158 -5.14 -13.12 -25.54
N ILE B 159 -4.29 -13.20 -26.56
CA ILE B 159 -3.42 -12.07 -26.90
C ILE B 159 -4.24 -10.83 -27.25
N PRO B 160 -5.28 -10.90 -28.09
CA PRO B 160 -6.13 -9.71 -28.27
C PRO B 160 -6.69 -9.19 -26.97
N LEU B 161 -7.31 -10.06 -26.16
CA LEU B 161 -7.84 -9.64 -24.87
C LEU B 161 -6.75 -9.18 -23.91
N TRP B 162 -5.48 -9.47 -24.21
CA TRP B 162 -4.40 -8.90 -23.44
C TRP B 162 -4.15 -7.44 -23.82
N MET B 163 -4.19 -7.15 -25.12
CA MET B 163 -3.75 -5.84 -25.61
C MET B 163 -4.90 -4.84 -25.71
N PHE B 164 -5.93 -5.16 -26.49
CA PHE B 164 -6.87 -4.12 -26.89
C PHE B 164 -7.80 -3.69 -25.75
N PRO B 165 -8.21 -4.57 -24.82
CA PRO B 165 -9.13 -4.09 -23.77
C PRO B 165 -8.52 -3.02 -22.89
N MET B 166 -7.25 -3.15 -22.52
CA MET B 166 -6.60 -2.15 -21.69
C MET B 166 -6.56 -0.80 -22.39
N ALA B 167 -6.06 -0.76 -23.62
CA ALA B 167 -6.01 0.50 -24.36
C ALA B 167 -7.40 1.08 -24.57
N MET B 168 -8.39 0.22 -24.79
CA MET B 168 -9.76 0.69 -24.97
C MET B 168 -10.28 1.36 -23.70
N VAL B 169 -10.25 0.66 -22.58
CA VAL B 169 -10.80 1.20 -21.35
C VAL B 169 -10.00 2.43 -20.90
N CYS B 170 -8.71 2.48 -21.22
CA CYS B 170 -7.91 3.65 -20.87
C CYS B 170 -8.29 4.87 -21.70
N GLY B 171 -9.09 4.69 -22.74
CA GLY B 171 -9.49 5.78 -23.60
C GLY B 171 -8.85 5.80 -24.97
N ASN B 172 -7.93 4.88 -25.25
CA ASN B 172 -7.27 4.85 -26.54
C ASN B 172 -8.00 3.90 -27.50
N THR B 173 -7.93 4.22 -28.78
CA THR B 173 -8.43 3.36 -29.84
C THR B 173 -7.32 2.42 -30.31
N PHE B 174 -7.69 1.17 -30.59
CA PHE B 174 -6.72 0.12 -30.83
C PHE B 174 -6.83 -0.39 -32.26
N LEU B 175 -5.69 -0.72 -32.84
CA LEU B 175 -5.60 -1.33 -34.17
C LEU B 175 -4.93 -2.69 -34.01
N MET B 176 -5.72 -3.75 -34.10
CA MET B 176 -5.24 -5.10 -33.84
C MET B 176 -4.94 -5.81 -35.15
N LYS B 177 -3.75 -6.41 -35.25
CA LYS B 177 -3.38 -7.24 -36.38
C LYS B 177 -3.20 -8.67 -35.89
N PRO B 178 -4.24 -9.50 -35.91
CA PRO B 178 -4.13 -10.85 -35.34
C PRO B 178 -3.19 -11.73 -36.16
N SER B 179 -3.03 -12.96 -35.67
CA SER B 179 -2.19 -13.93 -36.36
C SER B 179 -2.81 -14.29 -37.70
N GLU B 180 -1.98 -14.29 -38.74
CA GLU B 180 -2.44 -14.60 -40.09
C GLU B 180 -3.09 -15.97 -40.16
N ARG B 181 -2.72 -16.87 -39.24
CA ARG B 181 -3.18 -18.25 -39.31
C ARG B 181 -4.46 -18.50 -38.52
N VAL B 182 -4.88 -17.57 -37.68
CA VAL B 182 -6.07 -17.77 -36.85
C VAL B 182 -6.79 -16.44 -36.62
N PRO B 183 -7.41 -15.86 -37.65
CA PRO B 183 -8.12 -14.58 -37.43
C PRO B 183 -9.57 -14.75 -36.98
N GLY B 184 -10.13 -15.94 -37.18
CA GLY B 184 -11.56 -16.12 -36.94
C GLY B 184 -11.96 -15.86 -35.51
N ALA B 185 -11.18 -16.37 -34.55
CA ALA B 185 -11.53 -16.22 -33.14
C ALA B 185 -11.63 -14.75 -32.76
N THR B 186 -10.59 -13.97 -33.06
CA THR B 186 -10.63 -12.54 -32.77
C THR B 186 -11.72 -11.82 -33.57
N MET B 187 -12.08 -12.35 -34.75
CA MET B 187 -13.16 -11.72 -35.50
C MET B 187 -14.49 -11.90 -34.79
N LEU B 188 -14.78 -13.10 -34.30
CA LEU B 188 -15.99 -13.31 -33.51
C LEU B 188 -15.94 -12.49 -32.23
N LEU B 189 -14.75 -12.36 -31.62
CA LEU B 189 -14.61 -11.55 -30.43
C LEU B 189 -14.94 -10.09 -30.71
N ALA B 190 -14.48 -9.57 -31.85
CA ALA B 190 -14.77 -8.18 -32.21
C ALA B 190 -16.23 -8.00 -32.55
N LYS B 191 -16.86 -9.02 -33.16
CA LYS B 191 -18.30 -8.97 -33.38
C LYS B 191 -19.03 -8.85 -32.05
N LEU B 192 -18.70 -9.70 -31.09
CA LEU B 192 -19.33 -9.62 -29.78
C LEU B 192 -19.06 -8.27 -29.11
N LEU B 193 -17.86 -7.72 -29.28
CA LEU B 193 -17.56 -6.41 -28.72
C LEU B 193 -18.45 -5.33 -29.32
N GLN B 194 -18.60 -5.35 -30.65
CA GLN B 194 -19.49 -4.40 -31.30
C GLN B 194 -20.92 -4.57 -30.79
N ASP B 195 -21.32 -5.82 -30.52
CA ASP B 195 -22.64 -6.05 -29.92
C ASP B 195 -22.74 -5.49 -28.51
N SER B 196 -21.61 -5.28 -27.84
CA SER B 196 -21.61 -4.73 -26.49
C SER B 196 -21.81 -3.22 -26.46
N GLY B 197 -22.10 -2.59 -27.59
CA GLY B 197 -22.30 -1.16 -27.63
C GLY B 197 -21.06 -0.34 -27.87
N ALA B 198 -19.98 -0.97 -28.31
CA ALA B 198 -18.75 -0.22 -28.57
C ALA B 198 -18.98 0.76 -29.73
N PRO B 199 -18.60 2.02 -29.58
CA PRO B 199 -18.78 2.97 -30.69
C PRO B 199 -18.04 2.50 -31.94
N ASP B 200 -18.64 2.78 -33.09
CA ASP B 200 -18.03 2.39 -34.36
C ASP B 200 -16.71 3.15 -34.56
N GLY B 201 -15.75 2.48 -35.19
CA GLY B 201 -14.46 3.06 -35.44
C GLY B 201 -13.50 3.04 -34.28
N THR B 202 -13.95 2.64 -33.08
CA THR B 202 -13.06 2.60 -31.93
C THR B 202 -12.03 1.49 -32.08
N LEU B 203 -12.46 0.29 -32.47
CA LEU B 203 -11.57 -0.84 -32.69
C LEU B 203 -11.50 -1.13 -34.18
N ASN B 204 -10.28 -1.33 -34.68
CA ASN B 204 -10.04 -1.64 -36.08
C ASN B 204 -9.14 -2.87 -36.17
N ILE B 205 -9.39 -3.71 -37.16
CA ILE B 205 -8.66 -4.97 -37.35
C ILE B 205 -8.23 -5.06 -38.80
N ILE B 206 -6.96 -5.43 -39.01
CA ILE B 206 -6.41 -5.64 -40.33
C ILE B 206 -5.60 -6.93 -40.34
N HIS B 207 -5.33 -7.42 -41.54
CA HIS B 207 -4.55 -8.64 -41.73
C HIS B 207 -3.46 -8.38 -42.76
N GLY B 208 -2.36 -9.09 -42.62
CA GLY B 208 -1.24 -8.93 -43.53
C GLY B 208 0.01 -9.59 -42.98
N GLN B 209 0.98 -9.75 -43.87
CA GLN B 209 2.26 -10.39 -43.53
C GLN B 209 3.26 -9.34 -43.08
N HIS B 210 4.55 -9.71 -43.03
CA HIS B 210 5.59 -8.80 -42.56
C HIS B 210 5.40 -7.38 -43.06
N GLU B 211 4.87 -7.23 -44.29
CA GLU B 211 4.59 -5.89 -44.81
C GLU B 211 3.66 -5.12 -43.88
N ALA B 212 2.69 -5.81 -43.28
CA ALA B 212 1.77 -5.14 -42.36
C ALA B 212 2.50 -4.62 -41.13
N VAL B 213 3.42 -5.41 -40.58
CA VAL B 213 4.20 -4.96 -39.43
C VAL B 213 5.07 -3.78 -39.83
N ASN B 214 5.67 -3.84 -41.03
CA ASN B 214 6.47 -2.72 -41.51
C ASN B 214 5.63 -1.45 -41.59
N PHE B 215 4.42 -1.55 -42.12
CA PHE B 215 3.53 -0.40 -42.19
C PHE B 215 3.22 0.13 -40.79
N ILE B 216 2.79 -0.76 -39.89
CA ILE B 216 2.41 -0.34 -38.55
C ILE B 216 3.57 0.35 -37.85
N CYS B 217 4.80 -0.09 -38.10
CA CYS B 217 5.95 0.52 -37.44
C CYS B 217 6.34 1.83 -38.12
N ASP B 218 6.14 1.93 -39.43
CA ASP B 218 6.55 3.13 -40.16
C ASP B 218 5.52 4.25 -40.02
N HIS B 219 4.24 3.93 -40.16
CA HIS B 219 3.19 4.94 -40.11
C HIS B 219 3.24 5.66 -38.77
N PRO B 220 3.58 6.96 -38.73
CA PRO B 220 3.71 7.64 -37.43
C PRO B 220 2.41 7.75 -36.66
N ASP B 221 1.26 7.51 -37.30
CA ASP B 221 -0.01 7.60 -36.59
C ASP B 221 -0.03 6.70 -35.36
N ILE B 222 0.56 5.51 -35.48
CA ILE B 222 0.60 4.57 -34.36
C ILE B 222 1.58 5.10 -33.33
N LYS B 223 1.11 5.25 -32.08
CA LYS B 223 1.93 5.76 -31.00
C LYS B 223 2.46 4.66 -30.08
N ALA B 224 1.78 3.51 -30.02
CA ALA B 224 2.20 2.41 -29.17
C ALA B 224 1.98 1.09 -29.91
N ILE B 225 2.86 0.13 -29.64
CA ILE B 225 2.80 -1.19 -30.27
C ILE B 225 3.01 -2.24 -29.19
N SER B 226 2.30 -3.36 -29.31
CA SER B 226 2.42 -4.49 -28.40
C SER B 226 2.68 -5.76 -29.19
N PHE B 227 3.67 -6.53 -28.75
CA PHE B 227 4.06 -7.76 -29.44
C PHE B 227 4.57 -8.77 -28.43
N VAL B 228 4.36 -10.05 -28.75
CA VAL B 228 4.82 -11.16 -27.93
C VAL B 228 5.17 -12.33 -28.84
N GLY B 229 5.82 -13.34 -28.26
CA GLY B 229 6.13 -14.56 -28.97
C GLY B 229 7.60 -14.65 -29.36
N SER B 230 7.85 -14.73 -30.66
CA SER B 230 9.21 -14.92 -31.17
C SER B 230 10.16 -13.87 -30.61
N ASN B 231 11.41 -14.27 -30.41
CA ASN B 231 12.40 -13.35 -29.85
C ASN B 231 12.95 -12.41 -30.91
N LYS B 232 13.39 -12.96 -32.04
CA LYS B 232 13.99 -12.13 -33.09
C LYS B 232 12.96 -11.18 -33.68
N ALA B 233 11.72 -11.65 -33.85
CA ALA B 233 10.67 -10.77 -34.36
C ALA B 233 10.41 -9.62 -33.40
N GLY B 234 10.36 -9.92 -32.10
CA GLY B 234 10.19 -8.86 -31.11
C GLY B 234 11.34 -7.87 -31.12
N GLU B 235 12.56 -8.37 -31.24
CA GLU B 235 13.72 -7.48 -31.31
C GLU B 235 13.62 -6.57 -32.54
N TYR B 236 13.27 -7.14 -33.69
CA TYR B 236 13.13 -6.34 -34.90
C TYR B 236 12.05 -5.27 -34.73
N ILE B 237 10.91 -5.66 -34.14
CA ILE B 237 9.82 -4.71 -33.96
C ILE B 237 10.24 -3.59 -33.01
N PHE B 238 10.94 -3.94 -31.94
CA PHE B 238 11.40 -2.92 -30.99
C PHE B 238 12.40 -1.98 -31.65
N GLU B 239 13.32 -2.53 -32.45
CA GLU B 239 14.28 -1.68 -33.15
C GLU B 239 13.57 -0.73 -34.11
N ARG B 240 12.60 -1.25 -34.88
CA ARG B 240 11.89 -0.39 -35.82
C ARG B 240 11.08 0.68 -35.10
N GLY B 241 10.49 0.35 -33.95
CA GLY B 241 9.75 1.32 -33.17
C GLY B 241 10.64 2.41 -32.63
N SER B 242 11.76 2.02 -32.02
CA SER B 242 12.74 3.01 -31.56
C SER B 242 13.24 3.87 -32.71
N ARG B 243 13.36 3.29 -33.90
CA ARG B 243 13.74 4.07 -35.07
C ARG B 243 12.69 5.12 -35.39
N HIS B 244 11.42 4.71 -35.37
CA HIS B 244 10.31 5.62 -35.60
C HIS B 244 9.78 6.23 -34.31
N GLY B 245 10.39 5.93 -33.17
CA GLY B 245 9.98 6.52 -31.91
C GLY B 245 8.58 6.14 -31.47
N LYS B 246 8.37 4.86 -31.17
CA LYS B 246 7.10 4.37 -30.66
C LYS B 246 7.33 3.52 -29.42
N ARG B 247 6.35 3.54 -28.52
CA ARG B 247 6.42 2.75 -27.31
C ARG B 247 6.10 1.29 -27.62
N VAL B 248 7.07 0.41 -27.38
CA VAL B 248 6.96 -1.00 -27.75
C VAL B 248 7.24 -1.82 -26.50
N GLN B 249 6.21 -2.47 -25.96
CA GLN B 249 6.37 -3.38 -24.82
C GLN B 249 6.47 -4.82 -25.34
N ALA B 250 7.57 -5.08 -26.05
CA ALA B 250 7.80 -6.38 -26.69
C ALA B 250 8.22 -7.39 -25.63
N ASN B 251 7.22 -8.13 -25.14
CA ASN B 251 7.44 -9.18 -24.16
C ASN B 251 7.73 -10.49 -24.90
N MET B 252 8.99 -10.65 -25.29
CA MET B 252 9.39 -11.84 -26.05
C MET B 252 9.27 -13.09 -25.18
N GLY B 253 9.14 -14.23 -25.85
CA GLY B 253 9.07 -15.51 -25.16
C GLY B 253 10.41 -15.90 -24.55
N ALA B 254 10.36 -16.97 -23.77
CA ALA B 254 11.57 -17.47 -23.11
C ALA B 254 11.31 -18.89 -22.63
N LYS B 255 12.39 -19.65 -22.49
CA LYS B 255 12.28 -21.02 -22.01
C LYS B 255 12.09 -21.04 -20.50
N ASN B 256 11.49 -22.12 -20.01
CA ASN B 256 11.21 -22.29 -18.59
C ASN B 256 11.89 -23.57 -18.11
N HIS B 257 12.67 -23.45 -17.04
CA HIS B 257 13.43 -24.56 -16.49
C HIS B 257 12.78 -25.01 -15.18
N GLY B 258 12.45 -26.30 -15.11
CA GLY B 258 11.85 -26.88 -13.92
C GLY B 258 12.82 -27.80 -13.21
N VAL B 259 12.97 -27.58 -11.91
CA VAL B 259 13.85 -28.38 -11.06
C VAL B 259 12.98 -29.25 -10.16
N VAL B 260 13.32 -30.53 -10.07
CA VAL B 260 12.56 -31.50 -9.29
C VAL B 260 13.48 -32.07 -8.22
N MET B 261 13.10 -31.88 -6.96
CA MET B 261 13.88 -32.42 -5.85
C MET B 261 13.40 -33.83 -5.51
N PRO B 262 14.28 -34.67 -4.95
CA PRO B 262 13.85 -36.04 -4.61
C PRO B 262 12.72 -36.09 -3.61
N ASP B 263 12.59 -35.08 -2.75
CA ASP B 263 11.54 -35.07 -1.72
C ASP B 263 10.21 -34.55 -2.24
N ALA B 264 10.12 -34.17 -3.51
CA ALA B 264 8.86 -33.68 -4.06
C ALA B 264 7.88 -34.83 -4.25
N ASN B 265 6.59 -34.49 -4.28
CA ASN B 265 5.54 -35.48 -4.52
C ASN B 265 5.73 -36.07 -5.90
N LYS B 266 6.08 -37.35 -5.96
CA LYS B 266 6.40 -37.98 -7.24
C LYS B 266 5.21 -37.93 -8.19
N GLU B 267 4.05 -38.43 -7.74
CA GLU B 267 2.89 -38.50 -8.62
C GLU B 267 2.45 -37.11 -9.06
N ASN B 268 2.27 -36.19 -8.11
CA ASN B 268 1.81 -34.85 -8.45
C ASN B 268 2.83 -34.12 -9.32
N THR B 269 4.12 -34.25 -9.00
CA THR B 269 5.15 -33.59 -9.78
C THR B 269 5.16 -34.11 -11.22
N LEU B 270 5.08 -35.42 -11.38
CA LEU B 270 5.08 -35.99 -12.73
C LEU B 270 3.84 -35.57 -13.49
N ASN B 271 2.68 -35.52 -12.83
CA ASN B 271 1.47 -35.07 -13.51
C ASN B 271 1.60 -33.62 -13.95
N GLN B 272 2.13 -32.75 -13.07
CA GLN B 272 2.32 -31.36 -13.44
C GLN B 272 3.28 -31.23 -14.62
N LEU B 273 4.38 -31.98 -14.59
CA LEU B 273 5.34 -31.92 -15.70
C LEU B 273 4.69 -32.36 -17.00
N VAL B 274 3.96 -33.47 -16.97
CA VAL B 274 3.34 -33.98 -18.19
C VAL B 274 2.30 -33.00 -18.72
N GLY B 275 1.57 -32.35 -17.81
CA GLY B 275 0.54 -31.42 -18.25
C GLY B 275 1.12 -30.14 -18.83
N ALA B 276 2.09 -29.54 -18.13
CA ALA B 276 2.65 -28.27 -18.59
C ALA B 276 3.60 -28.47 -19.77
N ALA B 277 4.34 -29.57 -19.79
CA ALA B 277 5.31 -29.79 -20.86
C ALA B 277 4.65 -30.15 -22.18
N PHE B 278 3.54 -30.89 -22.13
CA PHE B 278 2.85 -31.32 -23.35
C PHE B 278 1.49 -30.67 -23.53
N GLY B 279 1.00 -29.92 -22.54
CA GLY B 279 -0.28 -29.25 -22.70
C GLY B 279 -0.29 -28.33 -23.90
N ALA B 280 -1.41 -28.33 -24.62
CA ALA B 280 -1.57 -27.51 -25.82
C ALA B 280 -0.46 -27.79 -26.83
N ALA B 281 0.04 -29.03 -26.84
CA ALA B 281 1.10 -29.44 -27.76
C ALA B 281 2.35 -28.58 -27.57
N GLY B 282 2.52 -28.01 -26.38
CA GLY B 282 3.67 -27.17 -26.10
C GLY B 282 3.80 -25.95 -26.98
N GLN B 283 2.74 -25.55 -27.68
CA GLN B 283 2.81 -24.41 -28.58
C GLN B 283 2.59 -23.08 -27.87
N ARG B 284 2.17 -23.10 -26.61
CA ARG B 284 1.96 -21.86 -25.89
C ARG B 284 3.24 -21.05 -25.82
N CYS B 285 3.10 -19.75 -25.52
CA CYS B 285 4.25 -18.86 -25.53
C CYS B 285 5.32 -19.32 -24.55
N MET B 286 4.91 -19.77 -23.36
CA MET B 286 5.83 -20.22 -22.33
C MET B 286 5.32 -21.51 -21.71
N ALA B 287 6.18 -22.52 -21.66
CA ALA B 287 5.82 -23.81 -21.08
C ALA B 287 7.07 -24.41 -20.44
N LEU B 288 6.84 -25.33 -19.49
CA LEU B 288 7.92 -25.99 -18.77
C LEU B 288 8.53 -27.10 -19.64
N SER B 289 9.13 -26.67 -20.75
CA SER B 289 9.71 -27.61 -21.70
C SER B 289 11.04 -28.21 -21.24
N THR B 290 11.59 -27.73 -20.13
CA THR B 290 12.86 -28.22 -19.61
C THR B 290 12.68 -28.67 -18.18
N ALA B 291 13.23 -29.85 -17.86
CA ALA B 291 13.14 -30.42 -16.53
C ALA B 291 14.54 -30.83 -16.06
N VAL B 292 14.88 -30.49 -14.83
CA VAL B 292 16.18 -30.81 -14.24
C VAL B 292 15.93 -31.73 -13.06
N LEU B 293 16.18 -33.02 -13.25
CA LEU B 293 15.99 -34.02 -12.19
C LEU B 293 17.27 -34.10 -11.37
N VAL B 294 17.33 -33.33 -10.28
CA VAL B 294 18.50 -33.30 -9.41
C VAL B 294 18.37 -34.37 -8.35
N GLY B 295 19.51 -34.93 -7.94
CA GLY B 295 19.48 -35.96 -6.92
C GLY B 295 18.90 -37.26 -7.45
N GLU B 296 18.22 -37.98 -6.56
CA GLU B 296 17.62 -39.26 -6.94
C GLU B 296 16.37 -39.08 -7.79
N ALA B 297 15.97 -37.85 -8.09
CA ALA B 297 14.78 -37.63 -8.93
C ALA B 297 14.94 -38.27 -10.30
N LYS B 298 16.17 -38.47 -10.76
CA LYS B 298 16.39 -39.08 -12.06
C LYS B 298 15.78 -40.47 -12.14
N LYS B 299 15.61 -41.14 -11.00
CA LYS B 299 15.02 -42.47 -10.99
C LYS B 299 13.55 -42.46 -11.39
N TRP B 300 12.93 -41.28 -11.49
CA TRP B 300 11.52 -41.16 -11.85
C TRP B 300 11.27 -41.19 -13.35
N LEU B 301 12.32 -41.32 -14.17
CA LEU B 301 12.15 -41.32 -15.62
C LEU B 301 11.16 -42.39 -16.10
N PRO B 302 11.17 -43.62 -15.58
CA PRO B 302 10.17 -44.60 -16.05
C PRO B 302 8.74 -44.14 -15.83
N GLU B 303 8.44 -43.62 -14.65
CA GLU B 303 7.08 -43.15 -14.39
C GLU B 303 6.73 -41.97 -15.28
N LEU B 304 7.68 -41.08 -15.54
CA LEU B 304 7.44 -39.96 -16.44
C LEU B 304 7.10 -40.46 -17.84
N VAL B 305 7.87 -41.42 -18.35
CA VAL B 305 7.62 -41.95 -19.69
C VAL B 305 6.26 -42.64 -19.73
N GLU B 306 5.94 -43.39 -18.68
CA GLU B 306 4.64 -44.07 -18.64
C GLU B 306 3.50 -43.07 -18.64
N HIS B 307 3.61 -41.99 -17.86
CA HIS B 307 2.57 -40.98 -17.84
C HIS B 307 2.45 -40.28 -19.19
N ALA B 308 3.58 -40.04 -19.85
CA ALA B 308 3.54 -39.41 -21.17
C ALA B 308 2.85 -40.32 -22.18
N LYS B 309 3.12 -41.63 -22.10
CA LYS B 309 2.45 -42.57 -22.99
C LYS B 309 0.93 -42.55 -22.79
N ASN B 310 0.48 -42.34 -21.56
CA ASN B 310 -0.95 -42.34 -21.28
C ASN B 310 -1.69 -41.21 -21.97
N LEU B 311 -0.97 -40.16 -22.40
CA LEU B 311 -1.62 -39.04 -23.06
C LEU B 311 -2.26 -39.50 -24.37
N ARG B 312 -3.41 -38.90 -24.69
CA ARG B 312 -4.15 -39.22 -25.90
C ARG B 312 -3.92 -38.13 -26.94
N VAL B 313 -3.54 -38.54 -28.14
CA VAL B 313 -3.29 -37.62 -29.25
C VAL B 313 -4.41 -37.80 -30.27
N ASN B 314 -5.22 -36.75 -30.43
CA ASN B 314 -6.35 -36.80 -31.34
C ASN B 314 -6.79 -35.37 -31.64
N ALA B 315 -7.66 -35.24 -32.64
CA ALA B 315 -8.17 -33.92 -32.99
C ALA B 315 -8.80 -33.24 -31.79
N GLY B 316 -8.69 -31.91 -31.75
CA GLY B 316 -9.20 -31.16 -30.62
C GLY B 316 -10.68 -31.34 -30.36
N ASP B 317 -11.45 -31.71 -31.39
CA ASP B 317 -12.89 -31.87 -31.25
C ASP B 317 -13.29 -33.29 -30.87
N GLN B 318 -12.41 -34.26 -31.03
CA GLN B 318 -12.74 -35.63 -30.66
C GLN B 318 -12.67 -35.81 -29.15
N PRO B 319 -13.67 -36.42 -28.51
CA PRO B 319 -13.59 -36.63 -27.06
C PRO B 319 -12.39 -37.49 -26.69
N GLY B 320 -11.83 -37.22 -25.52
CA GLY B 320 -10.69 -37.98 -25.02
C GLY B 320 -9.39 -37.60 -25.70
N ALA B 321 -8.99 -36.34 -25.56
CA ALA B 321 -7.75 -35.84 -26.14
C ALA B 321 -7.06 -34.91 -25.16
N ASP B 322 -5.73 -34.99 -25.12
CA ASP B 322 -4.92 -34.17 -24.23
C ASP B 322 -4.10 -33.12 -24.95
N LEU B 323 -3.67 -33.40 -26.18
CA LEU B 323 -2.89 -32.45 -26.96
C LEU B 323 -3.31 -32.55 -28.42
N GLY B 324 -3.47 -31.40 -29.06
CA GLY B 324 -3.90 -31.34 -30.43
C GLY B 324 -2.74 -31.32 -31.40
N PRO B 325 -3.03 -31.14 -32.68
CA PRO B 325 -1.96 -31.11 -33.69
C PRO B 325 -1.23 -29.78 -33.70
N LEU B 326 -0.14 -29.74 -34.45
CA LEU B 326 0.65 -28.53 -34.55
C LEU B 326 -0.01 -27.54 -35.50
N ILE B 327 0.49 -26.30 -35.47
CA ILE B 327 -0.15 -25.21 -36.20
C ILE B 327 -0.09 -25.44 -37.71
N THR B 328 1.07 -25.87 -38.22
CA THR B 328 1.26 -26.04 -39.65
C THR B 328 2.19 -27.22 -39.88
N PRO B 329 2.18 -27.80 -41.08
CA PRO B 329 3.14 -28.88 -41.37
C PRO B 329 4.58 -28.44 -41.23
N GLN B 330 4.87 -27.17 -41.50
CA GLN B 330 6.23 -26.66 -41.34
C GLN B 330 6.68 -26.77 -39.89
N ALA B 331 5.77 -26.51 -38.95
CA ALA B 331 6.10 -26.65 -37.53
C ALA B 331 6.46 -28.09 -37.20
N LYS B 332 5.70 -29.05 -37.73
CA LYS B 332 6.00 -30.46 -37.51
C LYS B 332 7.36 -30.82 -38.10
N GLU B 333 7.64 -30.33 -39.31
CA GLU B 333 8.94 -30.61 -39.93
C GLU B 333 10.07 -30.04 -39.08
N ARG B 334 9.90 -28.82 -38.58
CA ARG B 334 10.94 -28.20 -37.75
C ARG B 334 11.14 -28.98 -36.45
N VAL B 335 10.04 -29.41 -35.82
CA VAL B 335 10.16 -30.17 -34.58
C VAL B 335 10.87 -31.49 -34.84
N CYS B 336 10.52 -32.17 -35.94
CA CYS B 336 11.17 -33.43 -36.27
C CYS B 336 12.66 -33.22 -36.55
N ASN B 337 13.01 -32.14 -37.24
CA ASN B 337 14.41 -31.85 -37.51
C ASN B 337 15.17 -31.58 -36.22
N LEU B 338 14.55 -30.84 -35.30
CA LEU B 338 15.20 -30.57 -34.01
C LEU B 338 15.41 -31.86 -33.22
N ILE B 339 14.40 -32.73 -33.21
CA ILE B 339 14.54 -34.00 -32.49
C ILE B 339 15.63 -34.85 -33.13
N ASP B 340 15.71 -34.86 -34.45
CA ASP B 340 16.74 -35.64 -35.14
C ASP B 340 18.13 -35.08 -34.82
N SER B 341 18.25 -33.75 -34.79
CA SER B 341 19.54 -33.14 -34.45
C SER B 341 19.94 -33.48 -33.02
N GLY B 342 18.97 -33.43 -32.10
CA GLY B 342 19.27 -33.83 -30.73
C GLY B 342 19.71 -35.27 -30.62
N THR B 343 19.03 -36.17 -31.33
CA THR B 343 19.40 -37.59 -31.30
C THR B 343 20.80 -37.79 -31.86
N LYS B 344 21.09 -37.17 -33.01
CA LYS B 344 22.41 -37.33 -33.62
C LYS B 344 23.50 -36.73 -32.75
N GLU B 345 23.20 -35.63 -32.05
CA GLU B 345 24.22 -34.96 -31.26
C GLU B 345 24.63 -35.76 -30.02
N GLY B 346 23.82 -36.74 -29.61
CA GLY B 346 24.16 -37.58 -28.49
C GLY B 346 23.05 -37.74 -27.47
N ALA B 347 21.93 -37.08 -27.67
CA ALA B 347 20.83 -37.17 -26.74
C ALA B 347 20.02 -38.45 -26.98
N SER B 348 19.63 -39.09 -25.89
CA SER B 348 18.85 -40.32 -25.96
C SER B 348 17.37 -40.00 -25.94
N ILE B 349 16.62 -40.55 -26.90
CA ILE B 349 15.19 -40.32 -27.01
C ILE B 349 14.48 -41.41 -26.22
N LEU B 350 13.95 -41.05 -25.04
CA LEU B 350 13.23 -42.01 -24.22
C LEU B 350 11.84 -42.31 -24.79
N LEU B 351 11.20 -41.30 -25.37
CA LEU B 351 9.89 -41.47 -26.00
C LEU B 351 9.89 -40.73 -27.32
N ASP B 352 9.46 -41.41 -28.39
CA ASP B 352 9.50 -40.88 -29.74
C ASP B 352 8.08 -40.78 -30.28
N GLY B 353 7.68 -39.58 -30.68
CA GLY B 353 6.40 -39.33 -31.30
C GLY B 353 6.46 -38.78 -32.70
N ARG B 354 7.66 -38.74 -33.31
CA ARG B 354 7.80 -38.15 -34.64
C ARG B 354 6.92 -38.86 -35.67
N LYS B 355 6.73 -40.17 -35.53
CA LYS B 355 5.98 -40.97 -36.50
C LYS B 355 4.64 -41.43 -35.95
N ILE B 356 4.01 -40.65 -35.07
CA ILE B 356 2.70 -41.02 -34.57
C ILE B 356 1.69 -40.96 -35.71
N LYS B 357 0.67 -41.80 -35.62
CA LYS B 357 -0.38 -41.90 -36.64
C LYS B 357 -1.73 -41.88 -35.94
N VAL B 358 -2.41 -40.74 -36.00
CA VAL B 358 -3.74 -40.62 -35.40
C VAL B 358 -4.77 -41.24 -36.33
N LYS B 359 -5.63 -42.09 -35.78
CA LYS B 359 -6.64 -42.77 -36.58
C LYS B 359 -7.59 -41.75 -37.18
N GLY B 360 -7.77 -41.81 -38.51
CA GLY B 360 -8.63 -40.89 -39.21
C GLY B 360 -8.07 -39.51 -39.41
N TYR B 361 -6.87 -39.23 -38.88
CA TYR B 361 -6.24 -37.91 -39.03
C TYR B 361 -4.76 -38.05 -39.33
N GLU B 362 -4.37 -39.10 -40.05
CA GLU B 362 -2.96 -39.32 -40.34
C GLU B 362 -2.34 -38.16 -41.12
N ASN B 363 -3.14 -37.43 -41.89
CA ASN B 363 -2.62 -36.31 -42.66
C ASN B 363 -2.35 -35.08 -41.80
N GLY B 364 -2.82 -35.07 -40.55
CA GLY B 364 -2.61 -33.94 -39.68
C GLY B 364 -1.15 -33.74 -39.32
N ASN B 365 -0.91 -32.65 -38.59
CA ASN B 365 0.44 -32.31 -38.14
C ASN B 365 0.69 -32.83 -36.73
N PHE B 366 0.02 -33.92 -36.38
CA PHE B 366 0.13 -34.45 -35.02
C PHE B 366 1.56 -34.94 -34.75
N VAL B 367 2.02 -34.69 -33.52
CA VAL B 367 3.32 -35.15 -33.06
C VAL B 367 3.16 -35.65 -31.63
N GLY B 368 3.51 -36.92 -31.40
CA GLY B 368 3.34 -37.53 -30.11
C GLY B 368 4.27 -36.96 -29.07
N PRO B 369 3.94 -37.14 -27.80
CA PRO B 369 4.82 -36.65 -26.72
C PRO B 369 6.23 -37.21 -26.87
N THR B 370 7.22 -36.30 -26.83
CA THR B 370 8.62 -36.65 -26.97
C THR B 370 9.34 -36.30 -25.68
N ILE B 371 10.17 -37.21 -25.20
CA ILE B 371 10.98 -37.02 -24.00
C ILE B 371 12.44 -37.22 -24.38
N ILE B 372 13.28 -36.25 -24.06
CA ILE B 372 14.71 -36.31 -24.33
C ILE B 372 15.46 -36.17 -23.01
N SER B 373 16.49 -36.99 -22.84
CA SER B 373 17.29 -37.01 -21.62
C SER B 373 18.76 -36.97 -21.99
N ASN B 374 19.60 -36.81 -20.97
CA ASN B 374 21.06 -36.74 -21.12
C ASN B 374 21.49 -35.54 -21.95
N VAL B 375 20.65 -34.51 -22.05
CA VAL B 375 20.97 -33.34 -22.85
C VAL B 375 21.90 -32.42 -22.07
N LYS B 376 23.01 -32.03 -22.71
CA LYS B 376 23.92 -31.08 -22.08
C LYS B 376 23.49 -29.65 -22.40
N PRO B 377 23.84 -28.68 -21.54
CA PRO B 377 23.42 -27.29 -21.80
C PRO B 377 23.89 -26.76 -23.14
N ASN B 378 25.02 -27.24 -23.67
CA ASN B 378 25.55 -26.72 -24.92
C ASN B 378 24.90 -27.34 -26.15
N MET B 379 23.99 -28.28 -25.99
CA MET B 379 23.38 -28.94 -27.13
C MET B 379 22.31 -28.03 -27.76
N THR B 380 21.95 -28.38 -29.00
CA THR B 380 21.00 -27.55 -29.75
C THR B 380 19.63 -27.52 -29.08
N CYS B 381 19.13 -28.68 -28.66
CA CYS B 381 17.79 -28.73 -28.08
C CYS B 381 17.68 -27.82 -26.86
N TYR B 382 18.76 -27.63 -26.12
CA TYR B 382 18.71 -26.78 -24.94
C TYR B 382 18.68 -25.30 -25.31
N LYS B 383 19.36 -24.94 -26.40
CA LYS B 383 19.43 -23.54 -26.79
C LYS B 383 18.23 -23.12 -27.63
N GLU B 384 17.79 -23.98 -28.55
CA GLU B 384 16.73 -23.62 -29.46
C GLU B 384 15.36 -23.74 -28.81
N GLU B 385 14.45 -22.86 -29.22
CA GLU B 385 13.06 -22.91 -28.78
C GLU B 385 12.32 -23.94 -29.62
N ILE B 386 11.77 -24.96 -28.97
CA ILE B 386 11.11 -26.05 -29.70
C ILE B 386 9.72 -25.63 -30.14
N PHE B 387 8.94 -25.04 -29.23
CA PHE B 387 7.54 -24.70 -29.52
C PHE B 387 6.76 -25.93 -29.95
N GLY B 388 6.99 -27.05 -29.27
CA GLY B 388 6.32 -28.29 -29.59
C GLY B 388 6.25 -29.23 -28.40
N PRO B 389 5.59 -30.37 -28.58
CA PRO B 389 5.46 -31.36 -27.49
C PRO B 389 6.73 -32.16 -27.26
N VAL B 390 7.80 -31.46 -26.87
CA VAL B 390 9.09 -32.08 -26.59
C VAL B 390 9.55 -31.64 -25.21
N LEU B 391 10.00 -32.59 -24.40
CA LEU B 391 10.46 -32.33 -23.05
C LEU B 391 11.90 -32.81 -22.92
N VAL B 392 12.82 -31.89 -22.66
CA VAL B 392 14.22 -32.18 -22.46
C VAL B 392 14.47 -32.33 -20.96
N VAL B 393 15.20 -33.37 -20.58
CA VAL B 393 15.45 -33.69 -19.18
C VAL B 393 16.95 -33.65 -18.93
N LEU B 394 17.35 -32.98 -17.86
CA LEU B 394 18.74 -32.93 -17.42
C LEU B 394 18.85 -33.50 -16.02
N GLU B 395 20.08 -33.86 -15.65
CA GLU B 395 20.35 -34.47 -14.35
C GLU B 395 21.49 -33.75 -13.67
N THR B 396 21.38 -33.62 -12.35
CA THR B 396 22.43 -33.03 -11.53
C THR B 396 22.47 -33.73 -10.18
N GLU B 397 23.53 -33.47 -9.42
CA GLU B 397 23.71 -34.09 -8.11
C GLU B 397 23.47 -33.12 -6.96
N THR B 398 23.54 -31.81 -7.20
CA THR B 398 23.30 -30.81 -6.18
C THR B 398 22.43 -29.70 -6.74
N LEU B 399 21.63 -29.08 -5.87
CA LEU B 399 20.75 -28.01 -6.31
C LEU B 399 21.54 -26.81 -6.83
N ASP B 400 22.78 -26.64 -6.36
CA ASP B 400 23.60 -25.53 -6.85
C ASP B 400 23.87 -25.66 -8.34
N GLU B 401 24.11 -26.88 -8.81
CA GLU B 401 24.33 -27.11 -10.24
C GLU B 401 23.09 -26.74 -11.05
N ALA B 402 21.92 -27.13 -10.55
CA ALA B 402 20.68 -26.77 -11.26
C ALA B 402 20.47 -25.27 -11.27
N ILE B 403 20.75 -24.60 -10.15
CA ILE B 403 20.61 -23.15 -10.09
C ILE B 403 21.55 -22.49 -11.10
N GLN B 404 22.79 -22.99 -11.19
CA GLN B 404 23.74 -22.42 -12.14
C GLN B 404 23.27 -22.65 -13.57
N ILE B 405 22.76 -23.84 -13.87
CA ILE B 405 22.27 -24.13 -15.21
C ILE B 405 21.12 -23.19 -15.56
N VAL B 406 20.21 -22.97 -14.61
CA VAL B 406 19.08 -22.08 -14.87
C VAL B 406 19.57 -20.65 -15.09
N ASN B 407 20.55 -20.21 -14.30
CA ASN B 407 21.07 -18.85 -14.46
C ASN B 407 21.82 -18.67 -15.77
N ASN B 408 22.42 -19.74 -16.29
CA ASN B 408 23.17 -19.62 -17.55
C ASN B 408 22.24 -19.30 -18.72
N ASN B 409 20.96 -19.65 -18.61
CA ASN B 409 20.03 -19.36 -19.69
C ASN B 409 19.89 -17.85 -19.87
N PRO B 410 20.32 -17.28 -21.01
CA PRO B 410 20.20 -15.84 -21.20
C PRO B 410 18.75 -15.37 -21.19
N TYR B 411 17.89 -16.07 -21.92
CA TYR B 411 16.48 -15.69 -22.06
C TYR B 411 15.64 -16.65 -21.21
N GLY B 412 15.52 -16.32 -19.93
CA GLY B 412 14.68 -17.07 -19.02
C GLY B 412 13.70 -16.18 -18.29
N ASN B 413 12.40 -16.41 -18.52
CA ASN B 413 11.36 -15.59 -17.90
C ASN B 413 10.68 -16.29 -16.74
N ARG B 414 10.48 -17.60 -16.81
CA ARG B 414 9.81 -18.36 -15.77
C ARG B 414 10.69 -19.52 -15.33
N THR B 415 10.49 -19.93 -14.08
CA THR B 415 11.21 -21.08 -13.54
C THR B 415 10.37 -21.69 -12.42
N ALA B 416 10.49 -23.00 -12.26
CA ALA B 416 9.71 -23.74 -11.28
C ALA B 416 10.62 -24.66 -10.49
N ILE B 417 10.23 -24.91 -9.24
CA ILE B 417 10.95 -25.82 -8.34
C ILE B 417 9.92 -26.66 -7.62
N PHE B 418 10.05 -27.98 -7.75
CA PHE B 418 9.14 -28.94 -7.11
C PHE B 418 9.83 -29.53 -5.90
N THR B 419 9.26 -29.30 -4.72
CA THR B 419 9.85 -29.81 -3.49
C THR B 419 8.87 -29.57 -2.35
N THR B 420 8.94 -30.44 -1.35
CA THR B 420 8.12 -30.32 -0.15
C THR B 420 8.83 -29.61 0.99
N ASN B 421 10.13 -29.32 0.84
CA ASN B 421 10.92 -28.65 1.86
C ASN B 421 10.87 -27.15 1.61
N GLY B 422 10.50 -26.39 2.66
CA GLY B 422 10.40 -24.95 2.51
C GLY B 422 11.75 -24.28 2.34
N ALA B 423 12.77 -24.76 3.08
CA ALA B 423 14.09 -24.17 2.99
C ALA B 423 14.66 -24.31 1.58
N THR B 424 14.46 -25.46 0.95
CA THR B 424 14.97 -25.68 -0.40
C THR B 424 14.30 -24.72 -1.38
N ALA B 425 12.97 -24.59 -1.30
CA ALA B 425 12.26 -23.69 -2.20
C ALA B 425 12.69 -22.24 -1.99
N ARG B 426 12.88 -21.85 -0.73
CA ARG B 426 13.30 -20.48 -0.44
C ARG B 426 14.70 -20.21 -0.98
N LYS B 427 15.63 -21.16 -0.78
CA LYS B 427 16.97 -21.01 -1.32
C LYS B 427 16.94 -20.91 -2.84
N TYR B 428 16.12 -21.74 -3.48
CA TYR B 428 16.03 -21.70 -4.94
C TYR B 428 15.49 -20.36 -5.42
N ALA B 429 14.44 -19.87 -4.76
CA ALA B 429 13.84 -18.60 -5.16
C ALA B 429 14.81 -17.43 -4.94
N HIS B 430 15.63 -17.50 -3.89
CA HIS B 430 16.54 -16.39 -3.61
C HIS B 430 17.76 -16.42 -4.52
N LEU B 431 18.33 -17.61 -4.75
CA LEU B 431 19.55 -17.72 -5.53
C LEU B 431 19.31 -17.66 -7.03
N VAL B 432 18.11 -18.04 -7.49
CA VAL B 432 17.82 -18.02 -8.92
C VAL B 432 17.65 -16.59 -9.38
N ASP B 433 18.17 -16.29 -10.58
CA ASP B 433 18.12 -14.93 -11.11
C ASP B 433 16.82 -14.62 -11.84
N VAL B 434 15.98 -15.62 -12.09
CA VAL B 434 14.71 -15.40 -12.78
C VAL B 434 13.80 -14.55 -11.91
N GLY B 435 12.97 -13.72 -12.54
CA GLY B 435 12.10 -12.83 -11.79
C GLY B 435 10.88 -13.51 -11.23
N GLN B 436 10.31 -14.48 -11.96
CA GLN B 436 9.12 -15.19 -11.53
C GLN B 436 9.51 -16.63 -11.22
N VAL B 437 9.31 -17.04 -9.97
CA VAL B 437 9.68 -18.37 -9.50
C VAL B 437 8.43 -19.02 -8.89
N GLY B 438 7.96 -20.09 -9.52
CA GLY B 438 6.82 -20.82 -9.02
C GLY B 438 7.23 -22.07 -8.27
N VAL B 439 7.09 -22.05 -6.94
CA VAL B 439 7.49 -23.16 -6.09
C VAL B 439 6.34 -24.16 -6.04
N ASN B 440 6.62 -25.41 -6.42
CA ASN B 440 5.65 -26.49 -6.41
C ASN B 440 4.49 -26.24 -7.38
N VAL B 441 4.67 -25.34 -8.33
CA VAL B 441 3.62 -25.04 -9.30
C VAL B 441 4.28 -24.63 -10.62
N PRO B 442 3.91 -25.23 -11.75
CA PRO B 442 4.52 -24.84 -13.03
C PRO B 442 3.82 -23.63 -13.63
N ILE B 443 4.45 -23.08 -14.67
CA ILE B 443 3.95 -21.93 -15.42
C ILE B 443 3.32 -20.92 -14.46
N PRO B 444 4.11 -20.26 -13.61
CA PRO B 444 3.53 -19.28 -12.68
C PRO B 444 3.15 -17.99 -13.39
N VAL B 445 2.01 -17.43 -12.98
CA VAL B 445 1.53 -16.16 -13.51
C VAL B 445 1.53 -16.22 -15.02
N PRO B 446 0.62 -16.97 -15.65
CA PRO B 446 0.63 -17.11 -17.11
C PRO B 446 0.15 -15.86 -17.84
N LEU B 447 -0.30 -14.85 -17.11
CA LEU B 447 -0.86 -13.66 -17.73
C LEU B 447 0.25 -12.84 -18.41
N PRO B 448 1.27 -12.39 -17.66
CA PRO B 448 2.34 -11.61 -18.31
C PRO B 448 3.24 -12.48 -19.18
N TYR B 466 2.57 -7.49 -17.66
CA TYR B 466 1.81 -6.25 -17.77
C TYR B 466 0.95 -6.04 -16.53
N GLY B 467 0.17 -4.95 -16.54
CA GLY B 467 -0.67 -4.60 -15.40
C GLY B 467 -0.75 -3.09 -15.23
N LYS B 468 -0.43 -2.59 -14.04
CA LYS B 468 -0.35 -1.16 -13.86
C LYS B 468 0.72 -0.53 -14.73
N GLN B 469 1.85 -1.22 -14.93
CA GLN B 469 2.81 -0.79 -15.93
C GLN B 469 2.17 -0.75 -17.30
N GLY B 470 1.21 -1.63 -17.56
CA GLY B 470 0.45 -1.54 -18.80
C GLY B 470 -0.35 -0.25 -18.89
N ILE B 471 -0.94 0.17 -17.78
CA ILE B 471 -1.66 1.45 -17.74
C ILE B 471 -0.69 2.59 -18.05
N GLN B 472 0.47 2.58 -17.38
CA GLN B 472 1.48 3.60 -17.66
C GLN B 472 1.87 3.60 -19.13
N PHE B 473 1.98 2.40 -19.72
CA PHE B 473 2.35 2.30 -21.13
C PHE B 473 1.28 2.93 -22.02
N TYR B 474 0.02 2.56 -21.81
CA TYR B 474 -1.08 3.08 -22.62
C TYR B 474 -1.46 4.51 -22.26
N THR B 475 -0.81 5.12 -21.27
CA THR B 475 -1.08 6.49 -20.86
C THR B 475 0.21 7.31 -20.97
N GLN B 476 0.13 8.57 -20.57
CA GLN B 476 1.27 9.47 -20.61
C GLN B 476 1.39 10.23 -19.29
N SER C 3 -54.42 -11.14 -0.81
CA SER C 3 -54.77 -9.70 -0.95
C SER C 3 -54.66 -8.99 0.39
N SER C 4 -55.52 -9.36 1.33
CA SER C 4 -55.49 -8.73 2.65
C SER C 4 -54.24 -9.14 3.41
N VAL C 5 -53.72 -8.19 4.20
CA VAL C 5 -52.53 -8.38 5.02
C VAL C 5 -51.49 -9.22 4.26
N PRO C 6 -50.93 -8.71 3.17
CA PRO C 6 -49.94 -9.51 2.42
C PRO C 6 -48.73 -9.84 3.29
N THR C 7 -48.35 -11.12 3.27
CA THR C 7 -47.25 -11.59 4.09
C THR C 7 -45.91 -11.10 3.54
N VAL C 8 -44.92 -11.03 4.43
CA VAL C 8 -43.55 -10.67 4.07
C VAL C 8 -42.70 -11.92 4.22
N LYS C 9 -42.18 -12.42 3.10
CA LYS C 9 -41.43 -13.66 3.10
C LYS C 9 -40.00 -13.43 3.60
N LEU C 10 -39.35 -14.53 3.98
CA LEU C 10 -37.96 -14.49 4.39
C LEU C 10 -37.05 -14.70 3.19
N PHE C 11 -35.75 -14.76 3.45
CA PHE C 11 -34.74 -15.01 2.40
C PHE C 11 -33.64 -15.87 3.00
N ILE C 12 -33.69 -17.17 2.75
CA ILE C 12 -32.70 -18.13 3.22
C ILE C 12 -32.17 -18.91 2.03
N GLY C 13 -30.86 -19.08 1.96
CA GLY C 13 -30.27 -19.77 0.83
C GLY C 13 -30.54 -19.02 -0.45
N GLY C 14 -31.16 -19.71 -1.41
CA GLY C 14 -31.51 -19.13 -2.69
C GLY C 14 -32.99 -19.04 -2.98
N LYS C 15 -33.86 -19.16 -1.97
CA LYS C 15 -35.30 -19.13 -2.17
C LYS C 15 -35.93 -18.16 -1.19
N PHE C 16 -37.00 -17.48 -1.63
CA PHE C 16 -37.76 -16.58 -0.78
C PHE C 16 -38.81 -17.36 0.02
N VAL C 17 -38.32 -18.23 0.90
CA VAL C 17 -39.19 -19.08 1.69
C VAL C 17 -40.04 -18.22 2.62
N GLU C 18 -41.30 -18.60 2.78
CA GLU C 18 -42.20 -17.89 3.68
C GLU C 18 -42.11 -18.47 5.09
N SER C 19 -42.28 -17.62 6.09
CA SER C 19 -42.18 -18.07 7.47
C SER C 19 -43.51 -18.65 7.95
N LYS C 20 -43.42 -19.65 8.82
CA LYS C 20 -44.59 -20.28 9.43
C LYS C 20 -44.71 -19.94 10.91
N SER C 21 -44.12 -18.82 11.35
CA SER C 21 -44.11 -18.47 12.76
C SER C 21 -45.53 -18.18 13.25
N ASP C 22 -45.66 -18.05 14.57
CA ASP C 22 -46.94 -17.72 15.19
C ASP C 22 -47.10 -16.22 15.36
N LYS C 23 -46.04 -15.53 15.77
CA LYS C 23 -46.09 -14.08 15.96
C LYS C 23 -46.02 -13.37 14.63
N TRP C 24 -46.89 -12.38 14.45
CA TRP C 24 -46.93 -11.56 13.24
C TRP C 24 -47.11 -10.10 13.63
N ILE C 25 -46.44 -9.21 12.90
CA ILE C 25 -46.52 -7.77 13.12
C ILE C 25 -47.08 -7.12 11.87
N ASP C 26 -47.95 -6.14 12.05
CA ASP C 26 -48.60 -5.48 10.94
C ASP C 26 -47.78 -4.29 10.46
N ILE C 27 -47.66 -4.13 9.15
CA ILE C 27 -46.94 -3.02 8.55
C ILE C 27 -47.97 -1.95 8.20
N HIS C 28 -47.95 -0.84 8.94
CA HIS C 28 -48.91 0.25 8.75
C HIS C 28 -48.29 1.35 7.91
N ASN C 29 -49.10 1.96 7.07
CA ASN C 29 -48.67 3.13 6.32
C ASN C 29 -48.69 4.35 7.24
N PRO C 30 -47.58 5.04 7.45
CA PRO C 30 -47.57 6.13 8.43
C PRO C 30 -48.46 7.30 8.05
N ALA C 31 -48.85 7.43 6.78
CA ALA C 31 -49.70 8.53 6.37
C ALA C 31 -51.18 8.22 6.51
N THR C 32 -51.55 6.94 6.59
CA THR C 32 -52.95 6.56 6.74
C THR C 32 -53.19 5.50 7.81
N ASN C 33 -52.15 4.93 8.41
CA ASN C 33 -52.30 3.88 9.43
C ASN C 33 -53.00 2.65 8.87
N GLU C 34 -53.03 2.50 7.55
CA GLU C 34 -53.67 1.34 6.93
C GLU C 34 -52.66 0.21 6.78
N VAL C 35 -53.06 -1.00 7.17
CA VAL C 35 -52.18 -2.14 7.08
C VAL C 35 -51.87 -2.44 5.62
N ILE C 36 -50.59 -2.39 5.27
CA ILE C 36 -50.14 -2.70 3.92
C ILE C 36 -49.33 -3.98 3.84
N GLY C 37 -49.04 -4.61 4.98
CA GLY C 37 -48.27 -5.84 4.97
C GLY C 37 -48.17 -6.40 6.37
N ARG C 38 -47.76 -7.66 6.45
CA ARG C 38 -47.60 -8.36 7.71
C ARG C 38 -46.27 -9.09 7.71
N VAL C 39 -45.40 -8.72 8.63
CA VAL C 39 -44.05 -9.29 8.73
C VAL C 39 -44.05 -10.33 9.83
N PRO C 40 -43.60 -11.55 9.57
CA PRO C 40 -43.58 -12.59 10.61
C PRO C 40 -42.30 -12.54 11.44
N GLN C 41 -42.43 -12.96 12.71
CA GLN C 41 -41.29 -13.09 13.59
C GLN C 41 -40.66 -14.45 13.39
N ALA C 42 -39.50 -14.50 12.74
CA ALA C 42 -38.87 -15.76 12.40
C ALA C 42 -38.72 -16.65 13.64
N THR C 43 -38.91 -17.95 13.42
CA THR C 43 -38.82 -18.91 14.52
C THR C 43 -37.37 -19.35 14.73
N LYS C 44 -37.16 -20.06 15.84
CA LYS C 44 -35.83 -20.59 16.13
C LYS C 44 -35.33 -21.49 15.02
N ALA C 45 -36.20 -22.37 14.50
CA ALA C 45 -35.79 -23.29 13.45
C ALA C 45 -35.39 -22.55 12.18
N GLU C 46 -36.15 -21.50 11.82
CA GLU C 46 -35.82 -20.76 10.61
C GLU C 46 -34.50 -20.02 10.76
N MET C 47 -34.24 -19.45 11.94
CA MET C 47 -32.96 -18.78 12.16
C MET C 47 -31.81 -19.79 12.14
N ASP C 48 -32.03 -20.98 12.70
CA ASP C 48 -31.01 -22.02 12.64
C ASP C 48 -30.73 -22.43 11.20
N ALA C 49 -31.78 -22.54 10.38
CA ALA C 49 -31.59 -22.89 8.98
C ALA C 49 -30.83 -21.78 8.25
N ALA C 50 -31.14 -20.52 8.56
CA ALA C 50 -30.40 -19.41 7.96
C ALA C 50 -28.93 -19.46 8.35
N ILE C 51 -28.65 -19.75 9.62
CA ILE C 51 -27.26 -19.85 10.06
C ILE C 51 -26.55 -20.99 9.35
N ALA C 52 -27.25 -22.12 9.19
CA ALA C 52 -26.65 -23.26 8.49
C ALA C 52 -26.35 -22.91 7.04
N SER C 53 -27.27 -22.19 6.39
CA SER C 53 -27.03 -21.76 5.01
C SER C 53 -25.83 -20.82 4.94
N CYS C 54 -25.74 -19.87 5.86
CA CYS C 54 -24.59 -18.98 5.89
C CYS C 54 -23.29 -19.75 6.07
N LYS C 55 -23.28 -20.73 6.97
CA LYS C 55 -22.09 -21.53 7.19
C LYS C 55 -21.72 -22.31 5.94
N ARG C 56 -22.70 -22.93 5.28
CA ARG C 56 -22.41 -23.72 4.08
C ARG C 56 -21.92 -22.83 2.94
N ALA C 57 -22.37 -21.57 2.91
CA ALA C 57 -21.95 -20.67 1.83
C ALA C 57 -20.61 -20.02 2.14
N PHE C 58 -20.24 -19.94 3.42
CA PHE C 58 -19.01 -19.28 3.83
C PHE C 58 -17.77 -19.81 3.09
N PRO C 59 -17.53 -21.12 3.07
CA PRO C 59 -16.28 -21.59 2.45
C PRO C 59 -16.17 -21.29 0.98
N ALA C 60 -17.23 -21.55 0.20
CA ALA C 60 -17.18 -21.29 -1.23
C ALA C 60 -17.00 -19.80 -1.51
N TRP C 61 -17.75 -18.95 -0.80
CA TRP C 61 -17.64 -17.52 -1.01
C TRP C 61 -16.28 -16.99 -0.60
N ALA C 62 -15.65 -17.58 0.42
CA ALA C 62 -14.34 -17.14 0.85
C ALA C 62 -13.26 -17.58 -0.14
N ASP C 63 -13.36 -18.81 -0.65
CA ASP C 63 -12.40 -19.28 -1.64
C ASP C 63 -12.48 -18.46 -2.92
N THR C 64 -13.62 -17.82 -3.18
CA THR C 64 -13.77 -16.99 -4.36
C THR C 64 -12.80 -15.82 -4.31
N SER C 65 -12.18 -15.52 -5.45
CA SER C 65 -11.22 -14.42 -5.50
C SER C 65 -11.91 -13.10 -5.17
N VAL C 66 -11.10 -12.13 -4.73
CA VAL C 66 -11.64 -10.82 -4.36
C VAL C 66 -12.25 -10.13 -5.58
N LEU C 67 -11.61 -10.26 -6.74
CA LEU C 67 -12.16 -9.66 -7.95
C LEU C 67 -13.48 -10.31 -8.33
N SER C 68 -13.57 -11.63 -8.21
CA SER C 68 -14.82 -12.33 -8.54
C SER C 68 -15.96 -11.85 -7.64
N ARG C 69 -15.67 -11.65 -6.35
CA ARG C 69 -16.68 -11.11 -5.45
C ARG C 69 -17.05 -9.68 -5.84
N GLN C 70 -16.04 -8.86 -6.15
CA GLN C 70 -16.30 -7.46 -6.47
C GLN C 70 -17.13 -7.31 -7.74
N GLN C 71 -17.01 -8.25 -8.67
CA GLN C 71 -17.87 -8.22 -9.86
C GLN C 71 -19.34 -8.33 -9.47
N VAL C 72 -19.64 -9.18 -8.49
CA VAL C 72 -21.01 -9.33 -8.02
C VAL C 72 -21.53 -8.01 -7.45
N LEU C 73 -20.71 -7.34 -6.64
CA LEU C 73 -21.13 -6.06 -6.07
C LEU C 73 -21.31 -5.00 -7.15
N LEU C 74 -20.45 -5.03 -8.18
CA LEU C 74 -20.61 -4.08 -9.28
C LEU C 74 -21.92 -4.30 -10.01
N ARG C 75 -22.23 -5.55 -10.36
CA ARG C 75 -23.48 -5.84 -11.04
C ARG C 75 -24.67 -5.50 -10.14
N TYR C 76 -24.54 -5.71 -8.83
CA TYR C 76 -25.62 -5.36 -7.92
C TYR C 76 -25.84 -3.86 -7.86
N GLN C 77 -24.76 -3.08 -7.83
CA GLN C 77 -24.88 -1.63 -7.87
C GLN C 77 -25.53 -1.17 -9.16
N GLN C 78 -25.16 -1.79 -10.28
CA GLN C 78 -25.78 -1.45 -11.56
C GLN C 78 -27.28 -1.74 -11.53
N LEU C 79 -27.66 -2.91 -11.04
CA LEU C 79 -29.08 -3.26 -10.95
C LEU C 79 -29.83 -2.27 -10.05
N ILE C 80 -29.22 -1.89 -8.93
CA ILE C 80 -29.86 -0.90 -8.05
C ILE C 80 -30.08 0.40 -8.81
N LYS C 81 -29.04 0.87 -9.51
CA LYS C 81 -29.20 2.08 -10.33
C LYS C 81 -30.33 1.93 -11.33
N GLU C 82 -30.52 0.72 -11.88
CA GLU C 82 -31.60 0.51 -12.83
C GLU C 82 -32.97 0.62 -12.15
N ASN C 83 -33.09 0.08 -10.94
CA ASN C 83 -34.35 0.05 -10.21
C ASN C 83 -34.44 1.13 -9.13
N LEU C 84 -33.88 2.31 -9.38
CA LEU C 84 -33.92 3.39 -8.39
C LEU C 84 -35.35 3.77 -8.05
N LYS C 85 -36.18 3.95 -9.08
CA LYS C 85 -37.55 4.41 -8.84
C LYS C 85 -38.35 3.42 -8.01
N GLU C 86 -38.18 2.12 -8.27
CA GLU C 86 -38.92 1.11 -7.52
C GLU C 86 -38.56 1.17 -6.03
N ILE C 87 -37.27 1.21 -5.72
CA ILE C 87 -36.84 1.27 -4.33
C ILE C 87 -37.33 2.56 -3.68
N ALA C 88 -37.24 3.67 -4.41
CA ALA C 88 -37.70 4.94 -3.86
C ALA C 88 -39.19 4.90 -3.53
N LYS C 89 -39.99 4.33 -4.43
CA LYS C 89 -41.43 4.25 -4.18
C LYS C 89 -41.74 3.30 -3.03
N LEU C 90 -41.02 2.18 -2.94
CA LEU C 90 -41.21 1.27 -1.81
C LEU C 90 -40.91 1.97 -0.50
N ILE C 91 -39.82 2.73 -0.46
CA ILE C 91 -39.46 3.46 0.76
C ILE C 91 -40.55 4.48 1.10
N THR C 92 -40.97 5.26 0.09
CA THR C 92 -42.01 6.27 0.32
C THR C 92 -43.28 5.62 0.85
N LEU C 93 -43.61 4.42 0.37
CA LEU C 93 -44.83 3.75 0.80
C LEU C 93 -44.70 3.23 2.22
N GLU C 94 -43.58 2.58 2.53
CA GLU C 94 -43.45 1.91 3.83
C GLU C 94 -43.09 2.90 4.94
N GLN C 95 -41.99 3.63 4.78
CA GLN C 95 -41.53 4.54 5.82
C GLN C 95 -42.20 5.91 5.77
N GLY C 96 -42.81 6.27 4.64
CA GLY C 96 -43.54 7.50 4.53
C GLY C 96 -42.72 8.72 4.16
N LYS C 97 -41.40 8.59 4.03
CA LYS C 97 -40.58 9.72 3.65
C LYS C 97 -40.90 10.15 2.22
N THR C 98 -40.61 11.41 1.92
CA THR C 98 -40.84 11.94 0.58
C THR C 98 -40.01 11.17 -0.45
N LEU C 99 -40.49 11.18 -1.69
CA LEU C 99 -39.79 10.47 -2.75
C LEU C 99 -38.36 10.97 -2.91
N ALA C 100 -38.15 12.28 -2.78
CA ALA C 100 -36.81 12.83 -2.91
C ALA C 100 -35.88 12.30 -1.82
N ASP C 101 -36.40 12.18 -0.59
CA ASP C 101 -35.58 11.64 0.49
C ASP C 101 -35.19 10.20 0.23
N ALA C 102 -36.13 9.40 -0.29
CA ALA C 102 -35.82 8.01 -0.61
C ALA C 102 -34.79 7.92 -1.73
N GLU C 103 -34.92 8.77 -2.75
CA GLU C 103 -33.94 8.79 -3.83
C GLU C 103 -32.57 9.16 -3.29
N GLY C 104 -32.49 10.16 -2.41
CA GLY C 104 -31.21 10.53 -1.83
C GLY C 104 -30.62 9.43 -0.98
N ASP C 105 -31.46 8.71 -0.24
CA ASP C 105 -30.99 7.59 0.56
C ASP C 105 -30.41 6.49 -0.32
N VAL C 106 -31.12 6.17 -1.42
CA VAL C 106 -30.63 5.15 -2.34
C VAL C 106 -29.34 5.62 -3.01
N PHE C 107 -29.22 6.93 -3.24
CA PHE C 107 -28.00 7.45 -3.85
C PHE C 107 -26.82 7.34 -2.90
N ARG C 108 -27.03 7.65 -1.61
CA ARG C 108 -25.99 7.44 -0.62
C ARG C 108 -25.62 5.97 -0.50
N GLY C 109 -26.62 5.09 -0.59
CA GLY C 109 -26.33 3.67 -0.59
C GLY C 109 -25.48 3.25 -1.77
N LEU C 110 -25.78 3.80 -2.95
CA LEU C 110 -24.95 3.54 -4.12
C LEU C 110 -23.53 4.04 -3.92
N GLN C 111 -23.39 5.23 -3.32
CA GLN C 111 -22.06 5.74 -3.00
C GLN C 111 -21.30 4.79 -2.09
N VAL C 112 -21.97 4.26 -1.07
CA VAL C 112 -21.31 3.35 -0.15
C VAL C 112 -20.96 2.04 -0.85
N VAL C 113 -21.82 1.58 -1.75
CA VAL C 113 -21.53 0.36 -2.50
C VAL C 113 -20.31 0.56 -3.38
N GLU C 114 -20.18 1.74 -3.98
CA GLU C 114 -18.99 2.02 -4.78
C GLU C 114 -17.74 2.08 -3.89
N HIS C 115 -17.86 2.71 -2.73
CA HIS C 115 -16.74 2.73 -1.79
C HIS C 115 -16.31 1.33 -1.41
N ALA C 116 -17.28 0.41 -1.24
CA ALA C 116 -16.93 -0.97 -0.92
C ALA C 116 -16.30 -1.68 -2.11
N CYS C 117 -16.83 -1.45 -3.31
CA CYS C 117 -16.22 -2.01 -4.51
C CYS C 117 -14.78 -1.55 -4.66
N SER C 118 -14.47 -0.35 -4.15
CA SER C 118 -13.11 0.17 -4.21
C SER C 118 -12.18 -0.46 -3.17
N VAL C 119 -12.60 -1.56 -2.54
CA VAL C 119 -11.78 -2.17 -1.49
C VAL C 119 -10.79 -3.17 -2.06
N THR C 120 -10.95 -3.54 -3.34
CA THR C 120 -10.14 -4.61 -3.93
C THR C 120 -8.65 -4.43 -3.63
N SER C 121 -8.16 -3.18 -3.63
CA SER C 121 -6.73 -2.96 -3.45
C SER C 121 -6.29 -3.20 -2.01
N LEU C 122 -7.16 -2.86 -1.05
CA LEU C 122 -6.77 -2.94 0.36
C LEU C 122 -6.65 -4.37 0.87
N MET C 123 -7.22 -5.35 0.15
CA MET C 123 -7.18 -6.72 0.62
C MET C 123 -5.78 -7.32 0.60
N MET C 124 -4.85 -6.71 -0.14
CA MET C 124 -3.49 -7.24 -0.20
C MET C 124 -2.77 -7.01 1.12
N GLY C 125 -1.83 -7.90 1.42
CA GLY C 125 -1.06 -7.85 2.65
C GLY C 125 0.39 -7.48 2.35
N GLU C 126 1.07 -6.96 3.37
CA GLU C 126 2.46 -6.55 3.22
C GLU C 126 3.40 -7.70 3.54
N THR C 127 4.63 -7.60 3.04
CA THR C 127 5.66 -8.60 3.28
C THR C 127 7.01 -7.90 3.35
N MET C 128 7.92 -8.49 4.11
CA MET C 128 9.26 -7.94 4.31
C MET C 128 10.27 -9.07 4.15
N PRO C 129 10.86 -9.24 2.97
CA PRO C 129 11.79 -10.35 2.77
C PRO C 129 13.12 -10.10 3.46
N SER C 130 13.55 -11.11 4.23
CA SER C 130 14.85 -11.08 4.89
C SER C 130 14.97 -9.88 5.83
N ILE C 131 14.01 -9.76 6.76
CA ILE C 131 14.15 -8.75 7.80
C ILE C 131 15.40 -9.02 8.62
N THR C 132 15.71 -10.30 8.85
CA THR C 132 16.99 -10.72 9.40
C THR C 132 17.54 -11.83 8.51
N LYS C 133 18.70 -12.36 8.89
CA LYS C 133 19.35 -13.38 8.08
C LYS C 133 18.44 -14.59 7.91
N ASP C 134 17.98 -14.80 6.67
CA ASP C 134 17.16 -15.94 6.28
C ASP C 134 15.81 -15.97 6.98
N MET C 135 15.27 -14.82 7.39
CA MET C 135 13.98 -14.74 8.05
C MET C 135 13.05 -13.86 7.22
N ASP C 136 11.95 -14.44 6.75
CA ASP C 136 10.96 -13.73 5.97
C ASP C 136 9.73 -13.43 6.82
N LEU C 137 9.04 -12.35 6.49
CA LEU C 137 7.86 -11.91 7.21
C LEU C 137 6.78 -11.48 6.23
N TYR C 138 5.54 -11.88 6.51
CA TYR C 138 4.40 -11.50 5.70
C TYR C 138 3.13 -11.71 6.51
N SER C 139 2.06 -11.05 6.09
CA SER C 139 0.80 -11.08 6.80
C SER C 139 -0.35 -11.30 5.82
N TYR C 140 -1.43 -11.89 6.32
CA TYR C 140 -2.61 -12.18 5.53
C TYR C 140 -3.85 -11.57 6.19
N ARG C 141 -4.81 -11.19 5.36
CA ARG C 141 -6.13 -10.76 5.81
C ARG C 141 -7.18 -11.73 5.30
N LEU C 142 -7.89 -12.38 6.21
CA LEU C 142 -8.85 -13.41 5.88
C LEU C 142 -10.19 -13.06 6.49
N PRO C 143 -11.29 -13.61 5.95
CA PRO C 143 -12.61 -13.34 6.52
C PRO C 143 -12.71 -13.82 7.96
N LEU C 144 -13.71 -13.28 8.68
CA LEU C 144 -13.96 -13.72 10.04
C LEU C 144 -14.94 -14.89 10.10
N GLY C 145 -16.03 -14.81 9.34
CA GLY C 145 -17.05 -15.84 9.36
C GLY C 145 -18.41 -15.31 8.98
N VAL C 146 -19.41 -15.56 9.82
CA VAL C 146 -20.76 -15.09 9.57
C VAL C 146 -20.99 -13.79 10.30
N CYS C 147 -21.43 -12.76 9.57
CA CYS C 147 -21.71 -11.45 10.13
C CYS C 147 -23.21 -11.21 10.16
N ALA C 148 -23.61 -10.16 10.88
CA ALA C 148 -25.02 -9.82 11.03
C ALA C 148 -25.18 -8.31 11.16
N GLY C 149 -26.39 -7.85 10.87
CA GLY C 149 -26.71 -6.44 11.00
C GLY C 149 -28.12 -6.25 11.51
N ILE C 150 -28.34 -5.13 12.20
CA ILE C 150 -29.62 -4.82 12.82
C ILE C 150 -29.96 -3.36 12.56
N ALA C 151 -31.23 -3.09 12.28
CA ALA C 151 -31.73 -1.74 12.08
C ALA C 151 -33.15 -1.65 12.61
N PRO C 152 -33.34 -1.06 13.80
CA PRO C 152 -34.67 -1.08 14.41
C PRO C 152 -35.72 -0.35 13.60
N PHE C 153 -35.47 0.92 13.28
CA PHE C 153 -36.42 1.72 12.51
C PHE C 153 -35.75 2.78 11.64
N ASN C 154 -34.42 2.80 11.57
CA ASN C 154 -33.72 3.86 10.86
C ASN C 154 -33.75 3.58 9.36
N PHE C 155 -32.88 4.25 8.60
CA PHE C 155 -32.81 4.14 7.15
C PHE C 155 -32.98 2.69 6.71
N PRO C 156 -33.99 2.39 5.88
CA PRO C 156 -34.20 0.99 5.49
C PRO C 156 -33.18 0.48 4.48
N ALA C 157 -32.75 1.30 3.53
CA ALA C 157 -31.88 0.86 2.45
C ALA C 157 -30.41 1.17 2.74
N MET C 158 -30.12 2.41 3.18
CA MET C 158 -28.73 2.81 3.36
C MET C 158 -28.02 1.97 4.42
N ILE C 159 -28.74 1.59 5.48
CA ILE C 159 -28.13 0.84 6.57
C ILE C 159 -27.69 -0.52 6.04
N PRO C 160 -28.57 -1.31 5.41
CA PRO C 160 -28.08 -2.53 4.74
C PRO C 160 -27.02 -2.23 3.69
N LEU C 161 -27.19 -1.17 2.91
CA LEU C 161 -26.25 -0.88 1.83
C LEU C 161 -24.88 -0.44 2.34
N TRP C 162 -24.71 -0.24 3.65
CA TRP C 162 -23.37 -0.06 4.19
C TRP C 162 -22.92 -1.25 5.04
N MET C 163 -23.85 -2.00 5.61
CA MET C 163 -23.48 -3.13 6.45
C MET C 163 -23.13 -4.36 5.61
N PHE C 164 -23.98 -4.67 4.63
CA PHE C 164 -23.85 -5.94 3.91
C PHE C 164 -22.76 -5.90 2.83
N PRO C 165 -22.68 -4.86 1.99
CA PRO C 165 -21.69 -4.90 0.91
C PRO C 165 -20.26 -4.97 1.41
N MET C 166 -19.93 -4.29 2.51
CA MET C 166 -18.57 -4.36 3.03
C MET C 166 -18.25 -5.78 3.51
N ALA C 167 -19.16 -6.39 4.25
CA ALA C 167 -18.93 -7.77 4.71
C ALA C 167 -18.78 -8.71 3.51
N MET C 168 -19.53 -8.46 2.44
CA MET C 168 -19.41 -9.28 1.24
C MET C 168 -18.03 -9.12 0.62
N VAL C 169 -17.63 -7.88 0.33
CA VAL C 169 -16.34 -7.63 -0.30
C VAL C 169 -15.22 -8.22 0.55
N CYS C 170 -15.39 -8.20 1.88
CA CYS C 170 -14.39 -8.81 2.75
C CYS C 170 -14.42 -10.34 2.70
N GLY C 171 -15.42 -10.93 2.04
CA GLY C 171 -15.51 -12.36 1.90
C GLY C 171 -16.38 -13.06 2.92
N ASN C 172 -17.09 -12.31 3.77
CA ASN C 172 -17.90 -12.90 4.81
C ASN C 172 -19.34 -13.11 4.32
N THR C 173 -20.11 -13.87 5.09
CA THR C 173 -21.53 -14.05 4.87
C THR C 173 -22.29 -13.23 5.90
N PHE C 174 -23.41 -12.64 5.46
CA PHE C 174 -24.14 -11.67 6.26
C PHE C 174 -25.54 -12.21 6.55
N LEU C 175 -25.96 -12.08 7.81
CA LEU C 175 -27.31 -12.41 8.24
C LEU C 175 -27.97 -11.14 8.74
N MET C 176 -28.81 -10.53 7.91
CA MET C 176 -29.38 -9.21 8.18
C MET C 176 -30.74 -9.37 8.84
N LYS C 177 -30.98 -8.60 9.90
CA LYS C 177 -32.28 -8.51 10.55
C LYS C 177 -32.85 -7.12 10.29
N PRO C 178 -33.55 -6.92 9.18
CA PRO C 178 -34.01 -5.57 8.83
C PRO C 178 -35.09 -5.07 9.80
N SER C 179 -35.46 -3.81 9.61
CA SER C 179 -36.46 -3.19 10.47
C SER C 179 -37.79 -3.92 10.34
N GLU C 180 -38.43 -4.16 11.49
CA GLU C 180 -39.72 -4.82 11.51
C GLU C 180 -40.83 -3.96 10.90
N ARG C 181 -40.56 -2.69 10.59
CA ARG C 181 -41.56 -1.79 10.05
C ARG C 181 -41.38 -1.49 8.57
N VAL C 182 -40.18 -1.63 8.03
CA VAL C 182 -39.92 -1.31 6.63
C VAL C 182 -39.03 -2.39 6.01
N PRO C 183 -39.47 -3.66 5.98
CA PRO C 183 -38.63 -4.70 5.39
C PRO C 183 -38.74 -4.81 3.88
N GLY C 184 -39.73 -4.19 3.25
CA GLY C 184 -39.91 -4.34 1.82
C GLY C 184 -38.71 -3.88 1.02
N ALA C 185 -38.13 -2.75 1.39
CA ALA C 185 -36.94 -2.27 0.70
C ALA C 185 -35.81 -3.29 0.78
N THR C 186 -35.61 -3.89 1.95
CA THR C 186 -34.57 -4.90 2.10
C THR C 186 -34.88 -6.12 1.25
N MET C 187 -36.16 -6.51 1.15
CA MET C 187 -36.52 -7.64 0.31
C MET C 187 -36.23 -7.36 -1.15
N LEU C 188 -36.57 -6.16 -1.62
CA LEU C 188 -36.27 -5.80 -3.01
C LEU C 188 -34.77 -5.76 -3.26
N LEU C 189 -34.00 -5.26 -2.28
CA LEU C 189 -32.55 -5.25 -2.41
C LEU C 189 -32.00 -6.67 -2.49
N ALA C 190 -32.52 -7.59 -1.67
CA ALA C 190 -32.08 -8.97 -1.72
C ALA C 190 -32.44 -9.62 -3.05
N LYS C 191 -33.62 -9.28 -3.59
CA LYS C 191 -34.00 -9.80 -4.90
C LYS C 191 -33.04 -9.31 -5.98
N LEU C 192 -32.75 -8.01 -5.99
CA LEU C 192 -31.81 -7.47 -6.97
C LEU C 192 -30.43 -8.11 -6.80
N LEU C 193 -30.04 -8.41 -5.56
CA LEU C 193 -28.76 -9.07 -5.32
C LEU C 193 -28.75 -10.46 -5.93
N GLN C 194 -29.76 -11.27 -5.58
CA GLN C 194 -29.85 -12.62 -6.14
C GLN C 194 -29.87 -12.57 -7.67
N ASP C 195 -30.46 -11.51 -8.24
CA ASP C 195 -30.41 -11.35 -9.68
C ASP C 195 -29.01 -11.00 -10.16
N SER C 196 -28.19 -10.39 -9.30
CA SER C 196 -26.83 -10.03 -9.67
C SER C 196 -25.90 -11.24 -9.77
N GLY C 197 -26.40 -12.44 -9.47
CA GLY C 197 -25.58 -13.63 -9.56
C GLY C 197 -24.85 -13.99 -8.28
N ALA C 198 -25.27 -13.45 -7.15
CA ALA C 198 -24.62 -13.77 -5.88
C ALA C 198 -24.87 -15.24 -5.54
N PRO C 199 -23.85 -16.00 -5.14
CA PRO C 199 -24.08 -17.40 -4.77
C PRO C 199 -25.11 -17.53 -3.67
N ASP C 200 -25.96 -18.56 -3.79
CA ASP C 200 -26.99 -18.79 -2.79
C ASP C 200 -26.37 -19.05 -1.43
N GLY C 201 -27.04 -18.58 -0.38
CA GLY C 201 -26.57 -18.75 0.97
C GLY C 201 -25.59 -17.70 1.45
N THR C 202 -25.07 -16.85 0.56
CA THR C 202 -24.15 -15.80 0.99
C THR C 202 -24.86 -14.74 1.81
N LEU C 203 -26.12 -14.45 1.49
CA LEU C 203 -26.94 -13.51 2.24
C LEU C 203 -28.19 -14.21 2.75
N ASN C 204 -28.51 -13.95 4.01
CA ASN C 204 -29.71 -14.49 4.64
C ASN C 204 -30.41 -13.38 5.41
N ILE C 205 -31.74 -13.40 5.37
CA ILE C 205 -32.55 -12.36 5.99
C ILE C 205 -33.65 -13.03 6.80
N ILE C 206 -33.77 -12.63 8.07
CA ILE C 206 -34.80 -13.14 8.97
C ILE C 206 -35.40 -11.98 9.72
N HIS C 207 -36.73 -11.88 9.68
CA HIS C 207 -37.45 -10.83 10.39
C HIS C 207 -37.81 -11.31 11.79
N GLY C 208 -37.69 -10.41 12.76
CA GLY C 208 -37.98 -10.77 14.14
C GLY C 208 -37.89 -9.62 15.11
N GLN C 209 -38.50 -9.79 16.28
CA GLN C 209 -38.48 -8.77 17.32
C GLN C 209 -37.24 -8.96 18.19
N HIS C 210 -37.22 -8.32 19.36
CA HIS C 210 -36.08 -8.43 20.28
C HIS C 210 -35.62 -9.87 20.45
N GLU C 211 -36.52 -10.84 20.31
CA GLU C 211 -36.11 -12.23 20.41
C GLU C 211 -35.05 -12.58 19.37
N ALA C 212 -35.23 -12.10 18.14
CA ALA C 212 -34.24 -12.37 17.09
C ALA C 212 -32.90 -11.72 17.41
N VAL C 213 -32.93 -10.51 17.98
CA VAL C 213 -31.69 -9.85 18.37
C VAL C 213 -30.99 -10.65 19.45
N ASN C 214 -31.74 -11.14 20.43
CA ASN C 214 -31.16 -11.96 21.49
C ASN C 214 -30.54 -13.23 20.90
N PHE C 215 -31.26 -13.87 19.97
CA PHE C 215 -30.72 -15.05 19.31
C PHE C 215 -29.40 -14.74 18.63
N ILE C 216 -29.38 -13.69 17.81
CA ILE C 216 -28.16 -13.34 17.07
C ILE C 216 -27.02 -13.05 18.03
N CYS C 217 -27.32 -12.41 19.17
CA CYS C 217 -26.26 -12.08 20.13
C CYS C 217 -25.78 -13.32 20.85
N ASP C 218 -26.64 -14.32 21.03
CA ASP C 218 -26.28 -15.50 21.79
C ASP C 218 -25.59 -16.54 20.93
N HIS C 219 -26.10 -16.78 19.73
CA HIS C 219 -25.56 -17.82 18.88
C HIS C 219 -24.07 -17.57 18.62
N PRO C 220 -23.20 -18.58 18.72
CA PRO C 220 -21.76 -18.34 18.58
C PRO C 220 -21.28 -18.21 17.15
N ASP C 221 -22.00 -18.78 16.17
CA ASP C 221 -21.52 -18.75 14.79
C ASP C 221 -21.38 -17.32 14.25
N ILE C 222 -22.06 -16.36 14.87
CA ILE C 222 -21.97 -14.95 14.44
C ILE C 222 -20.63 -14.41 14.95
N LYS C 223 -19.73 -14.08 14.02
CA LYS C 223 -18.43 -13.58 14.41
C LYS C 223 -18.45 -12.07 14.70
N ALA C 224 -19.26 -11.32 13.96
CA ALA C 224 -19.33 -9.88 14.14
C ALA C 224 -20.77 -9.42 13.95
N ILE C 225 -21.12 -8.30 14.61
CA ILE C 225 -22.45 -7.74 14.54
C ILE C 225 -22.34 -6.23 14.39
N SER C 226 -23.25 -5.65 13.61
CA SER C 226 -23.30 -4.21 13.39
C SER C 226 -24.70 -3.70 13.72
N PHE C 227 -24.75 -2.50 14.31
CA PHE C 227 -26.00 -1.92 14.76
C PHE C 227 -25.94 -0.40 14.61
N VAL C 228 -27.11 0.20 14.39
CA VAL C 228 -27.25 1.64 14.33
C VAL C 228 -28.62 2.00 14.90
N GLY C 229 -28.62 2.83 15.94
CA GLY C 229 -29.88 3.20 16.56
C GLY C 229 -29.66 3.93 17.87
N SER C 230 -30.65 3.82 18.75
CA SER C 230 -30.61 4.50 20.04
C SER C 230 -29.41 4.04 20.86
N ASN C 231 -29.03 4.87 21.83
CA ASN C 231 -27.89 4.54 22.69
C ASN C 231 -28.22 3.34 23.58
N LYS C 232 -29.46 3.26 24.06
CA LYS C 232 -29.86 2.15 24.93
C LYS C 232 -29.67 0.82 24.22
N ALA C 233 -30.37 0.63 23.09
CA ALA C 233 -30.27 -0.63 22.36
C ALA C 233 -28.85 -0.86 21.86
N GLY C 234 -28.15 0.22 21.48
CA GLY C 234 -26.77 0.10 21.05
C GLY C 234 -25.90 -0.54 22.11
N GLU C 235 -25.89 0.05 23.31
CA GLU C 235 -25.08 -0.48 24.40
C GLU C 235 -25.55 -1.87 24.79
N TYR C 236 -26.87 -2.11 24.75
CA TYR C 236 -27.39 -3.43 25.10
C TYR C 236 -26.81 -4.49 24.16
N ILE C 237 -26.90 -4.26 22.85
CA ILE C 237 -26.38 -5.22 21.89
C ILE C 237 -24.87 -5.34 22.01
N PHE C 238 -24.18 -4.23 22.26
CA PHE C 238 -22.73 -4.27 22.42
C PHE C 238 -22.35 -5.18 23.58
N GLU C 239 -23.02 -5.03 24.72
CA GLU C 239 -22.70 -5.87 25.87
C GLU C 239 -23.08 -7.32 25.63
N ARG C 240 -24.25 -7.55 25.02
CA ARG C 240 -24.67 -8.92 24.74
C ARG C 240 -23.70 -9.62 23.81
N GLY C 241 -23.10 -8.87 22.87
CA GLY C 241 -22.11 -9.47 21.98
C GLY C 241 -20.78 -9.70 22.67
N SER C 242 -20.30 -8.69 23.40
CA SER C 242 -19.04 -8.84 24.12
C SER C 242 -19.09 -9.99 25.12
N ARG C 243 -20.28 -10.28 25.65
CA ARG C 243 -20.41 -11.40 26.58
C ARG C 243 -19.97 -12.71 25.92
N HIS C 244 -20.22 -12.86 24.63
CA HIS C 244 -19.88 -14.07 23.89
C HIS C 244 -18.56 -13.93 23.12
N GLY C 245 -17.82 -12.85 23.34
CA GLY C 245 -16.52 -12.69 22.70
C GLY C 245 -16.59 -12.07 21.32
N LYS C 246 -17.71 -12.24 20.62
CA LYS C 246 -17.83 -11.70 19.28
C LYS C 246 -17.71 -10.18 19.29
N ARG C 247 -17.02 -9.65 18.29
CA ARG C 247 -16.84 -8.21 18.18
C ARG C 247 -18.13 -7.55 17.70
N VAL C 248 -18.35 -6.32 18.18
CA VAL C 248 -19.55 -5.57 17.85
C VAL C 248 -19.19 -4.10 17.71
N GLN C 249 -19.83 -3.43 16.75
CA GLN C 249 -19.71 -2.00 16.58
C GLN C 249 -21.11 -1.41 16.40
N ALA C 250 -21.36 -0.27 17.06
CA ALA C 250 -22.68 0.32 17.08
C ALA C 250 -22.58 1.84 17.17
N ASN C 251 -23.39 2.52 16.37
CA ASN C 251 -23.54 3.97 16.47
C ASN C 251 -24.59 4.26 17.55
N MET C 252 -24.13 4.77 18.69
CA MET C 252 -24.98 4.87 19.87
C MET C 252 -25.72 6.20 19.98
N GLY C 253 -25.22 7.26 19.34
CA GLY C 253 -25.85 8.55 19.48
C GLY C 253 -25.48 9.54 18.40
N ALA C 254 -26.44 10.40 18.03
CA ALA C 254 -26.23 11.42 17.02
C ALA C 254 -26.84 12.73 17.51
N LYS C 255 -26.65 13.03 18.79
CA LYS C 255 -27.12 14.28 19.37
C LYS C 255 -26.24 15.42 18.91
N ASN C 256 -26.48 15.93 17.71
CA ASN C 256 -25.62 16.96 17.14
C ASN C 256 -26.05 18.35 17.62
N HIS C 257 -25.06 19.21 17.84
CA HIS C 257 -25.29 20.58 18.28
C HIS C 257 -24.87 21.54 17.18
N GLY C 258 -25.76 22.48 16.83
CA GLY C 258 -25.46 23.50 15.85
C GLY C 258 -25.24 24.84 16.52
N VAL C 259 -24.08 25.44 16.23
CA VAL C 259 -23.69 26.73 16.78
C VAL C 259 -23.81 27.79 15.69
N VAL C 260 -24.48 28.89 16.02
CA VAL C 260 -24.70 29.98 15.09
C VAL C 260 -24.06 31.23 15.68
N MET C 261 -23.06 31.78 14.98
CA MET C 261 -22.39 32.98 15.43
C MET C 261 -23.04 34.22 14.80
N PRO C 262 -22.90 35.39 15.43
CA PRO C 262 -23.50 36.60 14.84
C PRO C 262 -23.01 36.90 13.44
N ASP C 263 -21.75 36.58 13.13
CA ASP C 263 -21.18 36.86 11.81
C ASP C 263 -21.36 35.64 10.91
N ALA C 264 -22.58 35.48 10.42
CA ALA C 264 -22.93 34.38 9.54
C ALA C 264 -24.03 34.82 8.59
N ASN C 265 -24.16 34.09 7.48
CA ASN C 265 -25.20 34.37 6.49
C ASN C 265 -26.55 33.95 7.07
N LYS C 266 -27.33 34.93 7.51
CA LYS C 266 -28.61 34.65 8.15
C LYS C 266 -29.51 33.78 7.25
N GLU C 267 -29.66 34.18 5.99
CA GLU C 267 -30.55 33.47 5.09
C GLU C 267 -30.14 32.01 4.93
N ASN C 268 -28.90 31.79 4.45
CA ASN C 268 -28.43 30.43 4.22
C ASN C 268 -28.36 29.63 5.52
N THR C 269 -27.94 30.27 6.60
CA THR C 269 -27.85 29.59 7.89
C THR C 269 -29.22 29.07 8.31
N LEU C 270 -30.23 29.94 8.30
CA LEU C 270 -31.58 29.54 8.68
C LEU C 270 -32.12 28.47 7.74
N ASN C 271 -31.85 28.61 6.44
CA ASN C 271 -32.32 27.62 5.48
C ASN C 271 -31.75 26.24 5.79
N GLN C 272 -30.43 26.17 5.99
CA GLN C 272 -29.80 24.88 6.29
C GLN C 272 -30.27 24.33 7.62
N LEU C 273 -30.47 25.20 8.61
CA LEU C 273 -30.96 24.74 9.91
C LEU C 273 -32.35 24.12 9.78
N VAL C 274 -33.26 24.82 9.09
CA VAL C 274 -34.61 24.29 8.91
C VAL C 274 -34.58 23.00 8.10
N GLY C 275 -33.67 22.91 7.13
CA GLY C 275 -33.59 21.70 6.32
C GLY C 275 -33.10 20.50 7.10
N ALA C 276 -32.07 20.70 7.92
CA ALA C 276 -31.46 19.58 8.63
C ALA C 276 -32.28 19.19 9.85
N ALA C 277 -32.89 20.16 10.53
CA ALA C 277 -33.62 19.85 11.76
C ALA C 277 -34.91 19.11 11.47
N PHE C 278 -35.68 19.58 10.49
CA PHE C 278 -36.97 18.98 10.15
C PHE C 278 -36.91 18.05 8.96
N GLY C 279 -35.77 17.93 8.28
CA GLY C 279 -35.68 17.01 7.16
C GLY C 279 -36.01 15.60 7.58
N ALA C 280 -36.79 14.91 6.75
CA ALA C 280 -37.22 13.54 7.02
C ALA C 280 -37.96 13.45 8.35
N ALA C 281 -38.66 14.51 8.72
CA ALA C 281 -39.44 14.55 9.96
C ALA C 281 -38.54 14.32 11.18
N GLY C 282 -37.26 14.66 11.05
CA GLY C 282 -36.34 14.50 12.15
C GLY C 282 -36.15 13.06 12.61
N GLN C 283 -36.61 12.09 11.82
CA GLN C 283 -36.44 10.70 12.21
C GLN C 283 -35.04 10.18 11.94
N ARG C 284 -34.34 10.76 10.96
CA ARG C 284 -32.96 10.39 10.70
C ARG C 284 -32.11 10.53 11.95
N CYS C 285 -31.19 9.59 12.15
CA CYS C 285 -30.34 9.63 13.33
C CYS C 285 -29.49 10.90 13.35
N MET C 286 -28.78 11.17 12.25
CA MET C 286 -27.92 12.35 12.20
C MET C 286 -28.72 13.54 11.70
N ALA C 287 -28.87 14.56 12.56
CA ALA C 287 -29.57 15.78 12.20
C ALA C 287 -29.40 16.83 13.28
N LEU C 288 -29.18 18.08 12.87
CA LEU C 288 -29.04 19.17 13.83
C LEU C 288 -30.33 19.35 14.60
N SER C 289 -30.30 19.03 15.90
CA SER C 289 -31.46 19.18 16.76
C SER C 289 -31.30 20.22 17.85
N THR C 290 -30.08 20.47 18.32
CA THR C 290 -29.80 21.46 19.35
C THR C 290 -29.08 22.64 18.73
N ALA C 291 -29.75 23.79 18.69
CA ALA C 291 -29.20 25.01 18.10
C ALA C 291 -28.74 25.94 19.21
N VAL C 292 -27.49 26.38 19.12
CA VAL C 292 -26.89 27.28 20.10
C VAL C 292 -26.65 28.62 19.42
N LEU C 293 -27.32 29.66 19.91
CA LEU C 293 -27.19 31.00 19.37
C LEU C 293 -26.26 31.80 20.26
N VAL C 294 -25.13 32.24 19.70
CA VAL C 294 -24.10 32.96 20.44
C VAL C 294 -24.22 34.44 20.11
N GLY C 295 -24.09 35.28 21.14
CA GLY C 295 -24.11 36.72 20.91
C GLY C 295 -25.46 37.18 20.40
N GLU C 296 -25.44 38.07 19.42
CA GLU C 296 -26.67 38.64 18.86
C GLU C 296 -27.44 37.65 17.99
N ALA C 297 -26.96 36.42 17.85
CA ALA C 297 -27.68 35.43 17.05
C ALA C 297 -29.08 35.18 17.60
N LYS C 298 -29.32 35.51 18.87
CA LYS C 298 -30.63 35.31 19.47
C LYS C 298 -31.71 36.06 18.70
N LYS C 299 -31.36 37.19 18.10
CA LYS C 299 -32.34 38.00 17.38
C LYS C 299 -32.89 37.29 16.15
N TRP C 300 -32.28 36.18 15.73
CA TRP C 300 -32.74 35.46 14.55
C TRP C 300 -33.85 34.46 14.85
N LEU C 301 -34.29 34.35 16.10
CA LEU C 301 -35.36 33.41 16.43
C LEU C 301 -36.65 33.70 15.69
N PRO C 302 -37.14 34.95 15.61
CA PRO C 302 -38.35 35.18 14.80
C PRO C 302 -38.18 34.78 13.36
N GLU C 303 -37.03 35.09 12.75
CA GLU C 303 -36.79 34.71 11.37
C GLU C 303 -36.74 33.19 11.23
N LEU C 304 -36.15 32.50 12.21
CA LEU C 304 -36.13 31.05 12.18
C LEU C 304 -37.54 30.48 12.23
N VAL C 305 -38.38 31.02 13.11
CA VAL C 305 -39.76 30.55 13.21
C VAL C 305 -40.51 30.81 11.90
N GLU C 306 -40.29 31.98 11.31
CA GLU C 306 -40.95 32.30 10.04
C GLU C 306 -40.53 31.32 8.95
N HIS C 307 -39.22 31.05 8.84
CA HIS C 307 -38.75 30.09 7.84
C HIS C 307 -39.32 28.71 8.09
N ALA C 308 -39.44 28.32 9.36
CA ALA C 308 -40.01 27.02 9.68
C ALA C 308 -41.48 26.94 9.33
N LYS C 309 -42.20 28.05 9.46
CA LYS C 309 -43.62 28.07 9.08
C LYS C 309 -43.82 27.80 7.60
N ASN C 310 -42.80 28.03 6.77
CA ASN C 310 -42.92 27.83 5.33
C ASN C 310 -42.79 26.37 4.91
N LEU C 311 -42.64 25.44 5.85
CA LEU C 311 -42.54 24.03 5.52
C LEU C 311 -43.93 23.47 5.23
N ARG C 312 -44.00 22.61 4.22
CA ARG C 312 -45.25 22.00 3.78
C ARG C 312 -45.30 20.57 4.28
N VAL C 313 -46.20 20.30 5.22
CA VAL C 313 -46.41 18.95 5.73
C VAL C 313 -47.40 18.24 4.82
N ASN C 314 -47.02 17.06 4.33
CA ASN C 314 -47.88 16.29 3.44
C ASN C 314 -47.31 14.90 3.31
N ALA C 315 -48.14 13.99 2.79
CA ALA C 315 -47.70 12.61 2.57
C ALA C 315 -46.48 12.58 1.66
N GLY C 316 -45.67 11.53 1.81
CA GLY C 316 -44.45 11.40 1.04
C GLY C 316 -44.66 11.28 -0.45
N ASP C 317 -45.87 10.89 -0.89
CA ASP C 317 -46.14 10.70 -2.31
C ASP C 317 -46.76 11.95 -2.96
N GLN C 318 -47.38 12.82 -2.18
CA GLN C 318 -47.98 14.01 -2.75
C GLN C 318 -46.90 14.99 -3.19
N PRO C 319 -46.95 15.51 -4.42
CA PRO C 319 -45.95 16.49 -4.83
C PRO C 319 -45.95 17.72 -3.95
N GLY C 320 -44.76 18.33 -3.82
CA GLY C 320 -44.61 19.53 -3.02
C GLY C 320 -44.66 19.26 -1.54
N ALA C 321 -43.91 18.26 -1.08
CA ALA C 321 -43.86 17.89 0.32
C ALA C 321 -42.44 18.11 0.85
N ASP C 322 -42.35 18.61 2.09
CA ASP C 322 -41.06 18.86 2.74
C ASP C 322 -40.72 17.83 3.80
N LEU C 323 -41.71 17.32 4.53
CA LEU C 323 -41.48 16.31 5.55
C LEU C 323 -42.69 15.41 5.63
N GLY C 324 -42.44 14.12 5.90
CA GLY C 324 -43.49 13.14 5.97
C GLY C 324 -43.93 12.86 7.39
N PRO C 325 -44.86 11.93 7.56
CA PRO C 325 -45.34 11.59 8.91
C PRO C 325 -44.36 10.70 9.64
N LEU C 326 -44.58 10.58 10.95
CA LEU C 326 -43.72 9.74 11.78
C LEU C 326 -43.93 8.27 11.46
N ILE C 327 -43.06 7.43 12.01
CA ILE C 327 -43.07 6.02 11.66
C ILE C 327 -44.29 5.31 12.23
N THR C 328 -44.70 5.64 13.45
CA THR C 328 -45.81 4.96 14.10
C THR C 328 -46.55 5.97 14.96
N PRO C 329 -47.81 5.69 15.32
CA PRO C 329 -48.52 6.58 16.25
C PRO C 329 -47.83 6.70 17.59
N GLN C 330 -47.19 5.62 18.05
CA GLN C 330 -46.49 5.68 19.33
C GLN C 330 -45.39 6.72 19.30
N ALA C 331 -44.70 6.87 18.17
CA ALA C 331 -43.69 7.90 18.05
C ALA C 331 -44.30 9.29 18.18
N LYS C 332 -45.46 9.51 17.57
CA LYS C 332 -46.14 10.80 17.69
C LYS C 332 -46.54 11.07 19.14
N GLU C 333 -47.07 10.05 19.82
CA GLU C 333 -47.45 10.23 21.23
C GLU C 333 -46.23 10.54 22.08
N ARG C 334 -45.10 9.88 21.79
CA ARG C 334 -43.88 10.13 22.55
C ARG C 334 -43.38 11.56 22.31
N VAL C 335 -43.41 12.01 21.06
CA VAL C 335 -42.98 13.38 20.75
C VAL C 335 -43.89 14.38 21.45
N CYS C 336 -45.20 14.11 21.47
CA CYS C 336 -46.13 15.01 22.13
C CYS C 336 -45.85 15.05 23.64
N ASN C 337 -45.59 13.89 24.24
CA ASN C 337 -45.28 13.86 25.66
C ASN C 337 -44.00 14.62 25.96
N LEU C 338 -42.99 14.47 25.11
CA LEU C 338 -41.73 15.20 25.31
C LEU C 338 -41.94 16.70 25.19
N ILE C 339 -42.74 17.14 24.21
CA ILE C 339 -43.01 18.56 24.06
C ILE C 339 -43.78 19.08 25.27
N ASP C 340 -44.73 18.30 25.77
CA ASP C 340 -45.48 18.72 26.95
C ASP C 340 -44.57 18.84 28.17
N SER C 341 -43.67 17.88 28.34
CA SER C 341 -42.71 17.96 29.44
C SER C 341 -41.83 19.18 29.31
N GLY C 342 -41.33 19.46 28.10
CA GLY C 342 -40.53 20.65 27.90
C GLY C 342 -41.30 21.92 28.23
N THR C 343 -42.56 21.99 27.81
CA THR C 343 -43.38 23.16 28.13
C THR C 343 -43.57 23.30 29.64
N LYS C 344 -43.82 22.18 30.32
CA LYS C 344 -44.01 22.23 31.77
C LYS C 344 -42.73 22.65 32.49
N GLU C 345 -41.57 22.29 31.95
CA GLU C 345 -40.31 22.62 32.58
C GLU C 345 -39.92 24.09 32.40
N GLY C 346 -40.75 24.89 31.75
CA GLY C 346 -40.49 26.30 31.58
C GLY C 346 -40.03 26.72 30.20
N ALA C 347 -39.88 25.77 29.27
CA ALA C 347 -39.47 26.12 27.92
C ALA C 347 -40.62 26.74 27.14
N SER C 348 -40.28 27.68 26.27
CA SER C 348 -41.26 28.40 25.46
C SER C 348 -41.38 27.72 24.09
N ILE C 349 -42.61 27.39 23.71
CA ILE C 349 -42.86 26.75 22.42
C ILE C 349 -43.15 27.83 21.38
N LEU C 350 -42.11 28.28 20.69
CA LEU C 350 -42.28 29.33 19.69
C LEU C 350 -43.13 28.85 18.52
N LEU C 351 -43.06 27.57 18.19
CA LEU C 351 -43.86 26.98 17.13
C LEU C 351 -44.34 25.61 17.59
N ASP C 352 -45.64 25.36 17.46
CA ASP C 352 -46.26 24.15 17.94
C ASP C 352 -46.90 23.41 16.77
N GLY C 353 -46.45 22.17 16.54
CA GLY C 353 -47.01 21.32 15.51
C GLY C 353 -47.79 20.13 16.01
N ARG C 354 -47.99 20.02 17.33
CA ARG C 354 -48.69 18.87 17.89
C ARG C 354 -50.10 18.74 17.34
N LYS C 355 -50.76 19.86 17.04
CA LYS C 355 -52.13 19.86 16.54
C LYS C 355 -52.18 20.06 15.04
N ILE C 356 -51.16 19.63 14.30
CA ILE C 356 -51.17 19.78 12.86
C ILE C 356 -52.21 18.84 12.26
N LYS C 357 -52.83 19.29 11.16
CA LYS C 357 -53.88 18.52 10.49
C LYS C 357 -53.62 18.60 8.98
N VAL C 358 -53.16 17.49 8.41
CA VAL C 358 -52.88 17.43 6.98
C VAL C 358 -54.17 17.08 6.23
N LYS C 359 -54.45 17.83 5.17
CA LYS C 359 -55.65 17.58 4.38
C LYS C 359 -55.57 16.21 3.71
N GLY C 360 -56.66 15.44 3.82
CA GLY C 360 -56.73 14.13 3.21
C GLY C 360 -55.95 13.05 3.93
N TYR C 361 -55.14 13.40 4.94
CA TYR C 361 -54.37 12.41 5.68
C TYR C 361 -54.43 12.68 7.18
N GLU C 362 -55.61 13.04 7.70
CA GLU C 362 -55.74 13.33 9.13
C GLU C 362 -55.45 12.11 9.99
N ASN C 363 -55.63 10.90 9.45
CA ASN C 363 -55.36 9.68 10.19
C ASN C 363 -53.89 9.30 10.20
N GLY C 364 -53.02 10.15 9.66
CA GLY C 364 -51.60 9.86 9.64
C GLY C 364 -50.88 10.37 10.88
N ASN C 365 -49.62 9.96 11.01
CA ASN C 365 -48.78 10.35 12.13
C ASN C 365 -47.99 11.62 11.85
N PHE C 366 -48.66 12.71 11.48
CA PHE C 366 -47.97 13.93 11.13
C PHE C 366 -47.74 14.80 12.36
N VAL C 367 -46.58 15.46 12.40
CA VAL C 367 -46.24 16.40 13.47
C VAL C 367 -45.55 17.59 12.82
N GLY C 368 -46.11 18.78 13.03
CA GLY C 368 -45.59 19.98 12.41
C GLY C 368 -44.26 20.41 12.99
N PRO C 369 -43.55 21.29 12.29
CA PRO C 369 -42.27 21.79 12.81
C PRO C 369 -42.45 22.43 14.18
N THR C 370 -41.69 21.92 15.15
CA THR C 370 -41.74 22.41 16.52
C THR C 370 -40.40 23.06 16.88
N ILE C 371 -40.47 24.28 17.39
CA ILE C 371 -39.29 25.04 17.81
C ILE C 371 -39.44 25.34 19.29
N ILE C 372 -38.43 24.96 20.08
CA ILE C 372 -38.41 25.17 21.52
C ILE C 372 -37.19 26.03 21.86
N SER C 373 -37.44 27.15 22.54
CA SER C 373 -36.39 28.07 22.94
C SER C 373 -36.33 28.13 24.47
N ASN C 374 -35.37 28.90 24.97
CA ASN C 374 -35.15 29.06 26.40
C ASN C 374 -34.83 27.74 27.09
N VAL C 375 -34.32 26.76 26.34
CA VAL C 375 -34.01 25.47 26.92
C VAL C 375 -32.69 25.52 27.67
N LYS C 376 -32.54 24.67 28.68
CA LYS C 376 -31.33 24.56 29.46
C LYS C 376 -30.82 23.12 29.41
N PRO C 377 -29.52 22.92 29.67
CA PRO C 377 -28.98 21.56 29.63
C PRO C 377 -29.68 20.58 30.55
N ASN C 378 -30.27 21.05 31.65
CA ASN C 378 -30.89 20.16 32.62
C ASN C 378 -32.30 19.73 32.19
N MET C 379 -32.85 20.33 31.14
CA MET C 379 -34.19 19.99 30.71
C MET C 379 -34.20 18.68 29.92
N THR C 380 -35.37 18.03 29.93
CA THR C 380 -35.49 16.74 29.25
C THR C 380 -35.25 16.88 27.75
N CYS C 381 -35.77 17.96 27.14
CA CYS C 381 -35.61 18.14 25.72
C CYS C 381 -34.14 18.12 25.29
N TYR C 382 -33.25 18.58 26.16
CA TYR C 382 -31.82 18.57 25.83
C TYR C 382 -31.23 17.19 26.03
N LYS C 383 -31.53 16.55 27.15
CA LYS C 383 -30.95 15.24 27.44
C LYS C 383 -31.54 14.15 26.55
N GLU C 384 -32.86 14.10 26.44
CA GLU C 384 -33.52 13.05 25.68
C GLU C 384 -33.37 13.29 24.19
N GLU C 385 -33.21 12.20 23.44
CA GLU C 385 -33.12 12.26 21.98
C GLU C 385 -34.54 12.17 21.42
N ILE C 386 -34.97 13.21 20.71
CA ILE C 386 -36.37 13.32 20.32
C ILE C 386 -36.69 12.36 19.18
N PHE C 387 -35.80 12.26 18.19
CA PHE C 387 -36.07 11.47 16.98
C PHE C 387 -37.34 11.97 16.30
N GLY C 388 -37.50 13.29 16.24
CA GLY C 388 -38.67 13.90 15.66
C GLY C 388 -38.39 15.30 15.15
N PRO C 389 -39.41 15.93 14.55
CA PRO C 389 -39.25 17.29 14.01
C PRO C 389 -39.35 18.37 15.08
N VAL C 390 -38.46 18.28 16.06
CA VAL C 390 -38.42 19.22 17.17
C VAL C 390 -37.03 19.85 17.23
N LEU C 391 -36.98 21.18 17.19
CA LEU C 391 -35.74 21.94 17.23
C LEU C 391 -35.66 22.68 18.55
N VAL C 392 -34.72 22.29 19.40
CA VAL C 392 -34.49 22.94 20.69
C VAL C 392 -33.38 23.96 20.51
N VAL C 393 -33.59 25.16 21.04
CA VAL C 393 -32.65 26.27 20.88
C VAL C 393 -32.21 26.74 22.26
N LEU C 394 -30.90 26.84 22.45
CA LEU C 394 -30.32 27.37 23.67
C LEU C 394 -29.61 28.68 23.35
N GLU C 395 -29.48 29.53 24.37
CA GLU C 395 -28.89 30.85 24.22
C GLU C 395 -27.62 30.95 25.05
N THR C 396 -26.59 31.54 24.46
CA THR C 396 -25.32 31.76 25.12
C THR C 396 -24.77 33.12 24.75
N GLU C 397 -23.82 33.61 25.54
CA GLU C 397 -23.22 34.92 25.33
C GLU C 397 -21.86 34.85 24.65
N THR C 398 -21.08 33.81 24.92
CA THR C 398 -19.75 33.66 24.33
C THR C 398 -19.63 32.28 23.71
N LEU C 399 -18.70 32.16 22.76
CA LEU C 399 -18.49 30.88 22.09
C LEU C 399 -17.93 29.83 23.05
N ASP C 400 -17.23 30.26 24.10
CA ASP C 400 -16.70 29.31 25.08
C ASP C 400 -17.84 28.57 25.77
N GLU C 401 -18.92 29.27 26.08
CA GLU C 401 -20.07 28.62 26.70
C GLU C 401 -20.67 27.56 25.79
N ALA C 402 -20.80 27.89 24.49
CA ALA C 402 -21.33 26.92 23.54
C ALA C 402 -20.41 25.71 23.42
N ILE C 403 -19.10 25.94 23.37
CA ILE C 403 -18.15 24.84 23.29
C ILE C 403 -18.27 23.94 24.51
N GLN C 404 -18.40 24.55 25.70
CA GLN C 404 -18.53 23.77 26.92
C GLN C 404 -19.82 22.96 26.92
N ILE C 405 -20.92 23.57 26.48
CA ILE C 405 -22.19 22.86 26.41
C ILE C 405 -22.09 21.67 25.47
N VAL C 406 -21.45 21.87 24.31
CA VAL C 406 -21.29 20.79 23.35
C VAL C 406 -20.44 19.68 23.95
N ASN C 407 -19.35 20.03 24.63
CA ASN C 407 -18.48 19.03 25.23
C ASN C 407 -19.21 18.24 26.32
N ASN C 408 -20.10 18.91 27.06
CA ASN C 408 -20.83 18.23 28.12
C ASN C 408 -21.69 17.09 27.56
N ASN C 409 -22.07 17.17 26.30
CA ASN C 409 -22.87 16.12 25.68
C ASN C 409 -22.10 14.81 25.68
N PRO C 410 -22.55 13.78 26.41
CA PRO C 410 -21.79 12.52 26.44
C PRO C 410 -21.80 11.78 25.10
N TYR C 411 -22.97 11.72 24.46
CA TYR C 411 -23.12 11.05 23.18
C TYR C 411 -23.17 12.10 22.08
N GLY C 412 -22.06 12.25 21.36
CA GLY C 412 -21.99 13.20 20.26
C GLY C 412 -20.90 12.85 19.27
N ASN C 413 -21.25 12.81 17.99
CA ASN C 413 -20.31 12.46 16.92
C ASN C 413 -20.22 13.49 15.81
N ARG C 414 -21.26 14.28 15.58
CA ARG C 414 -21.27 15.27 14.53
C ARG C 414 -21.72 16.61 15.09
N THR C 415 -21.04 17.68 14.69
CA THR C 415 -21.39 19.02 15.13
C THR C 415 -21.13 19.99 13.98
N ALA C 416 -21.81 21.13 14.02
CA ALA C 416 -21.69 22.15 12.99
C ALA C 416 -21.62 23.53 13.64
N ILE C 417 -20.92 24.44 12.95
CA ILE C 417 -20.80 25.83 13.38
C ILE C 417 -20.99 26.71 12.14
N PHE C 418 -21.83 27.73 12.27
CA PHE C 418 -22.13 28.66 11.18
C PHE C 418 -21.46 29.99 11.48
N THR C 419 -20.46 30.35 10.68
CA THR C 419 -19.74 31.61 10.85
C THR C 419 -18.87 31.83 9.63
N THR C 420 -18.57 33.11 9.38
CA THR C 420 -17.73 33.49 8.25
C THR C 420 -16.27 33.67 8.64
N ASN C 421 -15.97 33.79 9.93
CA ASN C 421 -14.60 33.98 10.40
C ASN C 421 -13.92 32.62 10.45
N GLY C 422 -12.89 32.44 9.61
CA GLY C 422 -12.16 31.18 9.62
C GLY C 422 -11.47 30.91 10.93
N ALA C 423 -10.95 31.98 11.58
CA ALA C 423 -10.29 31.80 12.87
C ALA C 423 -11.26 31.24 13.90
N THR C 424 -12.50 31.74 13.91
CA THR C 424 -13.49 31.24 14.86
C THR C 424 -13.80 29.77 14.60
N ALA C 425 -13.93 29.39 13.33
CA ALA C 425 -14.19 28.00 12.99
C ALA C 425 -13.04 27.10 13.44
N ARG C 426 -11.80 27.55 13.21
CA ARG C 426 -10.65 26.76 13.64
C ARG C 426 -10.60 26.63 15.17
N LYS C 427 -10.89 27.73 15.87
CA LYS C 427 -10.94 27.68 17.32
C LYS C 427 -11.98 26.67 17.80
N TYR C 428 -13.18 26.72 17.22
CA TYR C 428 -14.24 25.79 17.61
C TYR C 428 -13.82 24.36 17.33
N ALA C 429 -13.23 24.11 16.17
CA ALA C 429 -12.82 22.75 15.82
C ALA C 429 -11.74 22.23 16.77
N HIS C 430 -10.81 23.11 17.16
CA HIS C 430 -9.73 22.67 18.05
C HIS C 430 -10.24 22.44 19.47
N LEU C 431 -11.14 23.30 19.94
CA LEU C 431 -11.61 23.17 21.32
C LEU C 431 -12.71 22.12 21.45
N VAL C 432 -13.58 22.00 20.45
CA VAL C 432 -14.66 21.04 20.53
C VAL C 432 -14.09 19.63 20.60
N ASP C 433 -14.77 18.76 21.36
CA ASP C 433 -14.36 17.38 21.54
C ASP C 433 -15.08 16.43 20.59
N VAL C 434 -15.55 16.94 19.45
CA VAL C 434 -16.23 16.14 18.45
C VAL C 434 -15.30 15.94 17.27
N GLY C 435 -15.26 14.72 16.74
CA GLY C 435 -14.37 14.44 15.62
C GLY C 435 -14.83 15.10 14.33
N GLN C 436 -16.09 14.93 13.98
CA GLN C 436 -16.65 15.49 12.75
C GLN C 436 -17.25 16.85 13.05
N VAL C 437 -16.74 17.88 12.39
CA VAL C 437 -17.18 19.26 12.58
C VAL C 437 -17.59 19.81 11.22
N GLY C 438 -18.65 20.61 11.22
CA GLY C 438 -19.15 21.19 9.99
C GLY C 438 -19.19 22.71 10.01
N VAL C 439 -18.36 23.34 9.18
CA VAL C 439 -18.35 24.79 9.04
C VAL C 439 -19.32 25.14 7.91
N ASN C 440 -20.46 25.72 8.29
CA ASN C 440 -21.53 26.07 7.36
C ASN C 440 -22.14 24.84 6.70
N VAL C 441 -21.94 23.66 7.28
CA VAL C 441 -22.48 22.41 6.78
C VAL C 441 -23.30 21.79 7.91
N PRO C 442 -24.54 21.36 7.64
CA PRO C 442 -25.36 20.84 8.75
C PRO C 442 -24.92 19.48 9.25
N ILE C 443 -24.58 18.57 8.34
CA ILE C 443 -24.22 17.19 8.72
C ILE C 443 -23.00 16.76 7.93
N PRO C 444 -21.79 16.88 8.47
CA PRO C 444 -20.60 16.41 7.74
C PRO C 444 -20.65 14.90 7.52
N VAL C 445 -20.29 14.49 6.31
CA VAL C 445 -20.24 13.08 5.95
C VAL C 445 -21.57 12.43 6.29
N PRO C 446 -22.65 12.70 5.56
CA PRO C 446 -23.95 12.15 5.92
C PRO C 446 -24.01 10.62 5.87
N LEU C 447 -22.92 9.97 5.46
CA LEU C 447 -22.92 8.52 5.41
C LEU C 447 -22.91 7.94 6.84
N PRO C 448 -23.59 6.83 7.07
CA PRO C 448 -23.60 6.23 8.41
C PRO C 448 -22.21 5.82 8.84
N MET C 449 -21.77 6.33 9.98
CA MET C 449 -20.48 5.96 10.55
C MET C 449 -20.43 6.44 11.99
N PHE C 450 -19.38 6.02 12.70
CA PHE C 450 -19.21 6.37 14.10
C PHE C 450 -19.07 7.88 14.27
N PHE C 465 -15.96 3.34 10.44
CA PHE C 465 -16.38 2.02 9.99
C PHE C 465 -16.07 1.80 8.52
N TYR C 466 -15.74 2.87 7.81
CA TYR C 466 -15.43 2.81 6.39
C TYR C 466 -13.91 2.76 6.19
N GLY C 467 -13.52 2.41 4.97
CA GLY C 467 -12.11 2.37 4.63
C GLY C 467 -11.36 1.37 5.47
N LYS C 468 -10.19 1.78 5.96
CA LYS C 468 -9.36 0.88 6.75
C LYS C 468 -10.11 0.30 7.94
N GLN C 469 -10.98 1.10 8.56
CA GLN C 469 -11.72 0.63 9.72
C GLN C 469 -12.62 -0.56 9.37
N GLY C 470 -13.35 -0.45 8.26
CA GLY C 470 -14.23 -1.54 7.86
C GLY C 470 -13.47 -2.84 7.62
N ILE C 471 -12.31 -2.74 6.96
CA ILE C 471 -11.52 -3.93 6.69
C ILE C 471 -10.98 -4.52 7.99
N GLN C 472 -10.43 -3.67 8.85
CA GLN C 472 -9.91 -4.14 10.13
C GLN C 472 -11.01 -4.81 10.96
N PHE C 473 -12.26 -4.34 10.79
CA PHE C 473 -13.36 -4.92 11.57
C PHE C 473 -13.81 -6.25 10.98
N TYR C 474 -13.99 -6.30 9.66
CA TYR C 474 -14.57 -7.49 9.02
C TYR C 474 -13.54 -8.53 8.62
N THR C 475 -12.25 -8.30 8.86
CA THR C 475 -11.21 -9.24 8.49
C THR C 475 -10.16 -9.33 9.59
N GLN C 476 -9.71 -10.55 9.88
CA GLN C 476 -8.64 -10.76 10.84
C GLN C 476 -7.29 -10.71 10.15
N LEU C 477 -6.28 -10.26 10.89
CA LEU C 477 -4.93 -10.06 10.36
C LEU C 477 -4.04 -11.21 10.82
N LYS C 478 -3.74 -12.13 9.91
CA LYS C 478 -2.78 -13.19 10.18
C LYS C 478 -1.37 -12.71 9.87
N THR C 479 -0.43 -13.03 10.76
CA THR C 479 0.97 -12.65 10.60
C THR C 479 1.83 -13.91 10.66
N ILE C 480 2.66 -14.10 9.65
CA ILE C 480 3.50 -15.29 9.53
C ILE C 480 4.96 -14.85 9.57
N THR C 481 5.72 -15.42 10.50
CA THR C 481 7.16 -15.19 10.60
C THR C 481 7.88 -16.52 10.43
N SER C 482 8.50 -16.71 9.28
CA SER C 482 9.15 -17.98 8.93
C SER C 482 10.64 -17.76 8.73
N GLN C 483 11.45 -18.63 9.36
CA GLN C 483 12.90 -18.58 9.24
C GLN C 483 13.39 -20.00 8.90
N TRP C 484 13.45 -20.29 7.61
CA TRP C 484 13.96 -21.57 7.15
C TRP C 484 15.48 -21.51 7.02
N LYS C 485 16.14 -22.56 7.53
CA LYS C 485 17.59 -22.64 7.51
C LYS C 485 18.11 -23.77 6.65
N GLU C 486 17.60 -24.99 6.84
CA GLU C 486 18.05 -26.13 6.06
C GLU C 486 17.11 -27.32 6.24
N SER D 3 25.54 4.60 54.31
CA SER D 3 24.99 3.74 55.39
C SER D 3 23.61 3.21 55.01
N SER D 4 22.61 4.08 55.10
CA SER D 4 21.25 3.69 54.76
C SER D 4 21.14 3.39 53.27
N VAL D 5 20.19 2.52 52.93
CA VAL D 5 19.96 2.13 51.54
C VAL D 5 19.46 3.35 50.77
N PRO D 6 19.74 3.46 49.47
CA PRO D 6 19.26 4.61 48.71
C PRO D 6 17.76 4.58 48.55
N THR D 7 17.18 5.77 48.40
CA THR D 7 15.74 5.94 48.25
C THR D 7 15.43 6.46 46.85
N VAL D 8 14.54 5.76 46.14
CA VAL D 8 14.14 6.21 44.82
C VAL D 8 13.37 7.51 44.94
N LYS D 9 13.60 8.41 43.99
CA LYS D 9 12.98 9.73 44.00
C LYS D 9 12.13 9.91 42.75
N LEU D 10 11.05 10.68 42.89
CA LEU D 10 10.13 10.89 41.79
C LEU D 10 10.74 11.83 40.75
N PHE D 11 10.02 11.99 39.64
CA PHE D 11 10.42 12.86 38.54
C PHE D 11 9.20 13.69 38.14
N ILE D 12 9.12 14.91 38.67
CA ILE D 12 7.99 15.79 38.44
C ILE D 12 8.52 17.15 37.97
N GLY D 13 7.94 17.67 36.90
CA GLY D 13 8.37 18.96 36.38
C GLY D 13 9.83 19.02 36.00
N GLY D 14 10.38 17.91 35.51
CA GLY D 14 11.78 17.86 35.15
C GLY D 14 12.74 17.86 36.32
N LYS D 15 12.24 17.82 37.54
CA LYS D 15 13.07 17.86 38.74
C LYS D 15 12.96 16.53 39.49
N PHE D 16 14.09 15.87 39.67
CA PHE D 16 14.14 14.64 40.47
C PHE D 16 13.95 15.01 41.94
N VAL D 17 12.76 14.75 42.47
CA VAL D 17 12.39 15.15 43.83
C VAL D 17 12.11 13.90 44.65
N GLU D 18 12.62 13.88 45.87
CA GLU D 18 12.39 12.74 46.77
C GLU D 18 10.99 12.85 47.37
N SER D 19 10.29 11.72 47.44
CA SER D 19 8.91 11.71 47.93
C SER D 19 8.88 11.85 49.44
N LYS D 20 7.90 12.60 49.94
CA LYS D 20 7.70 12.79 51.36
C LYS D 20 6.71 11.81 51.97
N SER D 21 6.34 10.76 51.24
CA SER D 21 5.35 9.81 51.72
C SER D 21 5.88 9.06 52.94
N ASP D 22 4.95 8.44 53.67
CA ASP D 22 5.31 7.63 54.83
C ASP D 22 5.47 6.16 54.45
N LYS D 23 4.63 5.68 53.53
CA LYS D 23 4.69 4.28 53.11
C LYS D 23 5.85 4.10 52.12
N TRP D 24 6.69 3.11 52.39
CA TRP D 24 7.83 2.79 51.54
C TRP D 24 7.84 1.30 51.22
N ILE D 25 8.46 0.96 50.10
CA ILE D 25 8.60 -0.41 49.64
C ILE D 25 10.08 -0.66 49.33
N ASP D 26 10.56 -1.84 49.70
CA ASP D 26 11.97 -2.18 49.55
C ASP D 26 12.23 -2.84 48.22
N ILE D 27 13.43 -2.63 47.68
CA ILE D 27 13.87 -3.26 46.44
C ILE D 27 14.97 -4.26 46.79
N HIS D 28 14.73 -5.52 46.46
CA HIS D 28 15.65 -6.61 46.80
C HIS D 28 16.36 -7.10 45.55
N ASN D 29 17.64 -7.45 45.71
CA ASN D 29 18.41 -8.05 44.64
C ASN D 29 17.97 -9.50 44.47
N PRO D 30 17.42 -9.90 43.32
CA PRO D 30 16.92 -11.28 43.19
C PRO D 30 17.99 -12.35 43.33
N ALA D 31 19.26 -11.99 43.22
CA ALA D 31 20.34 -12.95 43.37
C ALA D 31 20.73 -13.19 44.83
N THR D 32 20.49 -12.21 45.71
CA THR D 32 20.82 -12.35 47.12
C THR D 32 19.71 -11.90 48.06
N ASN D 33 18.61 -11.36 47.55
CA ASN D 33 17.50 -10.88 48.38
C ASN D 33 17.93 -9.75 49.31
N GLU D 34 19.05 -9.09 48.99
CA GLU D 34 19.52 -7.98 49.81
C GLU D 34 18.83 -6.69 49.39
N VAL D 35 18.39 -5.91 50.38
CA VAL D 35 17.71 -4.65 50.11
C VAL D 35 18.72 -3.68 49.51
N ILE D 36 18.49 -3.30 48.25
CA ILE D 36 19.37 -2.38 47.53
C ILE D 36 18.77 -1.01 47.34
N GLY D 37 17.50 -0.82 47.68
CA GLY D 37 16.88 0.49 47.50
C GLY D 37 15.45 0.44 48.00
N ARG D 38 14.85 1.63 48.05
CA ARG D 38 13.48 1.81 48.51
C ARG D 38 12.73 2.70 47.53
N VAL D 39 11.48 2.32 47.23
CA VAL D 39 10.62 3.07 46.33
C VAL D 39 9.45 3.60 47.15
N PRO D 40 9.14 4.89 47.08
CA PRO D 40 8.07 5.43 47.93
C PRO D 40 6.70 5.32 47.29
N GLN D 41 5.68 5.37 48.14
CA GLN D 41 4.30 5.41 47.68
C GLN D 41 3.91 6.86 47.38
N ALA D 42 3.78 7.19 46.10
CA ALA D 42 3.48 8.56 45.72
C ALA D 42 2.20 9.05 46.39
N THR D 43 2.29 10.22 47.01
CA THR D 43 1.15 10.79 47.71
C THR D 43 0.19 11.43 46.73
N LYS D 44 -1.05 11.64 47.19
CA LYS D 44 -2.06 12.28 46.36
C LYS D 44 -1.58 13.64 45.87
N ALA D 45 -0.94 14.41 46.75
CA ALA D 45 -0.48 15.75 46.37
C ALA D 45 0.60 15.67 45.29
N GLU D 46 1.53 14.73 45.42
CA GLU D 46 2.60 14.60 44.43
C GLU D 46 2.05 14.16 43.08
N MET D 47 1.09 13.24 43.09
CA MET D 47 0.48 12.81 41.83
C MET D 47 -0.31 13.95 41.19
N ASP D 48 -1.01 14.74 42.01
CA ASP D 48 -1.72 15.91 41.48
C ASP D 48 -0.74 16.90 40.87
N ALA D 49 0.40 17.11 41.52
CA ALA D 49 1.41 18.02 40.98
C ALA D 49 1.98 17.49 39.67
N ALA D 50 2.19 16.18 39.58
CA ALA D 50 2.66 15.59 38.33
C ALA D 50 1.64 15.78 37.21
N ILE D 51 0.37 15.57 37.52
CA ILE D 51 -0.67 15.76 36.51
C ILE D 51 -0.73 17.21 36.08
N ALA D 52 -0.58 18.14 37.03
CA ALA D 52 -0.59 19.56 36.70
C ALA D 52 0.59 19.92 35.82
N SER D 53 1.76 19.34 36.09
CA SER D 53 2.93 19.58 35.25
C SER D 53 2.69 19.06 33.84
N CYS D 54 2.14 17.84 33.73
CA CYS D 54 1.83 17.30 32.42
C CYS D 54 0.85 18.20 31.66
N LYS D 55 -0.17 18.69 32.36
CA LYS D 55 -1.14 19.58 31.72
C LYS D 55 -0.47 20.86 31.23
N ARG D 56 0.33 21.49 32.09
CA ARG D 56 0.99 22.73 31.71
C ARG D 56 1.99 22.52 30.58
N ALA D 57 2.55 21.31 30.47
CA ALA D 57 3.54 21.06 29.42
C ALA D 57 2.89 20.64 28.11
N PHE D 58 1.67 20.11 28.16
CA PHE D 58 1.03 19.63 26.94
C PHE D 58 0.90 20.71 25.87
N PRO D 59 0.48 21.94 26.18
CA PRO D 59 0.38 22.95 25.11
C PRO D 59 1.68 23.16 24.36
N ALA D 60 2.77 23.42 25.06
CA ALA D 60 4.05 23.69 24.40
C ALA D 60 4.51 22.48 23.61
N TRP D 61 4.47 21.29 24.23
CA TRP D 61 4.91 20.08 23.54
C TRP D 61 4.07 19.75 22.32
N ALA D 62 2.79 20.17 22.31
CA ALA D 62 1.95 19.95 21.14
C ALA D 62 2.19 20.99 20.06
N ASP D 63 2.51 22.23 20.46
CA ASP D 63 2.79 23.26 19.47
C ASP D 63 4.07 22.95 18.71
N THR D 64 5.02 22.27 19.35
CA THR D 64 6.26 21.90 18.69
C THR D 64 5.98 21.00 17.49
N SER D 65 6.71 21.24 16.40
CA SER D 65 6.54 20.44 15.19
C SER D 65 7.01 19.01 15.43
N VAL D 66 6.53 18.10 14.58
CA VAL D 66 6.91 16.70 14.71
C VAL D 66 8.40 16.52 14.47
N LEU D 67 9.01 17.40 13.68
CA LEU D 67 10.43 17.26 13.38
C LEU D 67 11.28 17.51 14.62
N SER D 68 10.91 18.49 15.44
CA SER D 68 11.65 18.74 16.67
C SER D 68 11.56 17.54 17.60
N ARG D 69 10.37 16.96 17.75
CA ARG D 69 10.23 15.77 18.57
C ARG D 69 11.03 14.61 18.00
N GLN D 70 11.11 14.51 16.68
CA GLN D 70 11.91 13.46 16.06
C GLN D 70 13.39 13.65 16.39
N GLN D 71 13.87 14.88 16.31
CA GLN D 71 15.27 15.15 16.66
C GLN D 71 15.53 14.84 18.13
N VAL D 72 14.57 15.17 19.00
CA VAL D 72 14.71 14.85 20.41
C VAL D 72 14.80 13.34 20.60
N LEU D 73 13.95 12.58 19.91
CA LEU D 73 14.00 11.12 20.01
C LEU D 73 15.32 10.58 19.47
N LEU D 74 15.86 11.19 18.43
CA LEU D 74 17.15 10.75 17.89
C LEU D 74 18.26 11.00 18.90
N ARG D 75 18.26 12.17 19.53
CA ARG D 75 19.26 12.46 20.55
C ARG D 75 19.13 11.50 21.73
N TYR D 76 17.90 11.18 22.12
CA TYR D 76 17.68 10.22 23.20
C TYR D 76 18.18 8.83 22.82
N GLN D 77 17.95 8.42 21.57
CA GLN D 77 18.45 7.15 21.10
C GLN D 77 19.98 7.12 21.13
N GLN D 78 20.61 8.21 20.71
CA GLN D 78 22.07 8.29 20.76
C GLN D 78 22.57 8.18 22.19
N LEU D 79 21.91 8.90 23.11
CA LEU D 79 22.31 8.81 24.51
C LEU D 79 22.16 7.39 25.04
N ILE D 80 21.08 6.70 24.68
CA ILE D 80 20.90 5.31 25.09
C ILE D 80 22.04 4.46 24.56
N LYS D 81 22.36 4.61 23.27
CA LYS D 81 23.47 3.87 22.70
C LYS D 81 24.77 4.15 23.44
N GLU D 82 24.94 5.37 23.94
CA GLU D 82 26.15 5.70 24.69
C GLU D 82 26.16 5.05 26.06
N ASN D 83 25.03 5.10 26.77
CA ASN D 83 24.91 4.56 28.11
C ASN D 83 24.23 3.20 28.14
N LEU D 84 24.42 2.39 27.11
CA LEU D 84 23.79 1.07 27.08
C LEU D 84 24.33 0.17 28.19
N LYS D 85 25.64 0.23 28.44
CA LYS D 85 26.25 -0.64 29.45
C LYS D 85 25.70 -0.34 30.84
N GLU D 86 25.52 0.94 31.16
CA GLU D 86 24.99 1.29 32.47
C GLU D 86 23.56 0.79 32.65
N ILE D 87 22.74 0.94 31.61
CA ILE D 87 21.37 0.44 31.68
C ILE D 87 21.36 -1.07 31.85
N ALA D 88 22.23 -1.76 31.11
CA ALA D 88 22.30 -3.22 31.24
C ALA D 88 22.73 -3.63 32.63
N LYS D 89 23.70 -2.92 33.21
CA LYS D 89 24.14 -3.23 34.55
C LYS D 89 23.02 -3.01 35.57
N LEU D 90 22.30 -1.90 35.45
CA LEU D 90 21.20 -1.64 36.37
C LEU D 90 20.11 -2.70 36.24
N ILE D 91 19.81 -3.12 35.01
CA ILE D 91 18.81 -4.15 34.80
C ILE D 91 19.26 -5.47 35.45
N THR D 92 20.51 -5.85 35.20
CA THR D 92 21.02 -7.10 35.79
C THR D 92 21.02 -7.02 37.31
N LEU D 93 21.24 -5.83 37.87
CA LEU D 93 21.27 -5.68 39.32
C LEU D 93 19.87 -5.78 39.92
N GLU D 94 18.90 -5.09 39.32
CA GLU D 94 17.56 -5.00 39.91
C GLU D 94 16.68 -6.20 39.56
N GLN D 95 16.57 -6.54 38.27
CA GLN D 95 15.71 -7.63 37.83
C GLN D 95 16.42 -8.98 37.79
N GLY D 96 17.75 -8.99 37.79
CA GLY D 96 18.51 -10.22 37.79
C GLY D 96 18.80 -10.80 36.43
N LYS D 97 18.29 -10.20 35.36
CA LYS D 97 18.56 -10.71 34.02
C LYS D 97 20.06 -10.69 33.74
N THR D 98 20.50 -11.65 32.92
CA THR D 98 21.91 -11.71 32.53
C THR D 98 22.28 -10.46 31.75
N LEU D 99 23.57 -10.12 31.79
CA LEU D 99 24.04 -8.95 31.07
C LEU D 99 23.66 -9.01 29.59
N ALA D 100 23.77 -10.20 28.99
CA ALA D 100 23.37 -10.34 27.59
C ALA D 100 21.88 -10.09 27.40
N ASP D 101 21.06 -10.61 28.32
CA ASP D 101 19.62 -10.39 28.22
C ASP D 101 19.28 -8.92 28.39
N ALA D 102 19.94 -8.24 29.32
CA ALA D 102 19.70 -6.81 29.52
C ALA D 102 20.11 -6.02 28.29
N GLU D 103 21.26 -6.37 27.68
CA GLU D 103 21.69 -5.70 26.47
C GLU D 103 20.69 -5.92 25.34
N GLY D 104 20.18 -7.15 25.21
CA GLY D 104 19.17 -7.41 24.19
C GLY D 104 17.89 -6.62 24.44
N ASP D 105 17.50 -6.48 25.70
CA ASP D 105 16.33 -5.67 26.04
C ASP D 105 16.55 -4.21 25.65
N VAL D 106 17.75 -3.69 25.95
CA VAL D 106 18.05 -2.31 25.60
C VAL D 106 18.05 -2.13 24.09
N PHE D 107 18.56 -3.12 23.35
CA PHE D 107 18.58 -3.02 21.90
C PHE D 107 17.16 -3.07 21.33
N ARG D 108 16.29 -3.91 21.91
CA ARG D 108 14.90 -3.94 21.45
C ARG D 108 14.21 -2.62 21.74
N GLY D 109 14.48 -2.02 22.90
CA GLY D 109 13.94 -0.70 23.18
C GLY D 109 14.45 0.35 22.20
N LEU D 110 15.73 0.27 21.85
CA LEU D 110 16.28 1.19 20.86
C LEU D 110 15.60 1.02 19.51
N GLN D 111 15.34 -0.23 19.12
CA GLN D 111 14.64 -0.47 17.86
C GLN D 111 13.22 0.06 17.91
N VAL D 112 12.53 -0.08 19.05
CA VAL D 112 11.19 0.47 19.18
C VAL D 112 11.23 1.99 19.08
N VAL D 113 12.24 2.62 19.66
CA VAL D 113 12.37 4.08 19.54
C VAL D 113 12.59 4.47 18.08
N GLU D 114 13.48 3.75 17.39
CA GLU D 114 13.70 4.00 15.97
C GLU D 114 12.39 3.89 15.19
N HIS D 115 11.61 2.85 15.47
CA HIS D 115 10.32 2.69 14.81
C HIS D 115 9.42 3.88 15.09
N ALA D 116 9.35 4.30 16.36
CA ALA D 116 8.52 5.46 16.71
C ALA D 116 8.97 6.71 15.95
N CYS D 117 10.26 6.80 15.66
CA CYS D 117 10.76 7.97 14.92
C CYS D 117 10.18 8.04 13.51
N SER D 118 9.67 6.93 12.99
CA SER D 118 9.14 6.89 11.63
C SER D 118 7.73 7.46 11.51
N VAL D 119 7.29 8.28 12.46
CA VAL D 119 5.93 8.79 12.43
C VAL D 119 5.88 10.16 11.75
N THR D 120 6.96 10.53 11.06
CA THR D 120 7.12 11.87 10.51
C THR D 120 5.88 12.34 9.77
N SER D 121 5.45 11.61 8.74
CA SER D 121 4.34 12.08 7.91
C SER D 121 3.00 11.48 8.33
N LEU D 122 2.99 10.27 8.89
CA LEU D 122 1.72 9.63 9.23
C LEU D 122 0.95 10.43 10.26
N MET D 123 1.66 11.20 11.10
CA MET D 123 0.99 11.99 12.12
C MET D 123 0.25 13.18 11.51
N MET D 124 0.81 13.76 10.46
CA MET D 124 0.18 14.93 9.84
C MET D 124 -1.22 14.62 9.33
N GLY D 125 -1.45 13.40 8.88
CA GLY D 125 -2.75 13.01 8.37
C GLY D 125 -3.16 13.80 7.14
N ASP D 134 -17.54 22.28 -3.51
CA ASP D 134 -16.96 23.37 -2.74
C ASP D 134 -16.68 22.94 -1.30
N MET D 135 -17.10 21.72 -0.95
CA MET D 135 -16.91 21.20 0.40
C MET D 135 -15.47 20.72 0.57
N ASP D 136 -14.73 21.39 1.45
CA ASP D 136 -13.38 20.95 1.77
C ASP D 136 -13.41 19.87 2.85
N LEU D 137 -12.40 19.01 2.84
CA LEU D 137 -12.32 17.86 3.75
C LEU D 137 -10.90 17.76 4.29
N TYR D 138 -10.67 18.35 5.45
CA TYR D 138 -9.38 18.22 6.11
C TYR D 138 -9.32 16.90 6.89
N SER D 139 -8.09 16.48 7.20
CA SER D 139 -7.85 15.23 7.92
C SER D 139 -6.83 15.46 9.02
N TYR D 140 -7.00 16.54 9.78
CA TYR D 140 -6.08 16.85 10.85
C TYR D 140 -6.13 15.78 11.94
N ARG D 141 -4.97 15.43 12.47
CA ARG D 141 -4.85 14.55 13.62
C ARG D 141 -4.14 15.29 14.74
N LEU D 142 -4.80 15.34 15.91
CA LEU D 142 -4.29 16.10 17.05
C LEU D 142 -4.06 15.17 18.23
N PRO D 143 -3.18 15.55 19.14
CA PRO D 143 -2.92 14.70 20.32
C PRO D 143 -4.13 14.67 21.25
N LEU D 144 -4.09 13.70 22.17
CA LEU D 144 -5.19 13.55 23.12
C LEU D 144 -5.01 14.42 24.35
N GLY D 145 -3.80 14.46 24.91
CA GLY D 145 -3.54 15.21 26.12
C GLY D 145 -2.51 14.54 27.01
N VAL D 146 -2.87 14.29 28.26
CA VAL D 146 -1.99 13.64 29.22
C VAL D 146 -2.24 12.14 29.16
N CYS D 147 -1.22 11.38 28.80
CA CYS D 147 -1.31 9.92 28.73
C CYS D 147 -0.67 9.30 29.96
N ALA D 148 -0.96 8.02 30.18
CA ALA D 148 -0.46 7.28 31.33
C ALA D 148 -0.10 5.87 30.92
N GLY D 149 0.79 5.25 31.67
CA GLY D 149 1.17 3.89 31.37
C GLY D 149 1.52 3.12 32.59
N ILE D 150 0.70 2.14 32.92
CA ILE D 150 0.96 1.32 34.06
C ILE D 150 1.80 0.20 33.56
N ALA D 151 2.78 -0.19 34.37
CA ALA D 151 3.69 -1.26 34.02
C ALA D 151 3.22 -2.55 34.69
N PRO D 152 3.81 -3.68 34.33
CA PRO D 152 3.40 -4.98 34.87
C PRO D 152 3.16 -5.16 36.35
N PHE D 153 2.24 -6.07 36.66
CA PHE D 153 1.98 -6.39 38.04
C PHE D 153 2.51 -7.79 38.30
N ASN D 154 3.49 -8.22 37.51
CA ASN D 154 4.13 -9.52 37.71
C ASN D 154 5.63 -9.43 37.46
N PHE D 155 6.04 -9.32 36.21
CA PHE D 155 7.45 -9.23 35.86
C PHE D 155 7.64 -8.20 34.76
N PRO D 156 8.58 -7.28 34.92
CA PRO D 156 8.71 -6.34 33.81
C PRO D 156 9.63 -6.81 32.69
N ALA D 157 9.84 -6.00 31.64
CA ALA D 157 10.70 -6.35 30.51
C ALA D 157 10.58 -5.23 29.52
N MET D 158 11.48 -4.24 29.52
CA MET D 158 11.38 -3.05 28.66
C MET D 158 10.04 -2.50 29.01
N ILE D 159 9.26 -1.87 28.08
CA ILE D 159 7.88 -1.40 28.21
C ILE D 159 7.81 0.12 28.34
N PRO D 160 8.63 0.78 29.17
CA PRO D 160 8.67 2.25 29.09
C PRO D 160 8.97 2.75 27.70
N LEU D 161 10.04 2.25 27.07
CA LEU D 161 10.35 2.62 25.69
C LEU D 161 9.25 2.20 24.73
N TRP D 162 8.35 1.32 25.15
CA TRP D 162 7.18 0.99 24.33
C TRP D 162 6.12 2.08 24.44
N MET D 163 6.00 2.70 25.61
CA MET D 163 4.85 3.56 25.90
C MET D 163 5.17 5.04 25.72
N PHE D 164 6.19 5.55 26.42
CA PHE D 164 6.34 7.00 26.48
C PHE D 164 6.96 7.59 25.22
N PRO D 165 7.87 6.90 24.52
CA PRO D 165 8.43 7.51 23.30
C PRO D 165 7.37 7.78 22.24
N MET D 166 6.47 6.82 22.01
CA MET D 166 5.41 7.00 21.03
C MET D 166 4.45 8.10 21.47
N ALA D 167 4.04 8.08 22.74
CA ALA D 167 3.12 9.09 23.24
C ALA D 167 3.71 10.49 23.13
N MET D 168 5.04 10.60 23.27
CA MET D 168 5.68 11.90 23.16
C MET D 168 5.81 12.34 21.71
N VAL D 169 6.32 11.47 20.84
CA VAL D 169 6.48 11.85 19.44
C VAL D 169 5.13 12.15 18.81
N CYS D 170 4.06 11.55 19.32
CA CYS D 170 2.72 11.88 18.85
C CYS D 170 2.23 13.23 19.36
N GLY D 171 2.98 13.88 20.25
CA GLY D 171 2.61 15.17 20.77
C GLY D 171 1.97 15.17 22.14
N ASN D 172 1.79 14.00 22.75
CA ASN D 172 1.12 13.92 24.05
C ASN D 172 2.15 13.92 25.18
N THR D 173 1.70 14.36 26.35
CA THR D 173 2.48 14.25 27.58
C THR D 173 2.13 12.96 28.31
N PHE D 174 3.13 12.37 28.96
CA PHE D 174 3.01 11.04 29.53
C PHE D 174 3.24 11.08 31.03
N LEU D 175 2.42 10.33 31.76
CA LEU D 175 2.58 10.12 33.19
C LEU D 175 2.88 8.64 33.40
N MET D 176 4.17 8.33 33.58
CA MET D 176 4.63 6.95 33.60
C MET D 176 4.54 6.37 35.00
N LYS D 177 3.96 5.18 35.11
CA LYS D 177 3.89 4.42 36.35
C LYS D 177 4.82 3.22 36.22
N PRO D 178 6.11 3.37 36.52
CA PRO D 178 7.05 2.26 36.32
C PRO D 178 6.82 1.13 37.32
N SER D 179 7.52 0.03 37.08
CA SER D 179 7.42 -1.12 37.96
C SER D 179 7.99 -0.79 39.34
N GLU D 180 7.17 -0.93 40.37
CA GLU D 180 7.63 -0.68 41.73
C GLU D 180 8.76 -1.61 42.14
N ARG D 181 9.01 -2.68 41.38
CA ARG D 181 10.03 -3.65 41.72
C ARG D 181 11.33 -3.45 40.95
N VAL D 182 11.32 -2.67 39.88
CA VAL D 182 12.54 -2.40 39.10
C VAL D 182 12.50 -0.95 38.63
N PRO D 183 12.57 0.04 39.53
CA PRO D 183 12.46 1.44 39.10
C PRO D 183 13.72 2.00 38.46
N GLY D 184 14.88 1.59 38.96
CA GLY D 184 16.12 2.27 38.60
C GLY D 184 16.31 2.46 37.10
N ALA D 185 15.98 1.44 36.31
CA ALA D 185 16.11 1.58 34.86
C ALA D 185 15.27 2.73 34.34
N THR D 186 14.05 2.89 34.87
CA THR D 186 13.20 4.00 34.44
C THR D 186 13.79 5.34 34.84
N MET D 187 14.40 5.43 36.03
CA MET D 187 15.01 6.69 36.43
C MET D 187 16.19 7.04 35.53
N LEU D 188 17.02 6.05 35.19
CA LEU D 188 18.14 6.33 34.29
C LEU D 188 17.64 6.73 32.91
N LEU D 189 16.61 6.06 32.41
CA LEU D 189 16.04 6.43 31.11
C LEU D 189 15.47 7.84 31.14
N ALA D 190 14.82 8.21 32.24
CA ALA D 190 14.27 9.57 32.35
C ALA D 190 15.38 10.61 32.43
N LYS D 191 16.46 10.29 33.14
CA LYS D 191 17.60 11.21 33.17
C LYS D 191 18.19 11.40 31.79
N LEU D 192 18.35 10.31 31.04
CA LEU D 192 18.86 10.42 29.67
C LEU D 192 17.92 11.23 28.79
N LEU D 193 16.61 11.03 28.97
CA LEU D 193 15.64 11.78 28.16
C LEU D 193 15.71 13.27 28.48
N GLN D 194 15.80 13.62 29.77
CA GLN D 194 15.92 15.02 30.14
C GLN D 194 17.21 15.62 29.59
N ASP D 195 18.29 14.84 29.60
CA ASP D 195 19.53 15.31 29.00
C ASP D 195 19.42 15.42 27.48
N SER D 196 18.48 14.70 26.87
CA SER D 196 18.26 14.76 25.43
C SER D 196 17.60 16.05 24.98
N GLY D 197 17.35 16.99 25.89
CA GLY D 197 16.72 18.25 25.52
C GLY D 197 15.21 18.24 25.60
N ALA D 198 14.61 17.23 26.22
CA ALA D 198 13.16 17.19 26.35
C ALA D 198 12.69 18.32 27.25
N PRO D 199 11.65 19.06 26.87
CA PRO D 199 11.16 20.13 27.76
C PRO D 199 10.72 19.58 29.10
N ASP D 200 10.98 20.36 30.16
CA ASP D 200 10.59 19.94 31.50
C ASP D 200 9.08 19.78 31.58
N GLY D 201 8.65 18.75 32.32
CA GLY D 201 7.24 18.46 32.48
C GLY D 201 6.64 17.60 31.40
N THR D 202 7.36 17.35 30.30
CA THR D 202 6.83 16.49 29.24
C THR D 202 6.61 15.08 29.74
N LEU D 203 7.54 14.56 30.55
CA LEU D 203 7.45 13.23 31.12
C LEU D 203 7.48 13.32 32.64
N ASN D 204 6.56 12.62 33.29
CA ASN D 204 6.48 12.57 34.74
C ASN D 204 6.40 11.13 35.19
N ILE D 205 7.08 10.82 36.30
CA ILE D 205 7.17 9.47 36.83
C ILE D 205 6.74 9.51 38.29
N ILE D 206 5.82 8.63 38.66
CA ILE D 206 5.37 8.46 40.04
C ILE D 206 5.29 6.98 40.34
N HIS D 207 5.62 6.63 41.58
CA HIS D 207 5.63 5.24 42.03
C HIS D 207 4.52 5.02 43.07
N GLY D 208 3.98 3.82 43.07
CA GLY D 208 2.94 3.49 44.02
C GLY D 208 2.30 2.15 43.70
N GLN D 209 1.55 1.66 44.68
CA GLN D 209 0.85 0.39 44.56
C GLN D 209 -0.51 0.62 43.87
N HIS D 210 -1.40 -0.37 43.97
CA HIS D 210 -2.71 -0.34 43.34
C HIS D 210 -3.38 1.03 43.47
N GLU D 211 -3.13 1.73 44.57
CA GLU D 211 -3.68 3.08 44.73
C GLU D 211 -3.31 3.97 43.55
N ALA D 212 -2.07 3.87 43.07
CA ALA D 212 -1.65 4.69 41.94
C ALA D 212 -2.44 4.35 40.68
N VAL D 213 -2.66 3.05 40.44
CA VAL D 213 -3.44 2.64 39.28
C VAL D 213 -4.87 3.17 39.39
N ASN D 214 -5.46 3.08 40.58
CA ASN D 214 -6.80 3.60 40.80
C ASN D 214 -6.86 5.08 40.52
N PHE D 215 -5.88 5.84 41.00
CA PHE D 215 -5.85 7.28 40.74
C PHE D 215 -5.75 7.55 39.24
N ILE D 216 -4.82 6.86 38.56
CA ILE D 216 -4.62 7.10 37.13
C ILE D 216 -5.89 6.80 36.35
N CYS D 217 -6.61 5.74 36.75
CA CYS D 217 -7.80 5.35 36.00
C CYS D 217 -8.97 6.29 36.32
N ASP D 218 -9.05 6.79 37.56
CA ASP D 218 -10.19 7.59 37.96
C ASP D 218 -10.00 9.08 37.67
N HIS D 219 -8.75 9.55 37.64
CA HIS D 219 -8.49 10.97 37.44
C HIS D 219 -9.06 11.41 36.09
N PRO D 220 -9.72 12.57 36.02
CA PRO D 220 -10.34 12.96 34.73
C PRO D 220 -9.33 13.44 33.69
N ASP D 221 -8.24 14.08 34.13
CA ASP D 221 -7.30 14.64 33.17
C ASP D 221 -6.69 13.59 32.26
N ILE D 222 -6.54 12.35 32.75
CA ILE D 222 -5.96 11.29 31.94
C ILE D 222 -6.87 11.00 30.75
N LYS D 223 -6.29 10.96 29.56
CA LYS D 223 -7.05 10.70 28.35
C LYS D 223 -6.91 9.26 27.87
N ALA D 224 -5.73 8.67 28.01
CA ALA D 224 -5.49 7.31 27.56
C ALA D 224 -4.57 6.61 28.54
N ILE D 225 -4.66 5.28 28.58
CA ILE D 225 -3.85 4.45 29.47
C ILE D 225 -3.37 3.24 28.69
N SER D 226 -2.16 2.77 29.01
CA SER D 226 -1.58 1.58 28.40
C SER D 226 -1.01 0.69 29.51
N PHE D 227 -1.30 -0.60 29.42
CA PHE D 227 -0.87 -1.57 30.42
C PHE D 227 -0.40 -2.85 29.76
N VAL D 228 0.60 -3.47 30.38
CA VAL D 228 1.10 -4.78 29.99
C VAL D 228 1.21 -5.65 31.24
N GLY D 229 0.97 -6.94 31.09
CA GLY D 229 1.11 -7.86 32.19
C GLY D 229 0.02 -8.91 32.16
N SER D 230 -0.29 -9.43 33.35
CA SER D 230 -1.26 -10.50 33.48
C SER D 230 -2.62 -10.08 32.94
N ASN D 231 -3.48 -11.07 32.71
CA ASN D 231 -4.81 -10.79 32.17
C ASN D 231 -5.74 -10.22 33.22
N LYS D 232 -5.56 -10.59 34.49
CA LYS D 232 -6.44 -10.10 35.55
C LYS D 232 -6.30 -8.59 35.71
N ALA D 233 -5.07 -8.12 35.95
CA ALA D 233 -4.84 -6.69 36.09
C ALA D 233 -5.21 -5.94 34.82
N GLY D 234 -4.98 -6.57 33.66
CA GLY D 234 -5.34 -5.95 32.40
C GLY D 234 -6.84 -5.71 32.30
N GLU D 235 -7.63 -6.75 32.59
CA GLU D 235 -9.08 -6.59 32.58
C GLU D 235 -9.53 -5.54 33.59
N TYR D 236 -8.95 -5.57 34.80
CA TYR D 236 -9.33 -4.60 35.81
C TYR D 236 -9.08 -3.18 35.34
N ILE D 237 -7.89 -2.92 34.80
CA ILE D 237 -7.55 -1.58 34.34
C ILE D 237 -8.43 -1.16 33.17
N PHE D 238 -8.67 -2.09 32.23
CA PHE D 238 -9.53 -1.78 31.10
C PHE D 238 -10.92 -1.38 31.56
N GLU D 239 -11.50 -2.14 32.48
CA GLU D 239 -12.84 -1.83 32.99
C GLU D 239 -12.84 -0.49 33.71
N ARG D 240 -11.87 -0.27 34.61
CA ARG D 240 -11.84 0.96 35.38
C ARG D 240 -11.62 2.17 34.49
N GLY D 241 -10.93 1.99 33.36
CA GLY D 241 -10.75 3.11 32.45
C GLY D 241 -11.99 3.38 31.61
N SER D 242 -12.54 2.33 31.00
CA SER D 242 -13.77 2.49 30.22
C SER D 242 -14.90 3.04 31.08
N ARG D 243 -14.87 2.79 32.39
CA ARG D 243 -15.91 3.31 33.26
C ARG D 243 -15.87 4.83 33.31
N HIS D 244 -14.67 5.41 33.33
CA HIS D 244 -14.49 6.86 33.38
C HIS D 244 -14.29 7.47 32.00
N GLY D 245 -14.65 6.74 30.93
CA GLY D 245 -14.50 7.26 29.58
C GLY D 245 -13.10 7.21 29.02
N LYS D 246 -12.20 6.46 29.66
CA LYS D 246 -10.82 6.38 29.19
C LYS D 246 -10.70 5.36 28.06
N ARG D 247 -9.96 5.73 27.02
CA ARG D 247 -9.61 4.81 25.95
C ARG D 247 -8.34 4.08 26.32
N VAL D 248 -8.43 2.77 26.53
CA VAL D 248 -7.34 1.97 27.04
C VAL D 248 -7.13 0.76 26.14
N GLN D 249 -5.87 0.38 25.95
CA GLN D 249 -5.50 -0.83 25.22
C GLN D 249 -4.80 -1.75 26.21
N ALA D 250 -5.38 -2.94 26.41
CA ALA D 250 -4.87 -3.90 27.38
C ALA D 250 -3.98 -4.90 26.65
N ASN D 251 -2.69 -4.61 26.62
CA ASN D 251 -1.71 -5.51 26.02
C ASN D 251 -1.42 -6.67 26.97
N MET D 252 -2.41 -7.52 27.19
CA MET D 252 -2.27 -8.60 28.16
C MET D 252 -1.40 -9.72 27.60
N GLY D 253 -0.62 -10.34 28.48
CA GLY D 253 0.11 -11.52 28.11
C GLY D 253 -0.79 -12.74 27.98
N ALA D 254 -0.25 -13.78 27.37
CA ALA D 254 -1.02 -15.00 27.15
C ALA D 254 -0.07 -16.17 26.99
N LYS D 255 -0.60 -17.36 27.24
CA LYS D 255 0.19 -18.58 27.10
C LYS D 255 0.44 -18.89 25.63
N ASN D 256 1.64 -19.37 25.32
CA ASN D 256 2.05 -19.66 23.96
C ASN D 256 2.20 -21.17 23.79
N HIS D 257 1.95 -21.63 22.57
CA HIS D 257 2.00 -23.06 22.24
C HIS D 257 2.89 -23.25 21.02
N GLY D 258 3.90 -24.10 21.15
CA GLY D 258 4.78 -24.44 20.05
C GLY D 258 4.62 -25.91 19.67
N VAL D 259 4.33 -26.14 18.39
CA VAL D 259 4.10 -27.47 17.86
C VAL D 259 5.35 -27.93 17.16
N VAL D 260 5.76 -29.18 17.41
CA VAL D 260 6.97 -29.76 16.84
C VAL D 260 6.56 -30.99 16.02
N MET D 261 7.02 -31.04 14.76
CA MET D 261 6.73 -32.18 13.90
C MET D 261 7.93 -33.11 13.84
N PRO D 262 7.71 -34.39 13.52
CA PRO D 262 8.85 -35.34 13.47
C PRO D 262 9.91 -34.97 12.44
N ASP D 263 9.57 -34.18 11.43
CA ASP D 263 10.50 -33.83 10.37
C ASP D 263 11.22 -32.50 10.62
N ALA D 264 10.98 -31.85 11.76
CA ALA D 264 11.65 -30.61 12.07
C ALA D 264 13.13 -30.86 12.38
N ASN D 265 13.93 -29.80 12.27
CA ASN D 265 15.35 -29.89 12.61
C ASN D 265 15.49 -30.23 14.08
N LYS D 266 15.99 -31.43 14.37
CA LYS D 266 16.02 -31.92 15.74
C LYS D 266 16.85 -31.03 16.63
N GLU D 267 18.13 -30.87 16.31
CA GLU D 267 19.04 -30.09 17.16
C GLU D 267 18.58 -28.63 17.25
N ASN D 268 18.30 -28.01 16.11
CA ASN D 268 17.90 -26.61 16.11
C ASN D 268 16.57 -26.41 16.84
N THR D 269 15.62 -27.31 16.62
CA THR D 269 14.32 -27.19 17.30
C THR D 269 14.50 -27.30 18.81
N LEU D 270 15.26 -28.30 19.26
CA LEU D 270 15.49 -28.46 20.69
C LEU D 270 16.18 -27.23 21.28
N ASN D 271 17.19 -26.71 20.58
CA ASN D 271 17.91 -25.54 21.08
C ASN D 271 16.98 -24.34 21.19
N GLN D 272 16.16 -24.10 20.16
CA GLN D 272 15.25 -22.96 20.19
C GLN D 272 14.21 -23.12 21.28
N LEU D 273 13.71 -24.34 21.49
CA LEU D 273 12.75 -24.57 22.56
C LEU D 273 13.37 -24.30 23.92
N VAL D 274 14.58 -24.82 24.16
CA VAL D 274 15.25 -24.61 25.43
C VAL D 274 15.54 -23.13 25.65
N GLY D 275 15.84 -22.41 24.57
CA GLY D 275 16.13 -20.99 24.71
C GLY D 275 14.91 -20.13 24.94
N ALA D 276 13.77 -20.49 24.33
CA ALA D 276 12.57 -19.69 24.48
C ALA D 276 11.78 -20.03 25.73
N ALA D 277 11.86 -21.27 26.21
CA ALA D 277 11.13 -21.68 27.39
C ALA D 277 11.83 -21.25 28.68
N PHE D 278 13.11 -21.60 28.81
CA PHE D 278 13.88 -21.28 30.01
C PHE D 278 14.66 -19.98 29.88
N GLY D 279 14.51 -19.26 28.76
CA GLY D 279 15.23 -18.00 28.59
C GLY D 279 14.66 -16.93 29.50
N ALA D 280 15.57 -16.17 30.12
CA ALA D 280 15.20 -15.11 31.05
C ALA D 280 14.32 -15.66 32.18
N ALA D 281 14.61 -16.90 32.59
CA ALA D 281 13.88 -17.57 33.65
C ALA D 281 12.39 -17.70 33.32
N GLY D 282 12.04 -17.63 32.05
CA GLY D 282 10.65 -17.75 31.64
C GLY D 282 9.74 -16.66 32.13
N GLN D 283 10.29 -15.58 32.69
CA GLN D 283 9.49 -14.48 33.23
C GLN D 283 9.16 -13.45 32.15
N ARG D 284 8.56 -13.92 31.06
CA ARG D 284 8.17 -13.08 29.93
C ARG D 284 6.85 -13.56 29.37
N CYS D 285 6.01 -12.60 28.95
CA CYS D 285 4.74 -12.95 28.30
C CYS D 285 4.96 -13.58 26.94
N MET D 286 6.16 -13.45 26.37
CA MET D 286 6.47 -14.03 25.07
C MET D 286 7.07 -15.42 25.17
N ALA D 287 7.36 -15.90 26.39
CA ALA D 287 8.00 -17.18 26.56
C ALA D 287 7.14 -18.31 26.01
N LEU D 288 7.78 -19.27 25.35
CA LEU D 288 7.10 -20.45 24.82
C LEU D 288 7.04 -21.52 25.91
N SER D 289 6.12 -21.31 26.85
CA SER D 289 6.05 -22.13 28.05
C SER D 289 5.50 -23.53 27.80
N THR D 290 4.95 -23.80 26.62
CA THR D 290 4.36 -25.10 26.33
C THR D 290 4.85 -25.59 24.96
N ALA D 291 5.01 -26.90 24.84
CA ALA D 291 5.45 -27.55 23.62
C ALA D 291 4.59 -28.78 23.36
N VAL D 292 4.22 -28.97 22.09
CA VAL D 292 3.38 -30.10 21.67
C VAL D 292 4.21 -30.95 20.71
N LEU D 293 4.51 -32.18 21.11
CA LEU D 293 5.29 -33.10 20.29
C LEU D 293 4.31 -33.96 19.50
N VAL D 294 4.22 -33.70 18.20
CA VAL D 294 3.29 -34.42 17.33
C VAL D 294 3.98 -35.65 16.76
N GLY D 295 3.23 -36.73 16.62
CA GLY D 295 3.79 -37.93 16.02
C GLY D 295 4.93 -38.49 16.83
N GLU D 296 5.99 -38.90 16.12
CA GLU D 296 7.16 -39.50 16.75
C GLU D 296 8.03 -38.49 17.48
N ALA D 297 7.64 -37.21 17.51
CA ALA D 297 8.45 -36.21 18.21
C ALA D 297 8.60 -36.54 19.69
N LYS D 298 7.72 -37.37 20.24
CA LYS D 298 7.79 -37.77 21.64
C LYS D 298 9.16 -38.32 21.97
N LYS D 299 9.78 -39.02 21.01
CA LYS D 299 11.09 -39.64 21.24
C LYS D 299 12.20 -38.62 21.49
N TRP D 300 11.94 -37.32 21.30
CA TRP D 300 12.95 -36.30 21.51
C TRP D 300 13.04 -35.84 22.96
N LEU D 301 12.22 -36.37 23.85
CA LEU D 301 12.25 -35.95 25.26
C LEU D 301 13.61 -36.13 25.90
N PRO D 302 14.34 -37.24 25.71
CA PRO D 302 15.65 -37.35 26.35
C PRO D 302 16.62 -36.25 25.94
N GLU D 303 16.70 -35.93 24.65
CA GLU D 303 17.60 -34.87 24.21
C GLU D 303 17.16 -33.52 24.73
N LEU D 304 15.85 -33.29 24.83
CA LEU D 304 15.35 -32.04 25.40
C LEU D 304 15.77 -31.91 26.86
N VAL D 305 15.62 -33.00 27.63
CA VAL D 305 16.03 -32.98 29.03
C VAL D 305 17.53 -32.75 29.15
N GLU D 306 18.31 -33.37 28.26
CA GLU D 306 19.76 -33.17 28.29
C GLU D 306 20.12 -31.72 27.99
N HIS D 307 19.48 -31.13 26.98
CA HIS D 307 19.76 -29.73 26.65
C HIS D 307 19.36 -28.81 27.80
N ALA D 308 18.24 -29.11 28.47
CA ALA D 308 17.85 -28.32 29.63
C ALA D 308 18.87 -28.44 30.74
N LYS D 309 19.36 -29.66 31.00
CA LYS D 309 20.41 -29.84 31.98
C LYS D 309 21.67 -29.06 31.61
N ASN D 310 21.95 -28.94 30.31
CA ASN D 310 23.14 -28.20 29.88
C ASN D 310 23.07 -26.72 30.25
N LEU D 311 21.88 -26.18 30.48
CA LEU D 311 21.77 -24.79 30.89
C LEU D 311 22.42 -24.59 32.26
N ARG D 312 23.18 -23.50 32.39
CA ARG D 312 23.88 -23.20 33.62
C ARG D 312 23.17 -22.07 34.35
N VAL D 313 22.83 -22.29 35.61
CA VAL D 313 22.11 -21.32 36.43
C VAL D 313 23.12 -20.56 37.28
N ASN D 314 23.09 -19.24 37.20
CA ASN D 314 24.01 -18.39 37.96
C ASN D 314 23.49 -16.96 37.92
N ALA D 315 24.02 -16.15 38.82
CA ALA D 315 23.63 -14.75 38.89
C ALA D 315 23.82 -14.08 37.53
N GLY D 316 22.97 -13.08 37.26
CA GLY D 316 23.04 -12.39 35.98
C GLY D 316 24.35 -11.70 35.71
N ASP D 317 25.11 -11.37 36.76
CA ASP D 317 26.39 -10.69 36.59
C ASP D 317 27.56 -11.64 36.45
N GLN D 318 27.44 -12.87 36.94
CA GLN D 318 28.54 -13.82 36.83
C GLN D 318 28.66 -14.29 35.39
N PRO D 319 29.87 -14.35 34.82
CA PRO D 319 30.01 -14.83 33.45
C PRO D 319 29.51 -16.26 33.29
N GLY D 320 28.98 -16.55 32.11
CA GLY D 320 28.50 -17.89 31.80
C GLY D 320 27.19 -18.21 32.47
N ALA D 321 26.23 -17.30 32.38
CA ALA D 321 24.90 -17.48 32.97
C ALA D 321 23.86 -17.53 31.86
N ASP D 322 23.02 -18.57 31.87
CA ASP D 322 21.98 -18.73 30.87
C ASP D 322 20.64 -18.17 31.33
N LEU D 323 20.32 -18.29 32.61
CA LEU D 323 19.08 -17.76 33.15
C LEU D 323 19.33 -17.27 34.57
N GLY D 324 18.64 -16.18 34.93
CA GLY D 324 18.82 -15.57 36.23
C GLY D 324 17.74 -16.00 37.20
N PRO D 325 17.79 -15.45 38.42
CA PRO D 325 16.79 -15.79 39.43
C PRO D 325 15.49 -15.02 39.24
N LEU D 326 14.49 -15.41 40.01
CA LEU D 326 13.19 -14.76 39.95
C LEU D 326 13.24 -13.43 40.70
N ILE D 327 12.28 -12.55 40.38
CA ILE D 327 12.30 -11.20 40.92
C ILE D 327 12.06 -11.20 42.42
N THR D 328 11.13 -12.01 42.90
CA THR D 328 10.77 -12.06 44.31
C THR D 328 10.66 -13.51 44.75
N PRO D 329 10.85 -13.78 46.05
CA PRO D 329 10.66 -15.16 46.52
C PRO D 329 9.24 -15.66 46.36
N GLN D 330 8.26 -14.75 46.38
CA GLN D 330 6.87 -15.17 46.18
C GLN D 330 6.70 -15.83 44.83
N ALA D 331 7.43 -15.36 43.81
CA ALA D 331 7.37 -15.99 42.51
C ALA D 331 7.88 -17.42 42.57
N LYS D 332 8.98 -17.65 43.30
CA LYS D 332 9.50 -19.01 43.45
C LYS D 332 8.49 -19.89 44.18
N GLU D 333 7.86 -19.36 45.23
CA GLU D 333 6.87 -20.13 45.96
C GLU D 333 5.69 -20.50 45.06
N ARG D 334 5.23 -19.54 44.25
CA ARG D 334 4.12 -19.81 43.34
C ARG D 334 4.50 -20.86 42.31
N VAL D 335 5.72 -20.77 41.77
CA VAL D 335 6.15 -21.75 40.78
C VAL D 335 6.23 -23.14 41.40
N CYS D 336 6.77 -23.21 42.62
CA CYS D 336 6.85 -24.50 43.30
C CYS D 336 5.47 -25.08 43.56
N ASN D 337 4.52 -24.24 43.99
CA ASN D 337 3.16 -24.70 44.24
C ASN D 337 2.52 -25.20 42.95
N LEU D 338 2.71 -24.47 41.85
CA LEU D 338 2.12 -24.88 40.58
C LEU D 338 2.74 -26.16 40.03
N ILE D 339 4.03 -26.39 40.30
CA ILE D 339 4.65 -27.62 39.84
C ILE D 339 4.20 -28.80 40.71
N ASP D 340 4.07 -28.56 42.01
CA ASP D 340 3.56 -29.61 42.90
C ASP D 340 2.12 -29.97 42.56
N SER D 341 1.33 -28.99 42.15
CA SER D 341 -0.03 -29.28 41.73
C SER D 341 -0.06 -30.19 40.51
N GLY D 342 0.76 -29.89 39.50
CA GLY D 342 0.84 -30.77 38.35
C GLY D 342 1.33 -32.15 38.71
N THR D 343 2.30 -32.23 39.62
CA THR D 343 2.79 -33.53 40.07
C THR D 343 1.67 -34.33 40.72
N LYS D 344 0.90 -33.70 41.61
CA LYS D 344 -0.17 -34.40 42.29
C LYS D 344 -1.28 -34.80 41.32
N GLU D 345 -1.49 -33.99 40.27
CA GLU D 345 -2.56 -34.26 39.31
C GLU D 345 -2.23 -35.38 38.34
N GLY D 346 -1.11 -36.09 38.53
CA GLY D 346 -0.77 -37.24 37.71
C GLY D 346 0.32 -37.00 36.69
N ALA D 347 0.81 -35.78 36.54
CA ALA D 347 1.86 -35.52 35.58
C ALA D 347 3.22 -35.96 36.13
N SER D 348 4.19 -36.10 35.23
CA SER D 348 5.53 -36.51 35.58
C SER D 348 6.52 -35.41 35.24
N ILE D 349 7.53 -35.24 36.08
CA ILE D 349 8.56 -34.24 35.92
C ILE D 349 9.82 -34.94 35.44
N LEU D 350 10.23 -34.67 34.20
CA LEU D 350 11.46 -35.26 33.67
C LEU D 350 12.70 -34.56 34.22
N LEU D 351 12.58 -33.29 34.60
CA LEU D 351 13.67 -32.53 35.18
C LEU D 351 13.13 -31.65 36.29
N ASP D 352 13.70 -31.79 37.49
CA ASP D 352 13.25 -31.07 38.67
C ASP D 352 14.25 -29.96 38.98
N GLY D 353 13.77 -28.73 39.04
CA GLY D 353 14.60 -27.57 39.32
C GLY D 353 14.39 -26.93 40.67
N ARG D 354 13.47 -27.45 41.49
CA ARG D 354 13.21 -26.83 42.79
C ARG D 354 14.46 -26.81 43.66
N LYS D 355 15.22 -27.91 43.67
CA LYS D 355 16.35 -28.07 44.55
C LYS D 355 17.63 -27.43 44.01
N ILE D 356 17.52 -26.51 43.05
CA ILE D 356 18.71 -25.84 42.54
C ILE D 356 19.35 -25.03 43.65
N LYS D 357 20.69 -25.11 43.72
CA LYS D 357 21.46 -24.39 44.74
C LYS D 357 22.70 -23.80 44.05
N VAL D 358 22.60 -22.53 43.67
CA VAL D 358 23.71 -21.86 42.99
C VAL D 358 24.85 -21.67 43.97
N LYS D 359 26.06 -22.03 43.55
CA LYS D 359 27.23 -21.87 44.40
C LYS D 359 27.49 -20.38 44.64
N GLY D 360 27.49 -19.98 45.90
CA GLY D 360 27.69 -18.59 46.27
C GLY D 360 26.43 -17.76 46.34
N TYR D 361 25.29 -18.29 45.87
CA TYR D 361 24.03 -17.56 45.91
C TYR D 361 22.89 -18.47 46.40
N GLU D 362 23.14 -19.24 47.47
CA GLU D 362 22.15 -20.18 47.96
C GLU D 362 20.91 -19.48 48.49
N ASN D 363 20.98 -18.20 48.82
CA ASN D 363 19.84 -17.46 49.36
C ASN D 363 19.07 -16.70 48.28
N GLY D 364 19.45 -16.85 47.01
CA GLY D 364 18.77 -16.15 45.95
C GLY D 364 17.52 -16.90 45.49
N ASN D 365 16.70 -16.19 44.72
CA ASN D 365 15.46 -16.75 44.17
C ASN D 365 15.70 -17.53 42.89
N PHE D 366 16.58 -18.53 42.93
CA PHE D 366 16.91 -19.29 41.74
C PHE D 366 16.00 -20.51 41.60
N VAL D 367 15.60 -20.80 40.36
CA VAL D 367 14.81 -21.97 40.03
C VAL D 367 15.35 -22.56 38.73
N GLY D 368 15.77 -23.82 38.78
CA GLY D 368 16.38 -24.44 37.63
C GLY D 368 15.35 -24.86 36.60
N PRO D 369 15.85 -25.21 35.41
CA PRO D 369 14.95 -25.67 34.35
C PRO D 369 14.08 -26.83 34.80
N THR D 370 12.78 -26.73 34.51
CA THR D 370 11.83 -27.77 34.87
C THR D 370 11.06 -28.18 33.62
N ILE D 371 10.95 -29.49 33.42
CA ILE D 371 10.23 -30.06 32.27
C ILE D 371 9.15 -30.99 32.81
N ILE D 372 7.90 -30.72 32.44
CA ILE D 372 6.76 -31.53 32.85
C ILE D 372 6.17 -32.17 31.61
N SER D 373 5.89 -33.48 31.69
CA SER D 373 5.35 -34.24 30.58
C SER D 373 4.04 -34.90 31.01
N ASN D 374 3.34 -35.48 30.04
CA ASN D 374 2.06 -36.15 30.24
C ASN D 374 0.97 -35.20 30.73
N VAL D 375 1.13 -33.89 30.47
CA VAL D 375 0.15 -32.91 30.93
C VAL D 375 -1.04 -32.90 29.98
N LYS D 376 -2.24 -32.78 30.56
CA LYS D 376 -3.46 -32.68 29.79
C LYS D 376 -4.02 -31.26 29.86
N PRO D 377 -4.89 -30.87 28.93
CA PRO D 377 -5.43 -29.50 28.94
C PRO D 377 -6.19 -29.16 30.21
N ASN D 378 -6.66 -30.15 30.97
CA ASN D 378 -7.45 -29.90 32.16
C ASN D 378 -6.61 -29.62 33.40
N MET D 379 -5.29 -29.82 33.32
CA MET D 379 -4.44 -29.60 34.49
C MET D 379 -4.19 -28.12 34.71
N THR D 380 -3.94 -27.75 35.97
CA THR D 380 -3.71 -26.36 36.31
C THR D 380 -2.49 -25.79 35.57
N CYS D 381 -1.46 -26.61 35.37
CA CYS D 381 -0.27 -26.16 34.67
C CYS D 381 -0.63 -25.61 33.30
N TYR D 382 -1.62 -26.21 32.64
CA TYR D 382 -2.04 -25.74 31.33
C TYR D 382 -2.92 -24.49 31.42
N LYS D 383 -3.72 -24.37 32.47
CA LYS D 383 -4.61 -23.23 32.60
C LYS D 383 -3.90 -22.02 33.18
N GLU D 384 -3.06 -22.22 34.19
CA GLU D 384 -2.41 -21.11 34.86
C GLU D 384 -1.12 -20.73 34.14
N GLU D 385 -0.79 -19.45 34.19
CA GLU D 385 0.45 -18.94 33.61
C GLU D 385 1.57 -19.04 34.65
N ILE D 386 2.62 -19.79 34.32
CA ILE D 386 3.67 -20.07 35.29
C ILE D 386 4.56 -18.85 35.49
N PHE D 387 4.94 -18.19 34.40
CA PHE D 387 5.90 -17.08 34.46
C PHE D 387 7.20 -17.53 35.13
N GLY D 388 7.69 -18.69 34.72
CA GLY D 388 8.90 -19.24 35.28
C GLY D 388 9.57 -20.22 34.34
N PRO D 389 10.72 -20.77 34.75
CA PRO D 389 11.45 -21.75 33.93
C PRO D 389 10.83 -23.14 33.96
N VAL D 390 9.56 -23.23 33.58
CA VAL D 390 8.82 -24.49 33.54
C VAL D 390 8.29 -24.68 32.14
N LEU D 391 8.57 -25.85 31.55
CA LEU D 391 8.13 -26.20 30.21
C LEU D 391 7.27 -27.45 30.29
N VAL D 392 5.98 -27.30 30.02
CA VAL D 392 5.05 -28.43 29.97
C VAL D 392 5.03 -28.97 28.56
N VAL D 393 5.21 -30.28 28.42
CA VAL D 393 5.32 -30.93 27.12
C VAL D 393 4.10 -31.83 26.94
N LEU D 394 3.31 -31.53 25.90
CA LEU D 394 2.19 -32.35 25.50
C LEU D 394 2.55 -33.14 24.25
N GLU D 395 1.71 -34.13 23.94
CA GLU D 395 1.96 -34.99 22.79
C GLU D 395 0.63 -35.32 22.11
N THR D 396 0.70 -35.53 20.80
CA THR D 396 -0.46 -35.88 19.99
C THR D 396 -0.02 -36.81 18.87
N GLU D 397 -1.01 -37.36 18.17
CA GLU D 397 -0.75 -38.29 17.07
C GLU D 397 -0.96 -37.66 15.70
N THR D 398 -1.65 -36.53 15.62
CA THR D 398 -1.90 -35.86 14.35
C THR D 398 -1.87 -34.35 14.56
N LEU D 399 -1.60 -33.63 13.46
CA LEU D 399 -1.56 -32.17 13.53
C LEU D 399 -2.92 -31.59 13.91
N ASP D 400 -4.01 -32.28 13.56
CA ASP D 400 -5.34 -31.78 13.88
C ASP D 400 -5.53 -31.67 15.39
N GLU D 401 -5.06 -32.66 16.13
CA GLU D 401 -5.19 -32.62 17.59
C GLU D 401 -4.43 -31.46 18.17
N ALA D 402 -3.20 -31.22 17.70
CA ALA D 402 -2.42 -30.09 18.19
C ALA D 402 -3.11 -28.77 17.86
N ILE D 403 -3.63 -28.63 16.64
CA ILE D 403 -4.32 -27.41 16.26
C ILE D 403 -5.54 -27.19 17.15
N GLN D 404 -6.30 -28.24 17.42
CA GLN D 404 -7.48 -28.12 18.27
C GLN D 404 -7.09 -27.72 19.69
N ILE D 405 -6.01 -28.31 20.20
CA ILE D 405 -5.56 -27.96 21.54
C ILE D 405 -5.15 -26.49 21.60
N VAL D 406 -4.41 -26.03 20.58
CA VAL D 406 -3.98 -24.64 20.55
C VAL D 406 -5.20 -23.71 20.47
N ASN D 407 -6.22 -24.10 19.70
CA ASN D 407 -7.39 -23.25 19.56
C ASN D 407 -8.22 -23.22 20.84
N ASN D 408 -8.28 -24.35 21.57
CA ASN D 408 -9.08 -24.40 22.78
C ASN D 408 -8.59 -23.38 23.81
N ASN D 409 -7.30 -23.08 23.83
CA ASN D 409 -6.75 -22.14 24.78
C ASN D 409 -7.47 -20.79 24.65
N PRO D 410 -8.03 -20.24 25.73
CA PRO D 410 -8.81 -18.99 25.60
C PRO D 410 -7.97 -17.81 25.13
N TYR D 411 -6.88 -17.52 25.82
CA TYR D 411 -6.02 -16.40 25.48
C TYR D 411 -4.76 -16.88 24.78
N GLY D 412 -4.25 -16.04 23.88
CA GLY D 412 -3.06 -16.37 23.12
C GLY D 412 -2.69 -15.30 22.12
N ASN D 413 -1.39 -15.02 22.02
CA ASN D 413 -0.87 -14.02 21.09
C ASN D 413 0.21 -14.56 20.18
N ARG D 414 1.04 -15.47 20.67
CA ARG D 414 2.11 -16.07 19.89
C ARG D 414 1.90 -17.57 19.77
N THR D 415 2.34 -18.13 18.64
CA THR D 415 2.32 -19.58 18.44
C THR D 415 3.37 -19.92 17.40
N ALA D 416 3.99 -21.09 17.56
CA ALA D 416 5.09 -21.51 16.71
C ALA D 416 4.84 -22.92 16.20
N ILE D 417 5.35 -23.19 15.01
CA ILE D 417 5.28 -24.53 14.40
C ILE D 417 6.67 -24.85 13.87
N PHE D 418 7.25 -25.96 14.36
CA PHE D 418 8.56 -26.41 13.95
C PHE D 418 8.40 -27.59 13.00
N THR D 419 8.83 -27.41 11.76
CA THR D 419 8.71 -28.44 10.74
C THR D 419 9.46 -27.97 9.49
N THR D 420 9.79 -28.93 8.63
CA THR D 420 10.45 -28.65 7.37
C THR D 420 9.50 -28.71 6.17
N ASN D 421 8.38 -29.41 6.28
CA ASN D 421 7.42 -29.48 5.19
C ASN D 421 6.61 -28.20 5.13
N GLY D 422 6.64 -27.53 3.98
CA GLY D 422 5.89 -26.30 3.82
C GLY D 422 4.39 -26.50 3.89
N ALA D 423 3.91 -27.65 3.40
CA ALA D 423 2.48 -27.92 3.44
C ALA D 423 1.96 -27.97 4.87
N THR D 424 2.68 -28.66 5.75
CA THR D 424 2.27 -28.72 7.15
C THR D 424 2.28 -27.34 7.80
N ALA D 425 3.32 -26.56 7.52
CA ALA D 425 3.40 -25.21 8.09
C ALA D 425 2.24 -24.36 7.63
N ARG D 426 1.91 -24.41 6.34
CA ARG D 426 0.80 -23.62 5.83
C ARG D 426 -0.53 -24.09 6.40
N LYS D 427 -0.72 -25.40 6.51
CA LYS D 427 -1.94 -25.93 7.11
C LYS D 427 -2.09 -25.44 8.54
N TYR D 428 -1.01 -25.48 9.32
CA TYR D 428 -1.07 -25.00 10.69
C TYR D 428 -1.38 -23.51 10.74
N ALA D 429 -0.70 -22.72 9.91
CA ALA D 429 -0.91 -21.29 9.92
C ALA D 429 -2.34 -20.93 9.55
N HIS D 430 -2.95 -21.67 8.63
CA HIS D 430 -4.31 -21.35 8.20
C HIS D 430 -5.35 -21.86 9.20
N LEU D 431 -5.18 -23.07 9.71
CA LEU D 431 -6.18 -23.65 10.61
C LEU D 431 -6.08 -23.10 12.03
N VAL D 432 -4.92 -22.59 12.43
CA VAL D 432 -4.77 -22.06 13.79
C VAL D 432 -5.52 -20.75 13.91
N ASP D 433 -6.06 -20.51 15.10
CA ASP D 433 -6.87 -19.31 15.36
C ASP D 433 -6.06 -18.17 15.97
N VAL D 434 -4.74 -18.31 16.06
CA VAL D 434 -3.89 -17.28 16.64
C VAL D 434 -3.46 -16.32 15.55
N GLY D 435 -3.19 -15.08 15.93
CA GLY D 435 -2.81 -14.05 14.97
C GLY D 435 -1.40 -14.24 14.44
N GLN D 436 -0.41 -14.14 15.32
CA GLN D 436 0.99 -14.28 14.92
C GLN D 436 1.37 -15.75 14.98
N VAL D 437 1.80 -16.30 13.85
CA VAL D 437 2.20 -17.70 13.74
C VAL D 437 3.65 -17.73 13.26
N GLY D 438 4.51 -18.39 14.04
CA GLY D 438 5.91 -18.50 13.69
C GLY D 438 6.24 -19.87 13.14
N VAL D 439 7.01 -19.90 12.07
CA VAL D 439 7.47 -21.14 11.43
C VAL D 439 8.96 -21.28 11.75
N ASN D 440 9.29 -22.27 12.57
CA ASN D 440 10.68 -22.49 13.01
C ASN D 440 11.21 -21.30 13.80
N VAL D 441 10.32 -20.53 14.40
CA VAL D 441 10.68 -19.36 15.20
C VAL D 441 9.88 -19.43 16.50
N PRO D 442 10.51 -19.42 17.67
CA PRO D 442 9.72 -19.50 18.91
C PRO D 442 8.94 -18.23 19.20
N ILE D 443 9.54 -17.07 19.00
CA ILE D 443 8.92 -15.79 19.25
C ILE D 443 8.75 -15.07 17.91
N PRO D 444 7.55 -15.09 17.32
CA PRO D 444 7.38 -14.49 15.99
C PRO D 444 7.76 -13.02 15.94
N VAL D 445 7.41 -12.23 16.96
CA VAL D 445 7.66 -10.80 16.93
C VAL D 445 7.85 -10.28 18.36
N PRO D 446 9.09 -10.13 18.83
CA PRO D 446 9.30 -9.56 20.17
C PRO D 446 9.09 -8.06 20.20
N LEU D 447 7.93 -7.60 19.72
CA LEU D 447 7.61 -6.18 19.68
C LEU D 447 6.21 -5.95 20.25
N PRO D 448 5.88 -4.73 20.68
CA PRO D 448 4.56 -4.50 21.28
C PRO D 448 3.43 -4.49 20.26
N MET D 449 3.00 -5.67 19.83
CA MET D 449 1.84 -5.78 18.95
C MET D 449 0.59 -6.01 19.79
N PHE D 450 0.57 -7.13 20.52
CA PHE D 450 -0.47 -7.43 21.50
C PHE D 450 -1.84 -6.97 21.04
N SER D 451 -2.15 -7.24 19.77
CA SER D 451 -3.44 -6.85 19.20
C SER D 451 -4.50 -7.90 19.49
N TYR D 466 3.69 0.40 18.52
CA TYR D 466 2.42 -0.26 18.22
C TYR D 466 2.02 -0.01 16.77
N GLY D 467 2.86 0.72 16.03
CA GLY D 467 2.62 0.93 14.62
C GLY D 467 1.48 1.89 14.35
N LYS D 468 0.81 1.64 13.21
CA LYS D 468 -0.29 2.49 12.79
C LYS D 468 -1.42 2.46 13.81
N GLN D 469 -1.65 1.30 14.46
CA GLN D 469 -2.64 1.25 15.52
C GLN D 469 -2.24 2.15 16.68
N GLY D 470 -0.96 2.20 17.03
CA GLY D 470 -0.51 3.14 18.04
C GLY D 470 -0.70 4.58 17.63
N ILE D 471 -0.43 4.89 16.37
CA ILE D 471 -0.65 6.24 15.86
C ILE D 471 -2.12 6.62 16.01
N GLN D 472 -3.01 5.71 15.63
CA GLN D 472 -4.45 5.98 15.75
C GLN D 472 -4.87 6.09 17.21
N PHE D 473 -4.23 5.35 18.10
CA PHE D 473 -4.60 5.36 19.51
C PHE D 473 -4.17 6.66 20.19
N TYR D 474 -2.91 7.06 19.99
CA TYR D 474 -2.38 8.25 20.64
C TYR D 474 -2.78 9.54 19.94
N THR D 475 -3.66 9.48 18.94
CA THR D 475 -4.13 10.67 18.24
C THR D 475 -5.62 10.54 17.98
N GLN D 476 -6.26 11.69 17.79
CA GLN D 476 -7.69 11.76 17.49
C GLN D 476 -7.89 12.43 16.14
N LEU D 477 -8.64 11.76 15.26
CA LEU D 477 -8.88 12.26 13.92
C LEU D 477 -10.06 13.23 13.92
N LYS D 478 -9.94 14.29 13.11
CA LYS D 478 -11.00 15.27 12.94
C LYS D 478 -11.16 15.57 11.46
N THR D 479 -12.29 15.16 10.89
CA THR D 479 -12.59 15.37 9.48
C THR D 479 -13.37 16.67 9.32
N ILE D 480 -12.65 17.78 9.41
CA ILE D 480 -13.28 19.09 9.34
C ILE D 480 -13.85 19.29 7.94
N THR D 481 -15.17 19.37 7.84
CA THR D 481 -15.87 19.67 6.60
C THR D 481 -16.32 21.12 6.64
N SER D 482 -16.09 21.84 5.55
CA SER D 482 -16.36 23.28 5.53
C SER D 482 -16.90 23.70 4.18
N GLN D 483 -17.99 24.46 4.20
CA GLN D 483 -18.50 25.16 3.04
C GLN D 483 -18.13 26.65 3.08
N TRP D 484 -17.04 26.98 3.76
CA TRP D 484 -16.67 28.37 3.96
C TRP D 484 -16.24 29.01 2.64
N LYS D 485 -16.60 30.28 2.48
CA LYS D 485 -16.24 31.04 1.28
C LYS D 485 -15.91 32.47 1.69
N GLU D 486 -15.48 33.26 0.71
CA GLU D 486 -15.13 34.66 0.98
C GLU D 486 -16.32 35.48 1.46
N GLU D 487 -17.54 34.99 1.29
CA GLU D 487 -18.72 35.72 1.73
C GLU D 487 -18.67 35.99 3.23
#